data_5ZBY
# 
_entry.id   5ZBY 
# 
_audit_conform.dict_name       mmcif_pdbx.dic 
_audit_conform.dict_version    5.380 
_audit_conform.dict_location   http://mmcif.pdb.org/dictionaries/ascii/mmcif_pdbx.dic 
# 
loop_
_database_2.database_id 
_database_2.database_code 
_database_2.pdbx_database_accession 
_database_2.pdbx_DOI 
PDB   5ZBY         pdb_00005zby 10.2210/pdb5zby/pdb 
WWPDB D_1300006828 ?            ?                   
# 
_pdbx_database_status.status_code                     REL 
_pdbx_database_status.status_code_sf                  REL 
_pdbx_database_status.status_code_mr                  ? 
_pdbx_database_status.entry_id                        5ZBY 
_pdbx_database_status.recvd_initial_deposition_date   2018-02-13 
_pdbx_database_status.SG_entry                        N 
_pdbx_database_status.deposit_site                    PDBJ 
_pdbx_database_status.process_site                    PDBJ 
_pdbx_database_status.status_code_cs                  ? 
_pdbx_database_status.methods_development_category    ? 
_pdbx_database_status.pdb_format_compatible           Y 
_pdbx_database_status.status_code_nmr_data            ? 
# 
loop_
_audit_author.name 
_audit_author.pdbx_ordinal 
_audit_author.identifier_ORCID 
'Kwon, S.'      1 ? 
'Nishitani, Y.' 2 ? 
'Miki, K.'      3 ? 
# 
_citation.abstract                  ? 
_citation.abstract_id_CAS           ? 
_citation.book_id_ISBN              ? 
_citation.book_publisher            ? 
_citation.book_publisher_city       ? 
_citation.book_title                ? 
_citation.coordinate_linkage        ? 
_citation.country                   US 
_citation.database_id_Medline       ? 
_citation.details                   ? 
_citation.id                        primary 
_citation.journal_abbrev            'Biochem. Biophys. Res. Commun.' 
_citation.journal_id_ASTM           BBRCA9 
_citation.journal_id_CSD            0146 
_citation.journal_id_ISSN           1090-2104 
_citation.journal_full              ? 
_citation.journal_issue             ? 
_citation.journal_volume            498 
_citation.language                  ? 
_citation.page_first                782 
_citation.page_last                 788 
_citation.title                     
'Structure of a [NiFe] hydrogenase maturation protease HycI provides insights into its substrate selectivity' 
_citation.year                      2018 
_citation.database_id_CSD           ? 
_citation.pdbx_database_id_DOI      10.1016/j.bbrc.2018.03.058 
_citation.pdbx_database_id_PubMed   29526754 
_citation.unpublished_flag          ? 
# 
loop_
_citation_author.citation_id 
_citation_author.name 
_citation_author.ordinal 
_citation_author.identifier_ORCID 
primary 'Kwon, S.'      1 ? 
primary 'Nishitani, Y.' 2 ? 
primary 'Hirao, Y.'     3 ? 
primary 'Kanai, T.'     4 ? 
primary 'Atomi, H.'     5 ? 
primary 'Miki, K.'      6 ? 
# 
_cell.entry_id           5ZBY 
_cell.length_a           50.377 
_cell.length_b           50.377 
_cell.length_c           146.167 
_cell.angle_alpha        90.00 
_cell.angle_beta         90.00 
_cell.angle_gamma        90.00 
_cell.Z_PDB              8 
_cell.pdbx_unique_axis   ? 
# 
_symmetry.entry_id                         5ZBY 
_symmetry.space_group_name_H-M             'P 41 21 2' 
_symmetry.pdbx_full_space_group_name_H-M   ? 
_symmetry.cell_setting                     ? 
_symmetry.Int_Tables_number                92 
# 
loop_
_entity.id 
_entity.type 
_entity.src_method 
_entity.pdbx_description 
_entity.formula_weight 
_entity.pdbx_number_of_molecules 
_entity.pdbx_ec 
_entity.pdbx_mutation 
_entity.pdbx_fragment 
_entity.details 
1 polymer     man 'Hydrogenase maturation protease HycI'                17056.742 1   ? ? ? ? 
2 non-polymer syn '4-(2-HYDROXYETHYL)-1-PIPERAZINE ETHANESULFONIC ACID' 238.305   1   ? ? ? ? 
3 water       nat water                                                 18.015    102 ? ? ? ? 
# 
_entity_poly.entity_id                      1 
_entity_poly.type                           'polypeptide(L)' 
_entity_poly.nstd_linkage                   no 
_entity_poly.nstd_monomer                   no 
_entity_poly.pdbx_seq_one_letter_code       
;MSVLEDVFSGKTRIVICGIGNDVRGDDAFGVLVAERLKELVKTPDVLILNCGEMPESYVGKIAAFKPDLVVFVDAIHFGG
EIGEFIIADPLKTLGEAVSTHGLPLRIVASYIKEQTGSDIVLIGCQPGSTGLFEEPSELIKERAERLAELIAEILKNK
;
_entity_poly.pdbx_seq_one_letter_code_can   
;MSVLEDVFSGKTRIVICGIGNDVRGDDAFGVLVAERLKELVKTPDVLILNCGEMPESYVGKIAAFKPDLVVFVDAIHFGG
EIGEFIIADPLKTLGEAVSTHGLPLRIVASYIKEQTGSDIVLIGCQPGSTGLFEEPSELIKERAERLAELIAEILKNK
;
_entity_poly.pdbx_strand_id                 A 
_entity_poly.pdbx_target_identifier         ? 
# 
loop_
_entity_poly_seq.entity_id 
_entity_poly_seq.num 
_entity_poly_seq.mon_id 
_entity_poly_seq.hetero 
1 1   MET n 
1 2   SER n 
1 3   VAL n 
1 4   LEU n 
1 5   GLU n 
1 6   ASP n 
1 7   VAL n 
1 8   PHE n 
1 9   SER n 
1 10  GLY n 
1 11  LYS n 
1 12  THR n 
1 13  ARG n 
1 14  ILE n 
1 15  VAL n 
1 16  ILE n 
1 17  CYS n 
1 18  GLY n 
1 19  ILE n 
1 20  GLY n 
1 21  ASN n 
1 22  ASP n 
1 23  VAL n 
1 24  ARG n 
1 25  GLY n 
1 26  ASP n 
1 27  ASP n 
1 28  ALA n 
1 29  PHE n 
1 30  GLY n 
1 31  VAL n 
1 32  LEU n 
1 33  VAL n 
1 34  ALA n 
1 35  GLU n 
1 36  ARG n 
1 37  LEU n 
1 38  LYS n 
1 39  GLU n 
1 40  LEU n 
1 41  VAL n 
1 42  LYS n 
1 43  THR n 
1 44  PRO n 
1 45  ASP n 
1 46  VAL n 
1 47  LEU n 
1 48  ILE n 
1 49  LEU n 
1 50  ASN n 
1 51  CYS n 
1 52  GLY n 
1 53  GLU n 
1 54  MET n 
1 55  PRO n 
1 56  GLU n 
1 57  SER n 
1 58  TYR n 
1 59  VAL n 
1 60  GLY n 
1 61  LYS n 
1 62  ILE n 
1 63  ALA n 
1 64  ALA n 
1 65  PHE n 
1 66  LYS n 
1 67  PRO n 
1 68  ASP n 
1 69  LEU n 
1 70  VAL n 
1 71  VAL n 
1 72  PHE n 
1 73  VAL n 
1 74  ASP n 
1 75  ALA n 
1 76  ILE n 
1 77  HIS n 
1 78  PHE n 
1 79  GLY n 
1 80  GLY n 
1 81  GLU n 
1 82  ILE n 
1 83  GLY n 
1 84  GLU n 
1 85  PHE n 
1 86  ILE n 
1 87  ILE n 
1 88  ALA n 
1 89  ASP n 
1 90  PRO n 
1 91  LEU n 
1 92  LYS n 
1 93  THR n 
1 94  LEU n 
1 95  GLY n 
1 96  GLU n 
1 97  ALA n 
1 98  VAL n 
1 99  SER n 
1 100 THR n 
1 101 HIS n 
1 102 GLY n 
1 103 LEU n 
1 104 PRO n 
1 105 LEU n 
1 106 ARG n 
1 107 ILE n 
1 108 VAL n 
1 109 ALA n 
1 110 SER n 
1 111 TYR n 
1 112 ILE n 
1 113 LYS n 
1 114 GLU n 
1 115 GLN n 
1 116 THR n 
1 117 GLY n 
1 118 SER n 
1 119 ASP n 
1 120 ILE n 
1 121 VAL n 
1 122 LEU n 
1 123 ILE n 
1 124 GLY n 
1 125 CYS n 
1 126 GLN n 
1 127 PRO n 
1 128 GLY n 
1 129 SER n 
1 130 THR n 
1 131 GLY n 
1 132 LEU n 
1 133 PHE n 
1 134 GLU n 
1 135 GLU n 
1 136 PRO n 
1 137 SER n 
1 138 GLU n 
1 139 LEU n 
1 140 ILE n 
1 141 LYS n 
1 142 GLU n 
1 143 ARG n 
1 144 ALA n 
1 145 GLU n 
1 146 ARG n 
1 147 LEU n 
1 148 ALA n 
1 149 GLU n 
1 150 LEU n 
1 151 ILE n 
1 152 ALA n 
1 153 GLU n 
1 154 ILE n 
1 155 LEU n 
1 156 LYS n 
1 157 ASN n 
1 158 LYS n 
# 
_entity_src_gen.entity_id                          1 
_entity_src_gen.pdbx_src_id                        1 
_entity_src_gen.pdbx_alt_source_flag               sample 
_entity_src_gen.pdbx_seq_type                      'Biological sequence' 
_entity_src_gen.pdbx_beg_seq_num                   1 
_entity_src_gen.pdbx_end_seq_num                   158 
_entity_src_gen.gene_src_common_name               ? 
_entity_src_gen.gene_src_genus                     ? 
_entity_src_gen.pdbx_gene_src_gene                 TK2004 
_entity_src_gen.gene_src_species                   ? 
_entity_src_gen.gene_src_strain                    KOD1 
_entity_src_gen.gene_src_tissue                    ? 
_entity_src_gen.gene_src_tissue_fraction           ? 
_entity_src_gen.gene_src_details                   ? 
_entity_src_gen.pdbx_gene_src_fragment             ? 
_entity_src_gen.pdbx_gene_src_scientific_name      'Thermococcus kodakarensis KOD1' 
_entity_src_gen.pdbx_gene_src_ncbi_taxonomy_id     69014 
_entity_src_gen.pdbx_gene_src_variant              ? 
_entity_src_gen.pdbx_gene_src_cell_line            ? 
_entity_src_gen.pdbx_gene_src_atcc                 ? 
_entity_src_gen.pdbx_gene_src_organ                ? 
_entity_src_gen.pdbx_gene_src_organelle            ? 
_entity_src_gen.pdbx_gene_src_cell                 ? 
_entity_src_gen.pdbx_gene_src_cellular_location    ? 
_entity_src_gen.host_org_common_name               ? 
_entity_src_gen.pdbx_host_org_scientific_name      'Escherichia coli' 
_entity_src_gen.pdbx_host_org_ncbi_taxonomy_id     562 
_entity_src_gen.host_org_genus                     ? 
_entity_src_gen.pdbx_host_org_gene                 ? 
_entity_src_gen.pdbx_host_org_organ                ? 
_entity_src_gen.host_org_species                   ? 
_entity_src_gen.pdbx_host_org_tissue               ? 
_entity_src_gen.pdbx_host_org_tissue_fraction      ? 
_entity_src_gen.pdbx_host_org_strain               ? 
_entity_src_gen.pdbx_host_org_variant              ? 
_entity_src_gen.pdbx_host_org_cell_line            ? 
_entity_src_gen.pdbx_host_org_atcc                 ? 
_entity_src_gen.pdbx_host_org_culture_collection   ? 
_entity_src_gen.pdbx_host_org_cell                 ? 
_entity_src_gen.pdbx_host_org_organelle            ? 
_entity_src_gen.pdbx_host_org_cellular_location    ? 
_entity_src_gen.pdbx_host_org_vector_type          ? 
_entity_src_gen.pdbx_host_org_vector               ? 
_entity_src_gen.host_org_details                   ? 
_entity_src_gen.expression_system_id               ? 
_entity_src_gen.plasmid_name                       ? 
_entity_src_gen.plasmid_details                    ? 
_entity_src_gen.pdbx_description                   ? 
# 
_struct_ref.id                         1 
_struct_ref.db_name                    UNP 
_struct_ref.db_code                    Q5JIH7_THEKO 
_struct_ref.pdbx_db_accession          Q5JIH7 
_struct_ref.pdbx_db_isoform            ? 
_struct_ref.entity_id                  1 
_struct_ref.pdbx_seq_one_letter_code   
;MSVLEDVFSGKTRIVICGIGNDVRGDDAFGVLVAERLKELVKTPDVLILNCGEMPESYVGKIAAFKPDLVVFVDAIHFGG
EIGEFIIADPLKTLGEAVSTHGLPLRIVASYIKEQTGSDIVLIGCQPGSTGLFEEPSELIKERAERLAELIAEILKNK
;
_struct_ref.pdbx_align_begin           1 
# 
_struct_ref_seq.align_id                      1 
_struct_ref_seq.ref_id                        1 
_struct_ref_seq.pdbx_PDB_id_code              5ZBY 
_struct_ref_seq.pdbx_strand_id                A 
_struct_ref_seq.seq_align_beg                 1 
_struct_ref_seq.pdbx_seq_align_beg_ins_code   ? 
_struct_ref_seq.seq_align_end                 158 
_struct_ref_seq.pdbx_seq_align_end_ins_code   ? 
_struct_ref_seq.pdbx_db_accession             Q5JIH7 
_struct_ref_seq.db_align_beg                  1 
_struct_ref_seq.pdbx_db_align_beg_ins_code    ? 
_struct_ref_seq.db_align_end                  158 
_struct_ref_seq.pdbx_db_align_end_ins_code    ? 
_struct_ref_seq.pdbx_auth_seq_align_beg       1 
_struct_ref_seq.pdbx_auth_seq_align_end       158 
# 
loop_
_chem_comp.id 
_chem_comp.type 
_chem_comp.mon_nstd_flag 
_chem_comp.name 
_chem_comp.pdbx_synonyms 
_chem_comp.formula 
_chem_comp.formula_weight 
ALA 'L-peptide linking' y ALANINE                                               ?     'C3 H7 N O2'     89.093  
ARG 'L-peptide linking' y ARGININE                                              ?     'C6 H15 N4 O2 1' 175.209 
ASN 'L-peptide linking' y ASPARAGINE                                            ?     'C4 H8 N2 O3'    132.118 
ASP 'L-peptide linking' y 'ASPARTIC ACID'                                       ?     'C4 H7 N O4'     133.103 
CYS 'L-peptide linking' y CYSTEINE                                              ?     'C3 H7 N O2 S'   121.158 
EPE non-polymer         . '4-(2-HYDROXYETHYL)-1-PIPERAZINE ETHANESULFONIC ACID' HEPES 'C8 H18 N2 O4 S' 238.305 
GLN 'L-peptide linking' y GLUTAMINE                                             ?     'C5 H10 N2 O3'   146.144 
GLU 'L-peptide linking' y 'GLUTAMIC ACID'                                       ?     'C5 H9 N O4'     147.129 
GLY 'peptide linking'   y GLYCINE                                               ?     'C2 H5 N O2'     75.067  
HIS 'L-peptide linking' y HISTIDINE                                             ?     'C6 H10 N3 O2 1' 156.162 
HOH non-polymer         . WATER                                                 ?     'H2 O'           18.015  
ILE 'L-peptide linking' y ISOLEUCINE                                            ?     'C6 H13 N O2'    131.173 
LEU 'L-peptide linking' y LEUCINE                                               ?     'C6 H13 N O2'    131.173 
LYS 'L-peptide linking' y LYSINE                                                ?     'C6 H15 N2 O2 1' 147.195 
MET 'L-peptide linking' y METHIONINE                                            ?     'C5 H11 N O2 S'  149.211 
PHE 'L-peptide linking' y PHENYLALANINE                                         ?     'C9 H11 N O2'    165.189 
PRO 'L-peptide linking' y PROLINE                                               ?     'C5 H9 N O2'     115.130 
SER 'L-peptide linking' y SERINE                                                ?     'C3 H7 N O3'     105.093 
THR 'L-peptide linking' y THREONINE                                             ?     'C4 H9 N O3'     119.119 
TYR 'L-peptide linking' y TYROSINE                                              ?     'C9 H11 N O3'    181.189 
VAL 'L-peptide linking' y VALINE                                                ?     'C5 H11 N O2'    117.146 
# 
_exptl.absorpt_coefficient_mu     ? 
_exptl.absorpt_correction_T_max   ? 
_exptl.absorpt_correction_T_min   ? 
_exptl.absorpt_correction_type    ? 
_exptl.absorpt_process_details    ? 
_exptl.entry_id                   5ZBY 
_exptl.crystals_number            1 
_exptl.details                    ? 
_exptl.method                     'X-RAY DIFFRACTION' 
_exptl.method_details             ? 
# 
_exptl_crystal.colour                      ? 
_exptl_crystal.density_diffrn              ? 
_exptl_crystal.density_Matthews            2.72 
_exptl_crystal.density_method              ? 
_exptl_crystal.density_percent_sol         54.75 
_exptl_crystal.description                 ? 
_exptl_crystal.F_000                       ? 
_exptl_crystal.id                          1 
_exptl_crystal.preparation                 ? 
_exptl_crystal.size_max                    ? 
_exptl_crystal.size_mid                    ? 
_exptl_crystal.size_min                    ? 
_exptl_crystal.size_rad                    ? 
_exptl_crystal.colour_lustre               ? 
_exptl_crystal.colour_modifier             ? 
_exptl_crystal.colour_primary              ? 
_exptl_crystal.density_meas                ? 
_exptl_crystal.density_meas_esd            ? 
_exptl_crystal.density_meas_gt             ? 
_exptl_crystal.density_meas_lt             ? 
_exptl_crystal.density_meas_temp           ? 
_exptl_crystal.density_meas_temp_esd       ? 
_exptl_crystal.density_meas_temp_gt        ? 
_exptl_crystal.density_meas_temp_lt        ? 
_exptl_crystal.pdbx_crystal_image_url      ? 
_exptl_crystal.pdbx_crystal_image_format   ? 
_exptl_crystal.pdbx_mosaicity              ? 
_exptl_crystal.pdbx_mosaicity_esd          ? 
# 
_exptl_crystal_grow.apparatus       ? 
_exptl_crystal_grow.atmosphere      ? 
_exptl_crystal_grow.crystal_id      1 
_exptl_crystal_grow.details         ? 
_exptl_crystal_grow.method          'VAPOR DIFFUSION, HANGING DROP' 
_exptl_crystal_grow.method_ref      ? 
_exptl_crystal_grow.pH              ? 
_exptl_crystal_grow.pressure        ? 
_exptl_crystal_grow.pressure_esd    ? 
_exptl_crystal_grow.seeding         ? 
_exptl_crystal_grow.seeding_ref     ? 
_exptl_crystal_grow.temp            298 
_exptl_crystal_grow.temp_details    ? 
_exptl_crystal_grow.temp_esd        ? 
_exptl_crystal_grow.time            ? 
_exptl_crystal_grow.pdbx_details    'HEPES (pH 7.5), 2-methyl-2,4-pentanediol' 
_exptl_crystal_grow.pdbx_pH_range   ? 
# 
_diffrn.ambient_environment    ? 
_diffrn.ambient_temp           95 
_diffrn.ambient_temp_details   ? 
_diffrn.ambient_temp_esd       ? 
_diffrn.crystal_id             1 
_diffrn.crystal_support        ? 
_diffrn.crystal_treatment      ? 
_diffrn.details                ? 
_diffrn.id                     1 
_diffrn.ambient_pressure       ? 
_diffrn.ambient_pressure_esd   ? 
_diffrn.ambient_pressure_gt    ? 
_diffrn.ambient_pressure_lt    ? 
_diffrn.ambient_temp_gt        ? 
_diffrn.ambient_temp_lt        ? 
# 
_diffrn_detector.details                      ? 
_diffrn_detector.detector                     PIXEL 
_diffrn_detector.diffrn_id                    1 
_diffrn_detector.type                         'DECTRIS PILATUS3 6M' 
_diffrn_detector.area_resol_mean              ? 
_diffrn_detector.dtime                        ? 
_diffrn_detector.pdbx_frames_total            ? 
_diffrn_detector.pdbx_collection_time_total   ? 
_diffrn_detector.pdbx_collection_date         2016-10-08 
# 
_diffrn_radiation.collimation                      ? 
_diffrn_radiation.diffrn_id                        1 
_diffrn_radiation.filter_edge                      ? 
_diffrn_radiation.inhomogeneity                    ? 
_diffrn_radiation.monochromator                    ? 
_diffrn_radiation.polarisn_norm                    ? 
_diffrn_radiation.polarisn_ratio                   ? 
_diffrn_radiation.probe                            ? 
_diffrn_radiation.type                             ? 
_diffrn_radiation.xray_symbol                      ? 
_diffrn_radiation.wavelength_id                    1 
_diffrn_radiation.pdbx_monochromatic_or_laue_m_l   M 
_diffrn_radiation.pdbx_wavelength_list             ? 
_diffrn_radiation.pdbx_wavelength                  ? 
_diffrn_radiation.pdbx_diffrn_protocol             'SINGLE WAVELENGTH' 
_diffrn_radiation.pdbx_analyzer                    ? 
_diffrn_radiation.pdbx_scattering_type             x-ray 
# 
_diffrn_radiation_wavelength.id           1 
_diffrn_radiation_wavelength.wavelength   1.0 
_diffrn_radiation_wavelength.wt           1.0 
# 
_diffrn_source.current                     ? 
_diffrn_source.details                     ? 
_diffrn_source.diffrn_id                   1 
_diffrn_source.power                       ? 
_diffrn_source.size                        ? 
_diffrn_source.source                      SYNCHROTRON 
_diffrn_source.target                      ? 
_diffrn_source.type                        'SPRING-8 BEAMLINE BL41XU' 
_diffrn_source.voltage                     ? 
_diffrn_source.take-off_angle              ? 
_diffrn_source.pdbx_wavelength_list        1.0 
_diffrn_source.pdbx_wavelength             ? 
_diffrn_source.pdbx_synchrotron_beamline   BL41XU 
_diffrn_source.pdbx_synchrotron_site       SPring-8 
# 
_reflns.B_iso_Wilson_estimate            ? 
_reflns.entry_id                         5ZBY 
_reflns.data_reduction_details           ? 
_reflns.data_reduction_method            ? 
_reflns.d_resolution_high                1.591 
_reflns.d_resolution_low                 47.628 
_reflns.details                          ? 
_reflns.limit_h_max                      ? 
_reflns.limit_h_min                      ? 
_reflns.limit_k_max                      ? 
_reflns.limit_k_min                      ? 
_reflns.limit_l_max                      ? 
_reflns.limit_l_min                      ? 
_reflns.number_all                       ? 
_reflns.number_obs                       25807 
_reflns.observed_criterion               ? 
_reflns.observed_criterion_F_max         ? 
_reflns.observed_criterion_F_min         ? 
_reflns.observed_criterion_I_max         ? 
_reflns.observed_criterion_I_min         ? 
_reflns.observed_criterion_sigma_F       ? 
_reflns.observed_criterion_sigma_I       ? 
_reflns.percent_possible_obs             98.1 
_reflns.R_free_details                   ? 
_reflns.Rmerge_F_all                     ? 
_reflns.Rmerge_F_obs                     ? 
_reflns.Friedel_coverage                 ? 
_reflns.number_gt                        ? 
_reflns.threshold_expression             ? 
_reflns.pdbx_redundancy                  11.2 
_reflns.pdbx_Rmerge_I_obs                0.049 
_reflns.pdbx_Rmerge_I_all                ? 
_reflns.pdbx_Rsym_value                  ? 
_reflns.pdbx_netI_over_av_sigmaI         ? 
_reflns.pdbx_netI_over_sigmaI            35.4 
_reflns.pdbx_res_netI_over_av_sigmaI_2   ? 
_reflns.pdbx_res_netI_over_sigmaI_2      ? 
_reflns.pdbx_chi_squared                 ? 
_reflns.pdbx_scaling_rejects             ? 
_reflns.pdbx_d_res_high_opt              ? 
_reflns.pdbx_d_res_low_opt               ? 
_reflns.pdbx_d_res_opt_method            ? 
_reflns.phase_calculation_details        ? 
_reflns.pdbx_Rrim_I_all                  ? 
_reflns.pdbx_Rpim_I_all                  ? 
_reflns.pdbx_d_opt                       ? 
_reflns.pdbx_number_measured_all         ? 
_reflns.pdbx_diffrn_id                   1 
_reflns.pdbx_ordinal                     1 
_reflns.pdbx_CC_half                     ? 
_reflns.pdbx_R_split                     ? 
# 
_reflns_shell.d_res_high                  1.591 
_reflns_shell.d_res_low                   1.63 
_reflns_shell.meanI_over_sigI_all         ? 
_reflns_shell.meanI_over_sigI_obs         ? 
_reflns_shell.number_measured_all         ? 
_reflns_shell.number_measured_obs         ? 
_reflns_shell.number_possible             ? 
_reflns_shell.number_unique_all           ? 
_reflns_shell.number_unique_obs           1300 
_reflns_shell.percent_possible_all        ? 
_reflns_shell.percent_possible_obs        ? 
_reflns_shell.Rmerge_F_all                ? 
_reflns_shell.Rmerge_F_obs                ? 
_reflns_shell.Rmerge_I_all                ? 
_reflns_shell.Rmerge_I_obs                0.623 
_reflns_shell.meanI_over_sigI_gt          ? 
_reflns_shell.meanI_over_uI_all           ? 
_reflns_shell.meanI_over_uI_gt            ? 
_reflns_shell.number_measured_gt          ? 
_reflns_shell.number_unique_gt            ? 
_reflns_shell.percent_possible_gt         ? 
_reflns_shell.Rmerge_F_gt                 ? 
_reflns_shell.Rmerge_I_gt                 ? 
_reflns_shell.pdbx_redundancy             ? 
_reflns_shell.pdbx_Rsym_value             ? 
_reflns_shell.pdbx_chi_squared            ? 
_reflns_shell.pdbx_netI_over_sigmaI_all   ? 
_reflns_shell.pdbx_netI_over_sigmaI_obs   ? 
_reflns_shell.pdbx_Rrim_I_all             ? 
_reflns_shell.pdbx_Rpim_I_all             ? 
_reflns_shell.pdbx_rejects                ? 
_reflns_shell.pdbx_ordinal                1 
_reflns_shell.pdbx_diffrn_id              1 
_reflns_shell.pdbx_CC_half                ? 
_reflns_shell.pdbx_R_split                ? 
# 
_refine.pdbx_refine_id                           'X-RAY DIFFRACTION' 
_refine.entry_id                                 5ZBY 
_refine.pdbx_diffrn_id                           1 
_refine.pdbx_TLS_residual_ADP_flag               ? 
_refine.ls_number_reflns_obs                     25672 
_refine.ls_number_reflns_all                     ? 
_refine.pdbx_ls_sigma_I                          ? 
_refine.pdbx_ls_sigma_F                          1.36 
_refine.pdbx_data_cutoff_high_absF               ? 
_refine.pdbx_data_cutoff_low_absF                ? 
_refine.pdbx_data_cutoff_high_rms_absF           ? 
_refine.ls_d_res_low                             47.628 
_refine.ls_d_res_high                            1.591 
_refine.ls_percent_reflns_obs                    97.87 
_refine.ls_R_factor_obs                          0.2032 
_refine.ls_R_factor_all                          ? 
_refine.ls_R_factor_R_work                       0.2021 
_refine.ls_R_factor_R_free                       0.2233 
_refine.ls_R_factor_R_free_error                 ? 
_refine.ls_R_factor_R_free_error_details         ? 
_refine.ls_percent_reflns_R_free                 4.88 
_refine.ls_number_reflns_R_free                  1254 
_refine.ls_number_parameters                     ? 
_refine.ls_number_restraints                     ? 
_refine.occupancy_min                            ? 
_refine.occupancy_max                            ? 
_refine.correlation_coeff_Fo_to_Fc               ? 
_refine.correlation_coeff_Fo_to_Fc_free          ? 
_refine.B_iso_mean                               ? 
_refine.aniso_B[1][1]                            ? 
_refine.aniso_B[2][2]                            ? 
_refine.aniso_B[3][3]                            ? 
_refine.aniso_B[1][2]                            ? 
_refine.aniso_B[1][3]                            ? 
_refine.aniso_B[2][3]                            ? 
_refine.solvent_model_details                    'FLAT BULK SOLVENT MODEL' 
_refine.solvent_model_param_ksol                 ? 
_refine.solvent_model_param_bsol                 ? 
_refine.pdbx_solvent_vdw_probe_radii             1.11 
_refine.pdbx_solvent_ion_probe_radii             ? 
_refine.pdbx_solvent_shrinkage_radii             0.90 
_refine.pdbx_ls_cross_valid_method               'FREE R-VALUE' 
_refine.details                                  ? 
_refine.pdbx_starting_model                      2E85 
_refine.pdbx_method_to_determine_struct          'MOLECULAR REPLACEMENT' 
_refine.pdbx_isotropic_thermal_model             ? 
_refine.pdbx_stereochemistry_target_values       ML 
_refine.pdbx_stereochem_target_val_spec_case     ? 
_refine.pdbx_R_Free_selection_details            ? 
_refine.pdbx_overall_ESU_R                       ? 
_refine.pdbx_overall_ESU_R_Free                  ? 
_refine.overall_SU_ML                            0.18 
_refine.pdbx_overall_phase_error                 28.41 
_refine.overall_SU_B                             ? 
_refine.overall_SU_R_Cruickshank_DPI             ? 
_refine.pdbx_overall_SU_R_free_Cruickshank_DPI   ? 
_refine.pdbx_overall_SU_R_Blow_DPI               ? 
_refine.pdbx_overall_SU_R_free_Blow_DPI          ? 
# 
_refine_hist.pdbx_refine_id                   'X-RAY DIFFRACTION' 
_refine_hist.cycle_id                         LAST 
_refine_hist.pdbx_number_atoms_protein        1170 
_refine_hist.pdbx_number_atoms_nucleic_acid   0 
_refine_hist.pdbx_number_atoms_ligand         15 
_refine_hist.number_atoms_solvent             102 
_refine_hist.number_atoms_total               1287 
_refine_hist.d_res_high                       1.591 
_refine_hist.d_res_low                        47.628 
# 
loop_
_refine_ls_restr.type 
_refine_ls_restr.dev_ideal 
_refine_ls_restr.dev_ideal_target 
_refine_ls_restr.weight 
_refine_ls_restr.number 
_refine_ls_restr.pdbx_refine_id 
_refine_ls_restr.pdbx_restraint_function 
f_bond_d           0.015  ? ? 1201 'X-RAY DIFFRACTION' ? 
f_angle_d          1.632  ? ? 1626 'X-RAY DIFFRACTION' ? 
f_dihedral_angle_d 13.440 ? ? 450  'X-RAY DIFFRACTION' ? 
f_chiral_restr     0.088  ? ? 197  'X-RAY DIFFRACTION' ? 
f_plane_restr      0.009  ? ? 208  'X-RAY DIFFRACTION' ? 
# 
loop_
_refine_ls_shell.pdbx_refine_id 
_refine_ls_shell.pdbx_total_number_of_bins_used 
_refine_ls_shell.d_res_high 
_refine_ls_shell.d_res_low 
_refine_ls_shell.number_reflns_R_work 
_refine_ls_shell.R_factor_R_work 
_refine_ls_shell.percent_reflns_obs 
_refine_ls_shell.R_factor_R_free 
_refine_ls_shell.R_factor_R_free_error 
_refine_ls_shell.percent_reflns_R_free 
_refine_ls_shell.number_reflns_R_free 
_refine_ls_shell.number_reflns_all 
_refine_ls_shell.R_factor_all 
'X-RAY DIFFRACTION' . 1.5910 1.6547  2234 0.3061 83.00  0.3369 . . 115 . . 
'X-RAY DIFFRACTION' . 1.6547 1.7300  2687 0.2714 99.00  0.3294 . . 139 . . 
'X-RAY DIFFRACTION' . 1.7300 1.8212  2724 0.2538 100.00 0.3135 . . 122 . . 
'X-RAY DIFFRACTION' . 1.8212 1.9353  2719 0.2291 99.00  0.2500 . . 134 . . 
'X-RAY DIFFRACTION' . 1.9353 2.0848  2734 0.2118 100.00 0.2345 . . 137 . . 
'X-RAY DIFFRACTION' . 2.0848 2.2946  2752 0.2100 100.00 0.2223 . . 148 . . 
'X-RAY DIFFRACTION' . 2.2946 2.6266  2758 0.2111 100.00 0.1969 . . 154 . . 
'X-RAY DIFFRACTION' . 2.6266 3.3091  2805 0.2032 100.00 0.2288 . . 159 . . 
'X-RAY DIFFRACTION' . 3.3091 47.6489 3005 0.1815 100.00 0.2073 . . 146 . . 
# 
_struct.entry_id                     5ZBY 
_struct.title                        
'Crystal structure of a [NiFe] hydrogenase maturation protease HycI from Thermococcus kodakarensis KOD1' 
_struct.pdbx_model_details           ? 
_struct.pdbx_formula_weight          ? 
_struct.pdbx_formula_weight_method   ? 
_struct.pdbx_model_type_details      ? 
_struct.pdbx_CASP_flag               N 
# 
_struct_keywords.entry_id        5ZBY 
_struct_keywords.text            'Maturation protease, HycI, [NiFe] hydrogenase, C-terminal cleavage, HYDROLASE' 
_struct_keywords.pdbx_keywords   HYDROLASE 
# 
loop_
_struct_asym.id 
_struct_asym.pdbx_blank_PDB_chainid_flag 
_struct_asym.pdbx_modified 
_struct_asym.entity_id 
_struct_asym.details 
A N N 1 ? 
B N N 2 ? 
C N N 3 ? 
# 
loop_
_struct_conf.conf_type_id 
_struct_conf.id 
_struct_conf.pdbx_PDB_helix_id 
_struct_conf.beg_label_comp_id 
_struct_conf.beg_label_asym_id 
_struct_conf.beg_label_seq_id 
_struct_conf.pdbx_beg_PDB_ins_code 
_struct_conf.end_label_comp_id 
_struct_conf.end_label_asym_id 
_struct_conf.end_label_seq_id 
_struct_conf.pdbx_end_PDB_ins_code 
_struct_conf.beg_auth_comp_id 
_struct_conf.beg_auth_asym_id 
_struct_conf.beg_auth_seq_id 
_struct_conf.end_auth_comp_id 
_struct_conf.end_auth_asym_id 
_struct_conf.end_auth_seq_id 
_struct_conf.pdbx_PDB_helix_class 
_struct_conf.details 
_struct_conf.pdbx_PDB_helix_length 
HELX_P HELX_P1 AA1 SER A 2   ? SER A 9   ? SER A 2   SER A 9   1 ? 8  
HELX_P HELX_P2 AA2 ARG A 24  ? ASP A 27  ? ARG A 24  ASP A 27  5 ? 4  
HELX_P HELX_P3 AA3 ALA A 28  ? VAL A 41  ? ALA A 28  VAL A 41  1 ? 14 
HELX_P HELX_P4 AA4 MET A 54  ? SER A 57  ? MET A 54  SER A 57  5 ? 4  
HELX_P HELX_P5 AA5 TYR A 58  ? PHE A 65  ? TYR A 58  PHE A 65  1 ? 8  
HELX_P HELX_P6 AA6 PRO A 104 ? GLY A 117 ? PRO A 104 GLY A 117 1 ? 14 
HELX_P HELX_P7 AA7 SER A 137 ? ASN A 157 ? SER A 137 ASN A 157 1 ? 21 
# 
_struct_conf_type.id          HELX_P 
_struct_conf_type.criteria    ? 
_struct_conf_type.reference   ? 
# 
_struct_sheet.id               AA1 
_struct_sheet.type             ? 
_struct_sheet.number_strands   5 
_struct_sheet.details          ? 
# 
loop_
_struct_sheet_order.sheet_id 
_struct_sheet_order.range_id_1 
_struct_sheet_order.range_id_2 
_struct_sheet_order.offset 
_struct_sheet_order.sense 
AA1 1 2 ? parallel      
AA1 2 3 ? parallel      
AA1 3 4 ? parallel      
AA1 4 5 ? anti-parallel 
# 
loop_
_struct_sheet_range.sheet_id 
_struct_sheet_range.id 
_struct_sheet_range.beg_label_comp_id 
_struct_sheet_range.beg_label_asym_id 
_struct_sheet_range.beg_label_seq_id 
_struct_sheet_range.pdbx_beg_PDB_ins_code 
_struct_sheet_range.end_label_comp_id 
_struct_sheet_range.end_label_asym_id 
_struct_sheet_range.end_label_seq_id 
_struct_sheet_range.pdbx_end_PDB_ins_code 
_struct_sheet_range.beg_auth_comp_id 
_struct_sheet_range.beg_auth_asym_id 
_struct_sheet_range.beg_auth_seq_id 
_struct_sheet_range.end_auth_comp_id 
_struct_sheet_range.end_auth_asym_id 
_struct_sheet_range.end_auth_seq_id 
AA1 1 VAL A 46  ? ASN A 50  ? VAL A 46  ASN A 50  
AA1 2 ILE A 14  ? GLY A 18  ? ILE A 14  GLY A 18  
AA1 3 LEU A 69  ? ALA A 75  ? LEU A 69  ALA A 75  
AA1 4 ASP A 119 ? CYS A 125 ? ASP A 119 CYS A 125 
AA1 5 PHE A 85  ? ALA A 88  ? PHE A 85  ALA A 88  
# 
loop_
_pdbx_struct_sheet_hbond.sheet_id 
_pdbx_struct_sheet_hbond.range_id_1 
_pdbx_struct_sheet_hbond.range_id_2 
_pdbx_struct_sheet_hbond.range_1_label_atom_id 
_pdbx_struct_sheet_hbond.range_1_label_comp_id 
_pdbx_struct_sheet_hbond.range_1_label_asym_id 
_pdbx_struct_sheet_hbond.range_1_label_seq_id 
_pdbx_struct_sheet_hbond.range_1_PDB_ins_code 
_pdbx_struct_sheet_hbond.range_1_auth_atom_id 
_pdbx_struct_sheet_hbond.range_1_auth_comp_id 
_pdbx_struct_sheet_hbond.range_1_auth_asym_id 
_pdbx_struct_sheet_hbond.range_1_auth_seq_id 
_pdbx_struct_sheet_hbond.range_2_label_atom_id 
_pdbx_struct_sheet_hbond.range_2_label_comp_id 
_pdbx_struct_sheet_hbond.range_2_label_asym_id 
_pdbx_struct_sheet_hbond.range_2_label_seq_id 
_pdbx_struct_sheet_hbond.range_2_PDB_ins_code 
_pdbx_struct_sheet_hbond.range_2_auth_atom_id 
_pdbx_struct_sheet_hbond.range_2_auth_comp_id 
_pdbx_struct_sheet_hbond.range_2_auth_asym_id 
_pdbx_struct_sheet_hbond.range_2_auth_seq_id 
AA1 1 2 O LEU A 49  ? O LEU A 49  N GLY A 18  ? N GLY A 18  
AA1 2 3 N CYS A 17  ? N CYS A 17  O VAL A 71  ? O VAL A 71  
AA1 3 4 N PHE A 72  ? N PHE A 72  O ILE A 123 ? O ILE A 123 
AA1 4 5 O LEU A 122 ? O LEU A 122 N ALA A 88  ? N ALA A 88  
# 
_struct_site.id                   AC1 
_struct_site.pdbx_evidence_code   Software 
_struct_site.pdbx_auth_asym_id    A 
_struct_site.pdbx_auth_comp_id    EPE 
_struct_site.pdbx_auth_seq_id     200 
_struct_site.pdbx_auth_ins_code   ? 
_struct_site.pdbx_num_residues    14 
_struct_site.details              'binding site for residue EPE A 200' 
# 
loop_
_struct_site_gen.id 
_struct_site_gen.site_id 
_struct_site_gen.pdbx_num_res 
_struct_site_gen.label_comp_id 
_struct_site_gen.label_asym_id 
_struct_site_gen.label_seq_id 
_struct_site_gen.pdbx_auth_ins_code 
_struct_site_gen.auth_comp_id 
_struct_site_gen.auth_asym_id 
_struct_site_gen.auth_seq_id 
_struct_site_gen.label_atom_id 
_struct_site_gen.label_alt_id 
_struct_site_gen.symmetry 
_struct_site_gen.details 
1  AC1 14 ILE A 19  ? ILE A 19  . ? 1_555 ? 
2  AC1 14 GLY A 20  ? GLY A 20  . ? 1_555 ? 
3  AC1 14 ARG A 24  ? ARG A 24  . ? 1_555 ? 
4  AC1 14 ASP A 27  ? ASP A 27  . ? 1_555 ? 
5  AC1 14 ASP A 74  ? ASP A 74  . ? 1_555 ? 
6  AC1 14 ALA A 75  ? ALA A 75  . ? 1_555 ? 
7  AC1 14 THR A 100 ? THR A 100 . ? 1_555 ? 
8  AC1 14 HIS A 101 ? HIS A 101 . ? 1_555 ? 
9  AC1 14 PRO A 104 ? PRO A 104 . ? 1_555 ? 
10 AC1 14 LEU A 105 ? LEU A 105 . ? 1_555 ? 
11 AC1 14 HOH C .   ? HOH A 331 . ? 1_555 ? 
12 AC1 14 HOH C .   ? HOH A 341 . ? 1_555 ? 
13 AC1 14 HOH C .   ? HOH A 344 . ? 1_555 ? 
14 AC1 14 HOH C .   ? HOH A 357 . ? 1_555 ? 
# 
_atom_sites.entry_id                    5ZBY 
_atom_sites.fract_transf_matrix[1][1]   0.01296239 
_atom_sites.fract_transf_matrix[1][2]   -0.00884476 
_atom_sites.fract_transf_matrix[1][3]   0.01215603 
_atom_sites.fract_transf_matrix[2][1]   0.00233972 
_atom_sites.fract_transf_matrix[2][2]   -0.01466837 
_atom_sites.fract_transf_matrix[2][3]   -0.01316766 
_atom_sites.fract_transf_matrix[3][1]   0.00511785 
_atom_sites.fract_transf_matrix[3][2]   0.00345722 
_atom_sites.fract_transf_matrix[3][3]   -0.00294186 
_atom_sites.fract_transf_vector[1]      0.355811 
_atom_sites.fract_transf_vector[2]      0.941610 
_atom_sites.fract_transf_vector[3]      0.405667 
# 
loop_
_atom_type.symbol 
C 
N 
O 
S 
# 
loop_
_atom_site.group_PDB 
_atom_site.id 
_atom_site.type_symbol 
_atom_site.label_atom_id 
_atom_site.label_alt_id 
_atom_site.label_comp_id 
_atom_site.label_asym_id 
_atom_site.label_entity_id 
_atom_site.label_seq_id 
_atom_site.pdbx_PDB_ins_code 
_atom_site.Cartn_x 
_atom_site.Cartn_y 
_atom_site.Cartn_z 
_atom_site.occupancy 
_atom_site.B_iso_or_equiv 
_atom_site.pdbx_formal_charge 
_atom_site.auth_seq_id 
_atom_site.auth_comp_id 
_atom_site.auth_asym_id 
_atom_site.auth_atom_id 
_atom_site.pdbx_PDB_model_num 
ATOM   1    N N   . SER A 1 2   ? -3.750  -2.976  -17.985 1.00 59.30  ? 2   SER A N   1 
ATOM   2    C CA  . SER A 1 2   ? -4.485  -3.162  -16.752 1.00 50.34  ? 2   SER A CA  1 
ATOM   3    C C   . SER A 1 2   ? -4.642  -1.838  -16.073 1.00 50.00  ? 2   SER A C   1 
ATOM   4    O O   . SER A 1 2   ? -3.975  -0.908  -16.408 1.00 56.64  ? 2   SER A O   1 
ATOM   5    C CB  . SER A 1 2   ? -3.761  -4.144  -15.855 1.00 58.08  ? 2   SER A CB  1 
ATOM   6    O OG  . SER A 1 2   ? -2.411  -3.794  -15.731 1.00 70.11  ? 2   SER A OG  1 
ATOM   7    N N   . VAL A 1 3   ? -5.546  -1.749  -15.129 1.00 47.11  ? 3   VAL A N   1 
ATOM   8    C CA  . VAL A 1 3   ? -5.743  -0.515  -14.403 1.00 55.41  ? 3   VAL A CA  1 
ATOM   9    C C   . VAL A 1 3   ? -4.532  -0.200  -13.512 1.00 46.53  ? 3   VAL A C   1 
ATOM   10   O O   . VAL A 1 3   ? -4.241  0.921   -13.210 1.00 47.71  ? 3   VAL A O   1 
ATOM   11   C CB  . VAL A 1 3   ? -6.942  -0.658  -13.495 1.00 61.82  ? 3   VAL A CB  1 
ATOM   12   C CG1 . VAL A 1 3   ? -6.749  -1.885  -12.636 1.00 65.90  ? 3   VAL A CG1 1 
ATOM   13   C CG2 . VAL A 1 3   ? -7.145  0.587   -12.665 1.00 58.37  ? 3   VAL A CG2 1 
ATOM   14   N N   . LEU A 1 4   ? -3.862  -1.230  -13.079 1.00 43.32  ? 4   LEU A N   1 
ATOM   15   C CA  . LEU A 1 4   ? -2.633  -1.093  -12.307 1.00 46.49  ? 4   LEU A CA  1 
ATOM   16   C C   . LEU A 1 4   ? -1.561  -0.372  -13.139 1.00 39.38  ? 4   LEU A C   1 
ATOM   17   O O   . LEU A 1 4   ? -0.930  0.620   -12.693 1.00 54.12  ? 4   LEU A O   1 
ATOM   18   C CB  . LEU A 1 4   ? -2.141  -2.468  -11.875 1.00 42.05  ? 4   LEU A CB  1 
ATOM   19   C CG  . LEU A 1 4   ? -1.025  -2.498  -10.833 1.00 73.95  ? 4   LEU A CG  1 
ATOM   20   C CD1 . LEU A 1 4   ? -1.482  -1.836  -9.539  1.00 45.26  ? 4   LEU A CD1 1 
ATOM   21   C CD2 . LEU A 1 4   ? -0.559  -3.933  -10.580 1.00 46.92  ? 4   LEU A CD2 1 
ATOM   22   N N   . GLU A 1 5   ? -1.420  -0.834  -14.375 1.00 48.39  ? 5   GLU A N   1 
ATOM   23   C CA  . GLU A 1 5   ? -0.412  -0.318  -15.281 1.00 45.50  ? 5   GLU A CA  1 
ATOM   24   C C   . GLU A 1 5   ? -0.679  1.163   -15.486 1.00 40.42  ? 5   GLU A C   1 
ATOM   25   O O   . GLU A 1 5   ? 0.202   1.966   -15.526 1.00 45.05  ? 5   GLU A O   1 
ATOM   26   C CB  . GLU A 1 5   ? -0.427  -1.074  -16.622 1.00 46.08  ? 5   GLU A CB  1 
ATOM   27   C CG  . GLU A 1 5   ? 0.279   -2.422  -16.655 1.00 66.60  ? 5   GLU A CG  1 
ATOM   28   C CD  . GLU A 1 5   ? -0.082  -3.301  -17.864 1.00 78.43  ? 5   GLU A CD  1 
ATOM   29   O OE1 . GLU A 1 5   ? -1.019  -2.974  -18.580 1.00 94.52  ? 5   GLU A OE1 1 
ATOM   30   O OE2 . GLU A 1 5   ? 0.545   -4.336  -18.085 1.00 84.10  ? 5   GLU A OE2 1 
ATOM   31   N N   . ASP A 1 6   ? -1.924  1.516   -15.606 1.00 38.69  ? 6   ASP A N   1 
ATOM   32   C CA  . ASP A 1 6   ? -2.331  2.885   -15.768 1.00 33.97  ? 6   ASP A CA  1 
ATOM   33   C C   . ASP A 1 6   ? -1.907  3.718   -14.586 1.00 38.16  ? 6   ASP A C   1 
ATOM   34   O O   . ASP A 1 6   ? -1.494  4.862   -14.752 1.00 54.17  ? 6   ASP A O   1 
ATOM   35   C CB  . ASP A 1 6   ? -3.857  2.975   -15.925 1.00 41.46  ? 6   ASP A CB  1 
ATOM   36   C CG  . ASP A 1 6   ? -4.356  2.434   -17.273 1.00 92.76  ? 6   ASP A CG  1 
ATOM   37   O OD1 . ASP A 1 6   ? -3.537  2.249   -18.203 1.00 75.25  ? 6   ASP A OD1 1 
ATOM   38   O OD2 . ASP A 1 6   ? -5.581  2.199   -17.406 1.00 73.76  ? 6   ASP A OD2 1 
ATOM   39   N N   . VAL A 1 7   ? -2.081  3.151   -13.383 1.00 49.54  ? 7   VAL A N   1 
ATOM   40   C CA  . VAL A 1 7   ? -1.661  3.845   -12.171 1.00 41.99  ? 7   VAL A CA  1 
ATOM   41   C C   . VAL A 1 7   ? -0.185  4.269   -12.270 1.00 32.34  ? 7   VAL A C   1 
ATOM   42   O O   . VAL A 1 7   ? 0.167   5.384   -11.884 1.00 38.99  ? 7   VAL A O   1 
ATOM   43   C CB  . VAL A 1 7   ? -1.834  2.983   -10.905 1.00 46.87  ? 7   VAL A CB  1 
ATOM   44   C CG1 . VAL A 1 7   ? -1.329  3.735   -9.688  1.00 49.34  ? 7   VAL A CG1 1 
ATOM   45   C CG2 . VAL A 1 7   ? -3.290  2.597   -10.712 1.00 44.19  ? 7   VAL A CG2 1 
ATOM   46   N N   . PHE A 1 8   ? 0.643   3.362   -12.790 1.00 35.23  ? 8   PHE A N   1 
ATOM   47   C CA  . PHE A 1 8   ? 2.096   3.616   -12.781 1.00 31.13  ? 8   PHE A CA  1 
ATOM   48   C C   . PHE A 1 8   ? 2.577   4.421   -13.978 1.00 32.25  ? 8   PHE A C   1 
ATOM   49   O O   . PHE A 1 8   ? 3.679   4.953   -13.967 1.00 32.72  ? 8   PHE A O   1 
ATOM   50   C CB  . PHE A 1 8   ? 2.859   2.301   -12.712 1.00 32.39  ? 8   PHE A CB  1 
ATOM   51   C CG  . PHE A 1 8   ? 2.806   1.686   -11.359 1.00 40.53  ? 8   PHE A CG  1 
ATOM   52   C CD1 . PHE A 1 8   ? 3.751   2.009   -10.423 1.00 33.81  ? 8   PHE A CD1 1 
ATOM   53   C CD2 . PHE A 1 8   ? 1.769   0.855   -10.997 1.00 37.55  ? 8   PHE A CD2 1 
ATOM   54   C CE1 . PHE A 1 8   ? 3.686   1.482   -9.130  1.00 28.79  ? 8   PHE A CE1 1 
ATOM   55   C CE2 . PHE A 1 8   ? 1.714   0.324   -9.713  1.00 43.71  ? 8   PHE A CE2 1 
ATOM   56   C CZ  . PHE A 1 8   ? 2.696   0.649   -8.799  1.00 30.32  ? 8   PHE A CZ  1 
ATOM   57   N N   . SER A 1 9   ? 1.721   4.532   -14.975 1.00 36.44  ? 9   SER A N   1 
ATOM   58   C CA  . SER A 1 9   ? 2.099   5.118   -16.261 1.00 36.36  ? 9   SER A CA  1 
ATOM   59   C C   . SER A 1 9   ? 2.503   6.582   -16.169 1.00 40.35  ? 9   SER A C   1 
ATOM   60   O O   . SER A 1 9   ? 1.818   7.411   -15.564 1.00 38.98  ? 9   SER A O   1 
ATOM   61   C CB  . SER A 1 9   ? 0.948   4.950   -17.247 1.00 41.21  ? 9   SER A CB  1 
ATOM   62   O OG  . SER A 1 9   ? 1.088   5.873   -18.293 1.00 51.71  ? 9   SER A OG  1 
ATOM   63   N N   . GLY A 1 10  ? 3.637   6.901   -16.776 1.00 38.63  ? 10  GLY A N   1 
ATOM   64   C CA  . GLY A 1 10  ? 4.132   8.241   -16.728 1.00 31.94  ? 10  GLY A CA  1 
ATOM   65   C C   . GLY A 1 10  ? 4.861   8.611   -15.468 1.00 33.84  ? 10  GLY A C   1 
ATOM   66   O O   . GLY A 1 10  ? 5.343   9.721   -15.335 1.00 39.43  ? 10  GLY A O   1 
ATOM   67   N N   . LYS A 1 11  ? 4.903   7.700   -14.498 1.00 31.94  ? 11  LYS A N   1 
ATOM   68   C CA  . LYS A 1 11  ? 5.484   8.030   -13.220 1.00 29.47  ? 11  LYS A CA  1 
ATOM   69   C C   . LYS A 1 11  ? 6.883   7.499   -13.095 1.00 26.92  ? 11  LYS A C   1 
ATOM   70   O O   . LYS A 1 11  ? 7.110   6.288   -13.188 1.00 36.93  ? 11  LYS A O   1 
ATOM   71   C CB  . LYS A 1 11  ? 4.613   7.452   -12.100 1.00 26.69  ? 11  LYS A CB  1 
ATOM   72   C CG  . LYS A 1 11  ? 3.192   7.891   -12.169 1.00 32.61  ? 11  LYS A CG  1 
ATOM   73   C CD  . LYS A 1 11  ? 3.069   9.346   -11.919 1.00 34.55  ? 11  LYS A CD  1 
ATOM   74   C CE  . LYS A 1 11  ? 1.619   9.742   -11.862 1.00 51.06  ? 11  LYS A CE  1 
ATOM   75   N NZ  . LYS A 1 11  ? 0.943   9.576   -13.171 1.00 79.28  ? 11  LYS A NZ  1 
ATOM   76   N N   . THR A 1 12  ? 7.853   8.399   -12.906 1.00 32.46  ? 12  THR A N   1 
ATOM   77   C CA  . THR A 1 12  ? 9.239   7.936   -12.830 1.00 34.62  ? 12  THR A CA  1 
ATOM   78   C C   . THR A 1 12  ? 9.690   7.548   -11.428 1.00 30.29  ? 12  THR A C   1 
ATOM   79   O O   . THR A 1 12  ? 10.204  6.449   -11.224 1.00 35.45  ? 12  THR A O   1 
ATOM   80   C CB  . THR A 1 12  ? 10.188  8.986   -13.356 1.00 40.15  ? 12  THR A CB  1 
ATOM   81   O OG1 . THR A 1 12  ? 9.840   9.235   -14.719 1.00 38.72  ? 12  THR A OG1 1 
ATOM   82   C CG2 . THR A 1 12  ? 11.647  8.483   -13.248 1.00 34.14  ? 12  THR A CG2 1 
ATOM   83   N N   . ARG A 1 13  ? 9.510   8.457   -10.474 1.00 27.89  ? 13  ARG A N   1 
ATOM   84   C CA  . ARG A 1 13  ? 9.987   8.180   -9.131  1.00 23.64  ? 13  ARG A CA  1 
ATOM   85   C C   . ARG A 1 13  ? 8.787   7.664   -8.313  1.00 25.14  ? 13  ARG A C   1 
ATOM   86   O O   . ARG A 1 13  ? 7.803   8.379   -8.149  1.00 24.93  ? 13  ARG A O   1 
ATOM   87   C CB  . ARG A 1 13  ? 10.609  9.416   -8.481  1.00 24.76  ? 13  ARG A CB  1 
ATOM   88   C CG  . ARG A 1 13  ? 11.883  9.966   -9.223  1.00 26.14  ? 13  ARG A CG  1 
ATOM   89   C CD  . ARG A 1 13  ? 12.471  11.073  -8.376  1.00 27.20  ? 13  ARG A CD  1 
ATOM   90   N NE  . ARG A 1 13  ? 13.003  10.644  -7.115  1.00 31.08  ? 13  ARG A NE  1 
ATOM   91   C CZ  . ARG A 1 13  ? 14.146  10.004  -6.978  1.00 25.13  ? 13  ARG A CZ  1 
ATOM   92   N NH1 . ARG A 1 13  ? 14.919  9.740   -8.053  1.00 28.32  ? 13  ARG A NH1 1 
ATOM   93   N NH2 . ARG A 1 13  ? 14.555  9.677   -5.763  1.00 28.24  ? 13  ARG A NH2 1 
ATOM   94   N N   . ILE A 1 14  ? 8.937   6.476   -7.732  1.00 22.67  ? 14  ILE A N   1 
ATOM   95   C CA  . ILE A 1 14  ? 7.794   5.796   -7.105  1.00 21.03  ? 14  ILE A CA  1 
ATOM   96   C C   . ILE A 1 14  ? 8.176   5.406   -5.696  1.00 25.31  ? 14  ILE A C   1 
ATOM   97   O O   . ILE A 1 14  ? 9.297   4.888   -5.469  1.00 25.78  ? 14  ILE A O   1 
ATOM   98   C CB  . ILE A 1 14  ? 7.423   4.588   -7.913  1.00 24.32  ? 14  ILE A CB  1 
ATOM   99   C CG1 . ILE A 1 14  ? 6.974   5.054   -9.303  1.00 28.90  ? 14  ILE A CG1 1 
ATOM   100  C CG2 . ILE A 1 14  ? 6.210   3.838   -7.262  1.00 26.67  ? 14  ILE A CG2 1 
ATOM   101  C CD1 . ILE A 1 14  ? 6.794   3.993   -10.259 1.00 35.24  ? 14  ILE A CD1 1 
ATOM   102  N N   . VAL A 1 15  ? 7.280   5.653   -4.738  1.00 24.88  ? 15  VAL A N   1 
ATOM   103  C CA  . VAL A 1 15  ? 7.484   5.124   -3.407  1.00 21.76  ? 15  VAL A CA  1 
ATOM   104  C C   . VAL A 1 15  ? 6.352   4.146   -3.182  1.00 22.42  ? 15  VAL A C   1 
ATOM   105  O O   . VAL A 1 15  ? 5.195   4.489   -3.440  1.00 25.58  ? 15  VAL A O   1 
ATOM   106  C CB  . VAL A 1 15  ? 7.510   6.239   -2.327  1.00 23.44  ? 15  VAL A CB  1 
ATOM   107  C CG1 . VAL A 1 15  ? 7.762   5.630   -0.927  1.00 27.88  ? 15  VAL A CG1 1 
ATOM   108  C CG2 . VAL A 1 15  ? 8.597   7.313   -2.642  1.00 22.64  ? 15  VAL A CG2 1 
ATOM   109  N N   . ILE A 1 16  ? 6.682   2.919   -2.769  1.00 21.66  ? 16  ILE A N   1 
ATOM   110  C CA  . ILE A 1 16  ? 5.650   1.958   -2.417  1.00 21.13  ? 16  ILE A CA  1 
ATOM   111  C C   . ILE A 1 16  ? 5.753   1.683   -0.921  1.00 25.74  ? 16  ILE A C   1 
ATOM   112  O O   . ILE A 1 16  ? 6.830   1.377   -0.427  1.00 23.80  ? 16  ILE A O   1 
ATOM   113  C CB  . ILE A 1 16  ? 5.796   0.673   -3.220  1.00 21.05  ? 16  ILE A CB  1 
ATOM   114  C CG1 . ILE A 1 16  ? 5.664   1.028   -4.720  1.00 28.25  ? 16  ILE A CG1 1 
ATOM   115  C CG2 . ILE A 1 16  ? 4.667   -0.316  -2.851  1.00 25.23  ? 16  ILE A CG2 1 
ATOM   116  C CD1 . ILE A 1 16  ? 6.055   -0.076  -5.612  1.00 37.85  ? 16  ILE A CD1 1 
ATOM   117  N N   . CYS A 1 17  ? 4.639   1.871   -0.225  1.00 22.85  ? 17  CYS A N   1 
ATOM   118  C CA  . CYS A 1 17  ? 4.574   1.845   1.239   1.00 20.81  ? 17  CYS A CA  1 
ATOM   119  C C   . CYS A 1 17  ? 3.675   0.734   1.687   1.00 23.78  ? 17  CYS A C   1 
ATOM   120  O O   . CYS A 1 17  ? 2.462   0.849   1.493   1.00 26.29  ? 17  CYS A O   1 
ATOM   121  C CB  . CYS A 1 17  ? 3.983   3.149   1.762   1.00 22.90  ? 17  CYS A CB  1 
ATOM   122  S SG  . CYS A 1 17  ? 5.122   4.516   1.566   1.00 29.17  ? 17  CYS A SG  1 
ATOM   123  N N   . GLY A 1 18  ? 4.225   -0.321  2.289   1.00 20.75  ? 18  GLY A N   1 
ATOM   124  C CA  . GLY A 1 18  ? 3.382   -1.393  2.808   1.00 20.93  ? 18  GLY A CA  1 
ATOM   125  C C   . GLY A 1 18  ? 2.931   -1.086  4.221   1.00 26.46  ? 18  GLY A C   1 
ATOM   126  O O   . GLY A 1 18  ? 3.714   -0.715  5.073   1.00 26.30  ? 18  GLY A O   1 
ATOM   127  N N   . ILE A 1 19  ? 1.644   -1.244  4.484   1.00 20.67  ? 19  ILE A N   1 
ATOM   128  C CA  . ILE A 1 19  ? 1.052   -0.968  5.770   1.00 22.41  ? 19  ILE A CA  1 
ATOM   129  C C   . ILE A 1 19  ? 0.517   -2.270  6.295   1.00 22.87  ? 19  ILE A C   1 
ATOM   130  O O   . ILE A 1 19  ? -0.123  -3.024  5.570   1.00 23.60  ? 19  ILE A O   1 
ATOM   131  C CB  . ILE A 1 19  ? -0.132  0.069   5.666   1.00 22.43  ? 19  ILE A CB  1 
ATOM   132  C CG1 . ILE A 1 19  ? 0.412   1.395   5.096   1.00 23.84  ? 19  ILE A CG1 1 
ATOM   133  C CG2 . ILE A 1 19  ? -0.754  0.361   7.040   1.00 23.73  ? 19  ILE A CG2 1 
ATOM   134  C CD1 . ILE A 1 19  ? -0.734  2.338   4.757   1.00 25.32  ? 19  ILE A CD1 1 
ATOM   135  N N   . GLY A 1 20  ? 0.755   -2.564  7.576   1.00 20.11  ? 20  GLY A N   1 
ATOM   136  C CA  . GLY A 1 20  ? 0.102   -3.747  8.135   1.00 24.97  ? 20  GLY A CA  1 
ATOM   137  C C   . GLY A 1 20  ? 0.826   -4.238  9.371   1.00 32.92  ? 20  GLY A C   1 
ATOM   138  O O   . GLY A 1 20  ? 1.671   -3.526  9.907   1.00 25.09  ? 20  GLY A O   1 
ATOM   139  N N   . ASN A 1 21  ? 0.465   -5.444  9.827   1.00 28.88  ? 21  ASN A N   1 
ATOM   140  C CA  . ASN A 1 21  ? 0.998   -6.022  11.054  1.00 32.96  ? 21  ASN A CA  1 
ATOM   141  C C   . ASN A 1 21  ? 1.220   -7.509  10.796  1.00 28.62  ? 21  ASN A C   1 
ATOM   142  O O   . ASN A 1 21  ? 0.263   -8.219  10.522  1.00 29.42  ? 21  ASN A O   1 
ATOM   143  C CB  . ASN A 1 21  ? 0.026   -5.774  12.182  1.00 30.65  ? 21  ASN A CB  1 
ATOM   144  C CG  . ASN A 1 21  ? 0.492   -6.374  13.504  1.00 33.93  ? 21  ASN A CG  1 
ATOM   145  O OD1 . ASN A 1 21  ? 1.246   -7.355  13.527  1.00 34.67  ? 21  ASN A OD1 1 
ATOM   146  N ND2 . ASN A 1 21  ? 0.064   -5.773  14.584  1.00 38.97  ? 21  ASN A ND2 1 
ATOM   147  N N   . ASP A 1 22  ? 2.469   -7.970  10.832  1.00 33.58  ? 22  ASP A N   1 
ATOM   148  C CA  . ASP A 1 22  ? 2.778   -9.327  10.362  1.00 31.42  ? 22  ASP A CA  1 
ATOM   149  C C   . ASP A 1 22  ? 2.363   -10.450 11.339  1.00 37.58  ? 22  ASP A C   1 
ATOM   150  O O   . ASP A 1 22  ? 2.459   -11.642 10.989  1.00 40.64  ? 22  ASP A O   1 
ATOM   151  C CB  . ASP A 1 22  ? 4.277   -9.456  10.025  1.00 36.87  ? 22  ASP A CB  1 
ATOM   152  C CG  . ASP A 1 22  ? 5.193   -9.048  11.182  1.00 60.30  ? 22  ASP A CG  1 
ATOM   153  O OD1 . ASP A 1 22  ? 4.700   -8.512  12.205  1.00 50.79  ? 22  ASP A OD1 1 
ATOM   154  O OD2 . ASP A 1 22  ? 6.423   -9.223  11.047  1.00 62.96  ? 22  ASP A OD2 1 
ATOM   155  N N   . VAL A 1 23  ? 1.901   -10.085 12.529  1.00 29.72  ? 23  VAL A N   1 
ATOM   156  C CA  . VAL A 1 23  ? 1.333   -11.050 13.471  1.00 34.78  ? 23  VAL A CA  1 
ATOM   157  C C   . VAL A 1 23  ? -0.176  -10.902 13.692  1.00 39.36  ? 23  VAL A C   1 
ATOM   158  O O   . VAL A 1 23  ? -0.714  -11.414 14.655  1.00 32.48  ? 23  VAL A O   1 
ATOM   159  C CB  . VAL A 1 23  ? 2.062   -11.050 14.825  1.00 49.04  ? 23  VAL A CB  1 
ATOM   160  C CG1 . VAL A 1 23  ? 3.560   -11.111 14.607  1.00 43.71  ? 23  VAL A CG1 1 
ATOM   161  C CG2 . VAL A 1 23  ? 1.677   -9.834  15.648  1.00 41.95  ? 23  VAL A CG2 1 
ATOM   162  N N   . ARG A 1 24  ? -0.844  -10.173 12.814  1.00 32.28  ? 24  ARG A N   1 
ATOM   163  C CA  . ARG A 1 24  ? -2.275  -9.949  12.939  1.00 27.17  ? 24  ARG A CA  1 
ATOM   164  C C   . ARG A 1 24  ? -3.085  -10.580 11.807  1.00 29.82  ? 24  ARG A C   1 
ATOM   165  O O   . ARG A 1 24  ? -3.927  -9.935  11.216  1.00 27.25  ? 24  ARG A O   1 
ATOM   166  C CB  . ARG A 1 24  ? -2.619  -8.475  13.109  1.00 33.09  ? 24  ARG A CB  1 
ATOM   167  C CG  . ARG A 1 24  ? -3.832  -8.258  13.992  1.00 42.07  ? 24  ARG A CG  1 
ATOM   168  C CD  . ARG A 1 24  ? -3.928  -6.835  14.501  1.00 38.71  ? 24  ARG A CD  1 
ATOM   169  N NE  . ARG A 1 24  ? -4.113  -5.888  13.412  1.00 46.57  ? 24  ARG A NE  1 
ATOM   170  C CZ  . ARG A 1 24  ? -3.640  -4.648  13.423  1.00 57.16  ? 24  ARG A CZ  1 
ATOM   171  N NH1 . ARG A 1 24  ? -2.953  -4.212  14.465  1.00 35.51  ? 24  ARG A NH1 1 
ATOM   172  N NH2 . ARG A 1 24  ? -3.852  -3.850  12.389  1.00 39.57  ? 24  ARG A NH2 1 
ATOM   173  N N   . GLY A 1 25  ? -2.766  -11.826 11.486  1.00 25.72  ? 25  GLY A N   1 
ATOM   174  C CA  . GLY A 1 25  ? -3.473  -12.579 10.472  1.00 28.30  ? 25  GLY A CA  1 
ATOM   175  C C   . GLY A 1 25  ? -3.410  -11.926 9.109   1.00 23.72  ? 25  GLY A C   1 
ATOM   176  O O   . GLY A 1 25  ? -2.355  -11.519 8.677   1.00 26.42  ? 25  GLY A O   1 
ATOM   177  N N   . ASP A 1 26  ? -4.544  -11.823 8.436   1.00 26.86  ? 26  ASP A N   1 
ATOM   178  C CA  . ASP A 1 26  ? -4.545  -11.262 7.074   1.00 23.58  ? 26  ASP A CA  1 
ATOM   179  C C   . ASP A 1 26  ? -4.113  -9.799  7.047   1.00 23.62  ? 26  ASP A C   1 
ATOM   180  O O   . ASP A 1 26  ? -3.854  -9.265  5.955   1.00 25.28  ? 26  ASP A O   1 
ATOM   181  C CB  . ASP A 1 26  ? -5.929  -11.396 6.456   1.00 25.70  ? 26  ASP A CB  1 
ATOM   182  C CG  . ASP A 1 26  ? -6.287  -12.849 6.137   1.00 23.87  ? 26  ASP A CG  1 
ATOM   183  O OD1 . ASP A 1 26  ? -5.374  -13.674 5.956   1.00 27.28  ? 26  ASP A OD1 1 
ATOM   184  O OD2 . ASP A 1 26  ? -7.487  -13.112 5.940   1.00 26.41  ? 26  ASP A OD2 1 
ATOM   185  N N   . ASP A 1 27  ? -4.066  -9.121  8.195   1.00 22.78  ? 27  ASP A N   1 
ATOM   186  C CA  . ASP A 1 27  ? -3.505  -7.742  8.248   1.00 22.68  ? 27  ASP A CA  1 
ATOM   187  C C   . ASP A 1 27  ? -2.016  -7.707  7.947   1.00 24.71  ? 27  ASP A C   1 
ATOM   188  O O   . ASP A 1 27  ? -1.444  -6.608  7.795   1.00 24.97  ? 27  ASP A O   1 
ATOM   189  C CB  . ASP A 1 27  ? -3.764  -7.111  9.625   1.00 26.47  ? 27  ASP A CB  1 
ATOM   190  C CG  . ASP A 1 27  ? -5.052  -6.329  9.672   1.00 38.09  ? 27  ASP A CG  1 
ATOM   191  O OD1 . ASP A 1 27  ? -5.692  -6.181  8.610   1.00 31.92  ? 27  ASP A OD1 1 
ATOM   192  O OD2 . ASP A 1 27  ? -5.427  -5.841  10.766  1.00 36.10  ? 27  ASP A OD2 1 
ATOM   193  N N   . ALA A 1 28  ? -1.396  -8.872  7.779   1.00 25.07  ? 28  ALA A N   1 
ATOM   194  C CA  . ALA A 1 28  ? 0.004   -8.895  7.321   1.00 26.24  ? 28  ALA A CA  1 
ATOM   195  C C   . ALA A 1 28  ? 0.116   -8.458  5.863   1.00 26.49  ? 28  ALA A C   1 
ATOM   196  O O   . ALA A 1 28  ? 1.206   -8.200  5.383   1.00 28.64  ? 28  ALA A O   1 
ATOM   197  C CB  . ALA A 1 28  ? 0.595   -10.266 7.463   1.00 26.67  ? 28  ALA A CB  1 
ATOM   198  N N   . PHE A 1 29  ? -1.001  -8.456  5.137   1.00 23.87  ? 29  PHE A N   1 
ATOM   199  C CA  . PHE A 1 29  ? -0.940  -8.276  3.668   1.00 21.62  ? 29  PHE A CA  1 
ATOM   200  C C   . PHE A 1 29  ? 0.067   -7.218  3.164   1.00 25.05  ? 29  PHE A C   1 
ATOM   201  O O   . PHE A 1 29  ? 0.938   -7.542  2.358   1.00 24.39  ? 29  PHE A O   1 
ATOM   202  C CB  . PHE A 1 29  ? -2.319  -7.915  3.131   1.00 22.37  ? 29  PHE A CB  1 
ATOM   203  C CG  . PHE A 1 29  ? -2.328  -7.664  1.657   1.00 22.22  ? 29  PHE A CG  1 
ATOM   204  C CD1 . PHE A 1 29  ? -2.255  -8.711  0.771   1.00 22.50  ? 29  PHE A CD1 1 
ATOM   205  C CD2 . PHE A 1 29  ? -2.429  -6.375  1.181   1.00 23.92  ? 29  PHE A CD2 1 
ATOM   206  C CE1 . PHE A 1 29  ? -2.234  -8.477  -0.614  1.00 25.88  ? 29  PHE A CE1 1 
ATOM   207  C CE2 . PHE A 1 29  ? -2.423  -6.133  -0.194  1.00 23.99  ? 29  PHE A CE2 1 
ATOM   208  C CZ  . PHE A 1 29  ? -2.333  -7.208  -1.087  1.00 23.67  ? 29  PHE A CZ  1 
ATOM   209  N N   . GLY A 1 30  ? -0.050  -5.987  3.650   1.00 21.09  ? 30  GLY A N   1 
ATOM   210  C CA  . GLY A 1 30  ? 0.735   -4.884  3.095   1.00 20.67  ? 30  GLY A CA  1 
ATOM   211  C C   . GLY A 1 30  ? 2.216   -5.077  3.362   1.00 26.48  ? 30  GLY A C   1 
ATOM   212  O O   . GLY A 1 30  ? 3.052   -4.768  2.506   1.00 25.30  ? 30  GLY A O   1 
ATOM   213  N N   . VAL A 1 31  ? 2.554   -5.588  4.549   1.00 22.98  ? 31  VAL A N   1 
ATOM   214  C CA  . VAL A 1 31  ? 3.976   -5.784  4.864   1.00 22.13  ? 31  VAL A CA  1 
ATOM   215  C C   . VAL A 1 31  ? 4.525   -6.972  4.085   1.00 23.30  ? 31  VAL A C   1 
ATOM   216  O O   . VAL A 1 31  ? 5.691   -6.914  3.615   1.00 28.34  ? 31  VAL A O   1 
ATOM   217  C CB  . VAL A 1 31  ? 4.223   -5.922  6.376   1.00 28.63  ? 31  VAL A CB  1 
ATOM   218  C CG1 . VAL A 1 31  ? 3.722   -4.675  7.050   1.00 31.27  ? 31  VAL A CG1 1 
ATOM   219  C CG2 . VAL A 1 31  ? 3.562   -7.132  6.935   1.00 35.68  ? 31  VAL A CG2 1 
ATOM   220  N N   . LEU A 1 32  ? 3.673   -7.957  3.803   1.00 25.43  ? 32  LEU A N   1 
ATOM   221  C CA  . LEU A 1 32  ? 4.114   -9.070  2.961   1.00 25.94  ? 32  LEU A CA  1 
ATOM   222  C C   . LEU A 1 32  ? 4.481   -8.514  1.600   1.00 26.71  ? 32  LEU A C   1 
ATOM   223  O O   . LEU A 1 32  ? 5.542   -8.870  1.028   1.00 30.22  ? 32  LEU A O   1 
ATOM   224  C CB  . LEU A 1 32  ? 3.020   -10.139 2.850   1.00 26.46  ? 32  LEU A CB  1 
ATOM   225  C CG  . LEU A 1 32  ? 2.760   -10.939 4.140   1.00 34.15  ? 32  LEU A CG  1 
ATOM   226  C CD1 . LEU A 1 32  ? 1.579   -11.858 3.985   1.00 34.00  ? 32  LEU A CD1 1 
ATOM   227  C CD2 . LEU A 1 32  ? 3.990   -11.725 4.512   1.00 35.46  ? 32  LEU A CD2 1 
ATOM   228  N N   . VAL A 1 33  ? 3.639   -7.609  1.092   1.00 26.51  ? 33  VAL A N   1 
ATOM   229  C CA  . VAL A 1 33  ? 3.885   -7.089  -0.254  1.00 22.63  ? 33  VAL A CA  1 
ATOM   230  C C   . VAL A 1 33  ? 5.189   -6.310  -0.271  1.00 27.03  ? 33  VAL A C   1 
ATOM   231  O O   . VAL A 1 33  ? 6.035   -6.529  -1.164  1.00 27.63  ? 33  VAL A O   1 
ATOM   232  C CB  . VAL A 1 33  ? 2.732   -6.213  -0.744  1.00 21.36  ? 33  VAL A CB  1 
ATOM   233  C CG1 . VAL A 1 33  ? 3.110   -5.541  -2.075  1.00 22.63  ? 33  VAL A CG1 1 
ATOM   234  C CG2 . VAL A 1 33  ? 1.493   -7.072  -0.981  1.00 23.94  ? 33  VAL A CG2 1 
ATOM   235  N N   . ALA A 1 34  ? 5.375   -5.466  0.747   1.00 23.81  ? 34  ALA A N   1 
ATOM   236  C CA  . ALA A 1 34  ? 6.541   -4.611  0.772   1.00 22.24  ? 34  ALA A CA  1 
ATOM   237  C C   . ALA A 1 34  ? 7.771   -5.505  0.846   1.00 27.83  ? 34  ALA A C   1 
ATOM   238  O O   . ALA A 1 34  ? 8.752   -5.258  0.135   1.00 29.38  ? 34  ALA A O   1 
ATOM   239  C CB  . ALA A 1 34  ? 6.488   -3.641  1.953   1.00 24.53  ? 34  ALA A CB  1 
ATOM   240  N N   . GLU A 1 35  ? 7.726   -6.548  1.685   1.00 30.36  ? 35  GLU A N   1 
ATOM   241  C CA  . GLU A 1 35  ? 8.985   -7.271  1.888   1.00 28.47  ? 35  GLU A CA  1 
ATOM   242  C C   . GLU A 1 35  ? 9.284   -8.046  0.644   1.00 31.74  ? 35  GLU A C   1 
ATOM   243  O O   . GLU A 1 35  ? 10.454  -8.140  0.225   1.00 33.61  ? 35  GLU A O   1 
ATOM   244  C CB  . GLU A 1 35  ? 8.929   -8.171  3.132   1.00 28.03  ? 35  GLU A CB  1 
ATOM   245  C CG  . GLU A 1 35  ? 8.978   -7.330  4.401   1.00 30.08  ? 35  GLU A CG  1 
ATOM   246  C CD  . GLU A 1 35  ? 10.298  -6.569  4.540   1.00 48.07  ? 35  GLU A CD  1 
ATOM   247  O OE1 . GLU A 1 35  ? 11.357  -7.184  4.294   1.00 49.63  ? 35  GLU A OE1 1 
ATOM   248  O OE2 . GLU A 1 35  ? 10.288  -5.354  4.858   1.00 43.76  ? 35  GLU A OE2 1 
ATOM   249  N N   . ARG A 1 36  ? 8.245   -8.488  -0.044  1.00 29.95  ? 36  ARG A N   1 
ATOM   250  C CA  . ARG A 1 36  ? 8.500   -9.237  -1.246  1.00 31.50  ? 36  ARG A CA  1 
ATOM   251  C C   . ARG A 1 36  ? 9.008   -8.295  -2.331  1.00 32.65  ? 36  ARG A C   1 
ATOM   252  O O   . ARG A 1 36  ? 9.906   -8.665  -3.120  1.00 37.91  ? 36  ARG A O   1 
ATOM   253  C CB  . ARG A 1 36  ? 7.245   -9.978  -1.688  1.00 32.43  ? 36  ARG A CB  1 
ATOM   254  C CG  . ARG A 1 36  ? 7.447   -10.747 -2.975  1.00 39.72  ? 36  ARG A CG  1 
ATOM   255  C CD  . ARG A 1 36  ? 8.452   -11.888 -2.783  1.00 43.29  ? 36  ARG A CD  1 
ATOM   256  N NE  . ARG A 1 36  ? 8.406   -12.809 -3.916  1.00 45.34  ? 36  ARG A NE  1 
ATOM   257  C CZ  . ARG A 1 36  ? 9.472   -13.290 -4.544  1.00 61.68  ? 36  ARG A CZ  1 
ATOM   258  N NH1 . ARG A 1 36  ? 10.695  -12.959 -4.145  1.00 52.86  ? 36  ARG A NH1 1 
ATOM   259  N NH2 . ARG A 1 36  ? 9.312   -14.117 -5.566  1.00 52.48  ? 36  ARG A NH2 1 
ATOM   260  N N   . LEU A 1 37  ? 8.517   -7.048  -2.351  1.00 29.35  ? 37  LEU A N   1 
ATOM   261  C CA  . LEU A 1 37  ? 8.951   -6.147  -3.403  1.00 28.35  ? 37  LEU A CA  1 
ATOM   262  C C   . LEU A 1 37  ? 10.434  -5.840  -3.219  1.00 32.50  ? 37  LEU A C   1 
ATOM   263  O O   . LEU A 1 37  ? 11.147  -5.611  -4.217  1.00 32.27  ? 37  LEU A O   1 
ATOM   264  C CB  . LEU A 1 37  ? 8.157   -4.849  -3.415  1.00 29.31  ? 37  LEU A CB  1 
ATOM   265  C CG  . LEU A 1 37  ? 6.785   -4.985  -4.089  1.00 27.76  ? 37  LEU A CG  1 
ATOM   266  C CD1 . LEU A 1 37  ? 5.945   -3.730  -3.802  1.00 29.39  ? 37  LEU A CD1 1 
ATOM   267  C CD2 . LEU A 1 37  ? 7.037   -5.201  -5.605  1.00 35.01  ? 37  LEU A CD2 1 
ATOM   268  N N   . LYS A 1 38  ? 10.897  -5.856  -1.970  1.00 27.70  ? 38  LYS A N   1 
ATOM   269  C CA  . LYS A 1 38  ? 12.317  -5.532  -1.729  1.00 29.79  ? 38  LYS A CA  1 
ATOM   270  C C   . LYS A 1 38  ? 13.232  -6.573  -2.382  1.00 44.76  ? 38  LYS A C   1 
ATOM   271  O O   . LYS A 1 38  ? 14.392  -6.282  -2.721  1.00 35.45  ? 38  LYS A O   1 
ATOM   272  C CB  . LYS A 1 38  ? 12.586  -5.426  -0.230  1.00 30.32  ? 38  LYS A CB  1 
ATOM   273  C CG  . LYS A 1 38  ? 12.120  -4.109  0.406   1.00 30.45  ? 38  LYS A CG  1 
ATOM   274  C CD  . LYS A 1 38  ? 12.307  -4.165  1.920   1.00 33.65  ? 38  LYS A CD  1 
ATOM   275  C CE  . LYS A 1 38  ? 11.654  -3.009  2.658   1.00 39.21  ? 38  LYS A CE  1 
ATOM   276  N NZ  . LYS A 1 38  ? 12.421  -1.760  2.674   1.00 45.88  ? 38  LYS A NZ  1 
ATOM   277  N N   . GLU A 1 39  ? 12.701  -7.771  -2.592  1.00 38.60  ? 39  GLU A N   1 
ATOM   278  C CA  . GLU A 1 39  ? 13.470  -8.869  -3.173  1.00 42.94  ? 39  GLU A CA  1 
ATOM   279  C C   . GLU A 1 39  ? 13.416  -8.812  -4.680  1.00 50.80  ? 39  GLU A C   1 
ATOM   280  O O   . GLU A 1 39  ? 14.280  -9.364  -5.357  1.00 55.22  ? 39  GLU A O   1 
ATOM   281  C CB  . GLU A 1 39  ? 12.942  -10.224 -2.689  1.00 44.02  ? 39  GLU A CB  1 
ATOM   282  C CG  . GLU A 1 39  ? 13.018  -10.412 -1.187  1.00 44.55  ? 39  GLU A CG  1 
ATOM   283  C CD  . GLU A 1 39  ? 12.421  -11.712 -0.703  1.00 54.97  ? 39  GLU A CD  1 
ATOM   284  O OE1 . GLU A 1 39  ? 11.702  -12.394 -1.473  1.00 49.98  ? 39  GLU A OE1 1 
ATOM   285  O OE2 . GLU A 1 39  ? 12.675  -12.050 0.470   1.00 62.97  ? 39  GLU A OE2 1 
ATOM   286  N N   . LEU A 1 40  ? 12.408  -8.125  -5.207  1.00 39.59  ? 40  LEU A N   1 
ATOM   287  C CA  . LEU A 1 40  ? 12.120  -8.187  -6.638  1.00 38.18  ? 40  LEU A CA  1 
ATOM   288  C C   . LEU A 1 40  ? 12.478  -6.913  -7.401  1.00 49.35  ? 40  LEU A C   1 
ATOM   289  O O   . LEU A 1 40  ? 12.599  -6.927  -8.624  1.00 59.57  ? 40  LEU A O   1 
ATOM   290  C CB  . LEU A 1 40  ? 10.636  -8.496  -6.854  1.00 40.85  ? 40  LEU A CB  1 
ATOM   291  C CG  . LEU A 1 40  ? 10.103  -9.861  -6.441  1.00 40.91  ? 40  LEU A CG  1 
ATOM   292  C CD1 . LEU A 1 40  ? 8.618   -9.979  -6.790  1.00 38.92  ? 40  LEU A CD1 1 
ATOM   293  C CD2 . LEU A 1 40  ? 10.896  -10.954 -7.133  1.00 48.58  ? 40  LEU A CD2 1 
ATOM   294  N N   . VAL A 1 41  ? 12.658  -5.807  -6.696  1.00 39.94  ? 41  VAL A N   1 
ATOM   295  C CA  . VAL A 1 41  ? 12.770  -4.520  -7.372  1.00 32.64  ? 41  VAL A CA  1 
ATOM   296  C C   . VAL A 1 41  ? 14.075  -3.855  -7.007  1.00 49.77  ? 41  VAL A C   1 
ATOM   297  O O   . VAL A 1 41  ? 14.270  -3.477  -5.851  1.00 57.67  ? 41  VAL A O   1 
ATOM   298  C CB  . VAL A 1 41  ? 11.596  -3.580  -6.995  1.00 42.38  ? 41  VAL A CB  1 
ATOM   299  C CG1 . VAL A 1 41  ? 11.785  -2.176  -7.573  1.00 38.18  ? 41  VAL A CG1 1 
ATOM   300  C CG2 . VAL A 1 41  ? 10.276  -4.181  -7.439  1.00 43.85  ? 41  VAL A CG2 1 
ATOM   301  N N   . LYS A 1 42  ? 14.966  -3.764  -7.958  1.00 49.34  ? 42  LYS A N   1 
ATOM   302  C CA  . LYS A 1 42  ? 16.110  -2.958  -7.737  1.00 58.52  ? 42  LYS A CA  1 
ATOM   303  C C   . LYS A 1 42  ? 16.264  -2.010  -8.888  1.00 45.47  ? 42  LYS A C   1 
ATOM   304  O O   . LYS A 1 42  ? 16.539  -2.391  -9.986  1.00 52.10  ? 42  LYS A O   1 
ATOM   305  C CB  . LYS A 1 42  ? 17.320  -3.834  -7.525  1.00 75.93  ? 42  LYS A CB  1 
ATOM   306  C CG  . LYS A 1 42  ? 17.130  -4.764  -6.342  1.00 80.72  ? 42  LYS A CG  1 
ATOM   307  C CD  . LYS A 1 42  ? 16.854  -3.987  -5.076  1.00 57.00  ? 42  LYS A CD  1 
ATOM   308  C CE  . LYS A 1 42  ? 18.087  -3.320  -4.511  1.00 82.43  ? 42  LYS A CE  1 
ATOM   309  N NZ  . LYS A 1 42  ? 17.851  -2.674  -3.194  1.00 77.98  ? 42  LYS A NZ  1 
ATOM   310  N N   . THR A 1 43  ? 16.012  -0.769  -8.567  1.00 41.95  ? 43  THR A N   1 
ATOM   311  C CA  . THR A 1 43  ? 16.135  0.396   -9.424  1.00 41.79  ? 43  THR A CA  1 
ATOM   312  C C   . THR A 1 43  ? 16.264  1.601   -8.526  1.00 37.99  ? 43  THR A C   1 
ATOM   313  O O   . THR A 1 43  ? 15.703  1.669   -7.435  1.00 37.69  ? 43  THR A O   1 
ATOM   314  C CB  . THR A 1 43  ? 14.931  0.558   -10.357 1.00 45.11  ? 43  THR A CB  1 
ATOM   315  O OG1 . THR A 1 43  ? 15.197  1.589   -11.318 1.00 59.16  ? 43  THR A OG1 1 
ATOM   316  C CG2 . THR A 1 43  ? 13.680  0.919   -9.545  1.00 45.82  ? 43  THR A CG2 1 
ATOM   317  N N   . PRO A 1 44  ? 16.972  2.603   -8.991  1.00 41.83  ? 44  PRO A N   1 
ATOM   318  C CA  . PRO A 1 44  ? 17.223  3.719   -8.086  1.00 26.71  ? 44  PRO A CA  1 
ATOM   319  C C   . PRO A 1 44  ? 16.071  4.730   -8.036  1.00 31.38  ? 44  PRO A C   1 
ATOM   320  O O   . PRO A 1 44  ? 16.031  5.625   -7.189  1.00 32.44  ? 44  PRO A O   1 
ATOM   321  C CB  . PRO A 1 44  ? 18.456  4.371   -8.745  1.00 32.48  ? 44  PRO A CB  1 
ATOM   322  C CG  . PRO A 1 44  ? 18.158  4.137   -10.238 1.00 42.48  ? 44  PRO A CG  1 
ATOM   323  C CD  . PRO A 1 44  ? 17.740  2.720   -10.252 1.00 56.31  ? 44  PRO A CD  1 
ATOM   324  N N   . ASP A 1 45  ? 15.125  4.554   -8.952  1.00 32.88  ? 45  ASP A N   1 
ATOM   325  C CA  . ASP A 1 45  ? 13.963  5.442   -9.047  1.00 24.92  ? 45  ASP A CA  1 
ATOM   326  C C   . ASP A 1 45  ? 12.827  4.971   -8.152  1.00 25.30  ? 45  ASP A C   1 
ATOM   327  O O   . ASP A 1 45  ? 11.813  5.658   -8.085  1.00 28.05  ? 45  ASP A O   1 
ATOM   328  C CB  . ASP A 1 45  ? 13.434  5.481   -10.459 1.00 25.73  ? 45  ASP A CB  1 
ATOM   329  C CG  . ASP A 1 45  ? 14.457  6.048   -11.448 1.00 34.31  ? 45  ASP A CG  1 
ATOM   330  O OD1 . ASP A 1 45  ? 14.794  5.323   -12.397 1.00 39.16  ? 45  ASP A OD1 1 
ATOM   331  O OD2 . ASP A 1 45  ? 14.883  7.203   -11.269 1.00 33.49  ? 45  ASP A OD2 1 
ATOM   332  N N   . VAL A 1 46  ? 13.008  3.844   -7.471  1.00 24.78  ? 46  VAL A N   1 
ATOM   333  C CA  . VAL A 1 46  ? 11.909  3.314   -6.646  1.00 25.99  ? 46  VAL A CA  1 
ATOM   334  C C   . VAL A 1 46  ? 12.371  3.097   -5.197  1.00 30.26  ? 46  VAL A C   1 
ATOM   335  O O   . VAL A 1 46  ? 13.445  2.530   -4.962  1.00 30.50  ? 46  VAL A O   1 
ATOM   336  C CB  . VAL A 1 46  ? 11.393  1.995   -7.214  1.00 22.88  ? 46  VAL A CB  1 
ATOM   337  C CG1 . VAL A 1 46  ? 10.331  1.372   -6.271  1.00 24.22  ? 46  VAL A CG1 1 
ATOM   338  C CG2 . VAL A 1 46  ? 10.781  2.185   -8.601  1.00 27.81  ? 46  VAL A CG2 1 
ATOM   339  N N   . LEU A 1 47  ? 11.561  3.545   -4.236  1.00 25.39  ? 47  LEU A N   1 
ATOM   340  C CA  . LEU A 1 47  ? 11.784  3.308   -2.833  1.00 22.26  ? 47  LEU A CA  1 
ATOM   341  C C   . LEU A 1 47  ? 10.656  2.436   -2.293  1.00 23.79  ? 47  LEU A C   1 
ATOM   342  O O   . LEU A 1 47  ? 9.497   2.787   -2.481  1.00 25.75  ? 47  LEU A O   1 
ATOM   343  C CB  . LEU A 1 47  ? 11.831  4.626   -2.091  1.00 24.44  ? 47  LEU A CB  1 
ATOM   344  C CG  . LEU A 1 47  ? 11.843  4.604   -0.565  1.00 27.61  ? 47  LEU A CG  1 
ATOM   345  C CD1 . LEU A 1 47  ? 13.075  3.838   -0.028  1.00 34.72  ? 47  LEU A CD1 1 
ATOM   346  C CD2 . LEU A 1 47  ? 11.745  5.997   0.022   1.00 28.22  ? 47  LEU A CD2 1 
ATOM   347  N N   . ILE A 1 48  ? 11.007  1.325   -1.638  1.00 24.84  ? 48  ILE A N   1 
ATOM   348  C CA  . ILE A 1 48  ? 10.026  0.435   -0.990  1.00 20.78  ? 48  ILE A CA  1 
ATOM   349  C C   . ILE A 1 48  ? 10.186  0.565   0.516   1.00 28.29  ? 48  ILE A C   1 
ATOM   350  O O   . ILE A 1 48  ? 11.287  0.414   1.074   1.00 28.34  ? 48  ILE A O   1 
ATOM   351  C CB  . ILE A 1 48  ? 10.227  -1.026  -1.399  1.00 22.67  ? 48  ILE A CB  1 
ATOM   352  C CG1 . ILE A 1 48  ? 10.403  -1.203  -2.911  1.00 33.42  ? 48  ILE A CG1 1 
ATOM   353  C CG2 . ILE A 1 48  ? 9.045   -1.895  -0.848  1.00 22.64  ? 48  ILE A CG2 1 
ATOM   354  C CD1 . ILE A 1 48  ? 9.144   -0.908  -3.694  1.00 37.13  ? 48  ILE A CD1 1 
ATOM   355  N N   . LEU A 1 49  ? 9.095   0.872   1.196   1.00 22.37  ? 49  LEU A N   1 
ATOM   356  C CA  . LEU A 1 49  ? 9.106   1.017   2.647   1.00 27.08  ? 49  LEU A CA  1 
ATOM   357  C C   . LEU A 1 49  ? 8.120   0.068   3.305   1.00 27.41  ? 49  LEU A C   1 
ATOM   358  O O   . LEU A 1 49  ? 6.981   -0.093  2.843   1.00 26.07  ? 49  LEU A O   1 
ATOM   359  C CB  . LEU A 1 49  ? 8.705   2.429   3.040   1.00 25.30  ? 49  LEU A CB  1 
ATOM   360  C CG  . LEU A 1 49  ? 9.636   3.553   2.639   1.00 28.92  ? 49  LEU A CG  1 
ATOM   361  C CD1 . LEU A 1 49  ? 8.965   4.878   2.956   1.00 28.07  ? 49  LEU A CD1 1 
ATOM   362  C CD2 . LEU A 1 49  ? 10.970  3.372   3.403   1.00 33.55  ? 49  LEU A CD2 1 
ATOM   363  N N   . ASN A 1 50  ? 8.558   -0.553  4.389   1.00 23.44  ? 50  ASN A N   1 
ATOM   364  C CA  . ASN A 1 50  ? 7.667   -1.254  5.308   1.00 22.38  ? 50  ASN A CA  1 
ATOM   365  C C   . ASN A 1 50  ? 7.310   -0.260  6.405   1.00 28.48  ? 50  ASN A C   1 
ATOM   366  O O   . ASN A 1 50  ? 8.158   0.103   7.234   1.00 27.41  ? 50  ASN A O   1 
ATOM   367  C CB  . ASN A 1 50  ? 8.353   -2.514  5.853   1.00 26.65  ? 50  ASN A CB  1 
ATOM   368  C CG  . ASN A 1 50  ? 7.489   -3.276  6.859   1.00 26.33  ? 50  ASN A CG  1 
ATOM   369  O OD1 . ASN A 1 50  ? 6.522   -2.752  7.430   1.00 31.38  ? 50  ASN A OD1 1 
ATOM   370  N ND2 . ASN A 1 50  ? 7.844   -4.534  7.065   1.00 36.61  ? 50  ASN A ND2 1 
ATOM   371  N N   . CYS A 1 51  ? 6.077   0.231   6.398   1.00 23.68  ? 51  CYS A N   1 
ATOM   372  C CA  . CYS A 1 51  ? 5.658   1.284   7.321   1.00 25.35  ? 51  CYS A CA  1 
ATOM   373  C C   . CYS A 1 51  ? 5.005   0.733   8.598   1.00 22.07  ? 51  CYS A C   1 
ATOM   374  O O   . CYS A 1 51  ? 4.623   1.514   9.481   1.00 25.41  ? 51  CYS A O   1 
ATOM   375  C CB  . CYS A 1 51  ? 4.650   2.213   6.654   1.00 24.41  ? 51  CYS A CB  1 
ATOM   376  S SG  . CYS A 1 51  ? 5.402   3.128   5.293   1.00 28.89  ? 51  CYS A SG  1 
ATOM   377  N N   . GLY A 1 52  ? 4.841   -0.580  8.649   1.00 23.81  ? 52  GLY A N   1 
ATOM   378  C CA  . GLY A 1 52  ? 4.074   -1.185  9.735   1.00 23.36  ? 52  GLY A CA  1 
ATOM   379  C C   . GLY A 1 52  ? 2.726   -0.517  9.826   1.00 28.61  ? 52  GLY A C   1 
ATOM   380  O O   . GLY A 1 52  ? 2.074   -0.290  8.820   1.00 26.11  ? 52  GLY A O   1 
ATOM   381  N N   . GLU A 1 53  ? 2.292   -0.198  11.041  1.00 27.13  ? 53  GLU A N   1 
ATOM   382  C CA  . GLU A 1 53  ? 1.069   0.525   11.212  1.00 22.66  ? 53  GLU A CA  1 
ATOM   383  C C   . GLU A 1 53  ? 1.228   2.015   11.335  1.00 24.52  ? 53  GLU A C   1 
ATOM   384  O O   . GLU A 1 53  ? 0.287   2.727   11.685  1.00 28.10  ? 53  GLU A O   1 
ATOM   385  C CB  . GLU A 1 53  ? 0.331   -0.033  12.451  1.00 24.42  ? 53  GLU A CB  1 
ATOM   386  C CG  . GLU A 1 53  ? -0.108  -1.487  12.270  1.00 27.13  ? 53  GLU A CG  1 
ATOM   387  C CD  . GLU A 1 53  ? -0.648  -2.025  13.578  1.00 35.65  ? 53  GLU A CD  1 
ATOM   388  O OE1 . GLU A 1 53  ? -1.791  -1.685  13.934  1.00 40.24  ? 53  GLU A OE1 1 
ATOM   389  O OE2 . GLU A 1 53  ? 0.094   -2.756  14.262  1.00 34.33  ? 53  GLU A OE2 1 
ATOM   390  N N   . MET A 1 54  ? 2.403   2.553   10.964  1.00 24.10  ? 54  MET A N   1 
ATOM   391  C CA  . MET A 1 54  ? 2.673   3.961   11.202  1.00 30.21  ? 54  MET A CA  1 
ATOM   392  C C   . MET A 1 54  ? 3.200   4.666   9.963   1.00 27.66  ? 54  MET A C   1 
ATOM   393  O O   . MET A 1 54  ? 4.330   5.208   9.963   1.00 26.67  ? 54  MET A O   1 
ATOM   394  C CB  . MET A 1 54  ? 3.652   4.104   12.391  1.00 32.99  ? 54  MET A CB  1 
ATOM   395  C CG  . MET A 1 54  ? 2.974   3.597   13.692  1.00 38.64  ? 54  MET A CG  1 
ATOM   396  S SD  . MET A 1 54  ? 3.300   4.599   15.125  1.00 88.98  ? 54  MET A SD  1 
ATOM   397  C CE  . MET A 1 54  ? 2.660   6.172   14.554  1.00 62.47  ? 54  MET A CE  1 
ATOM   398  N N   . PRO A 1 55  ? 2.401   4.730   8.888   1.00 23.16  ? 55  PRO A N   1 
ATOM   399  C CA  . PRO A 1 55  ? 2.910   5.454   7.706   1.00 26.97  ? 55  PRO A CA  1 
ATOM   400  C C   . PRO A 1 55  ? 3.233   6.913   7.979   1.00 30.77  ? 55  PRO A C   1 
ATOM   401  O O   . PRO A 1 55  ? 4.138   7.465   7.337   1.00 30.91  ? 55  PRO A O   1 
ATOM   402  C CB  . PRO A 1 55  ? 1.767   5.343   6.689   1.00 27.92  ? 55  PRO A CB  1 
ATOM   403  C CG  . PRO A 1 55  ? 0.544   5.006   7.533   1.00 24.97  ? 55  PRO A CG  1 
ATOM   404  C CD  . PRO A 1 55  ? 1.054   4.143   8.653   1.00 26.34  ? 55  PRO A CD  1 
ATOM   405  N N   . GLU A 1 56  ? 2.558   7.510   8.959   1.00 30.30  ? 56  GLU A N   1 
ATOM   406  C CA  . GLU A 1 56  ? 2.799   8.907   9.308   1.00 31.43  ? 56  GLU A CA  1 
ATOM   407  C C   . GLU A 1 56  ? 4.237   9.131   9.722   1.00 30.56  ? 56  GLU A C   1 
ATOM   408  O O   . GLU A 1 56  ? 4.780   10.220  9.511   1.00 33.15  ? 56  GLU A O   1 
ATOM   409  C CB  . GLU A 1 56  ? 1.867   9.347   10.448  1.00 30.57  ? 56  GLU A CB  1 
ATOM   410  C CG  . GLU A 1 56  ? 2.000   8.517   11.706  1.00 36.57  ? 56  GLU A CG  1 
ATOM   411  C CD  . GLU A 1 56  ? 0.909   7.441   11.826  1.00 47.40  ? 56  GLU A CD  1 
ATOM   412  O OE1 . GLU A 1 56  ? 0.633   6.715   10.834  1.00 34.63  ? 56  GLU A OE1 1 
ATOM   413  O OE2 . GLU A 1 56  ? 0.295   7.329   12.913  1.00 44.14  ? 56  GLU A OE2 1 
ATOM   414  N N   . SER A 1 57  ? 4.874   8.106   10.283  1.00 27.15  ? 57  SER A N   1 
ATOM   415  C CA  . SER A 1 57  ? 6.291   8.220   10.683  1.00 30.54  ? 57  SER A CA  1 
ATOM   416  C C   . SER A 1 57  ? 7.293   8.266   9.526   1.00 36.30  ? 57  SER A C   1 
ATOM   417  O O   . SER A 1 57  ? 8.476   8.542   9.757   1.00 34.36  ? 57  SER A O   1 
ATOM   418  C CB  . SER A 1 57  ? 6.689   7.059   11.587  1.00 34.95  ? 57  SER A CB  1 
ATOM   419  O OG  . SER A 1 57  ? 5.822   6.920   12.717  1.00 37.85  ? 57  SER A OG  1 
ATOM   420  N N   . TYR A 1 58  ? 6.847   7.996   8.305   1.00 27.19  ? 58  TYR A N   1 
ATOM   421  C CA  . TYR A 1 58  ? 7.729   7.978   7.143   1.00 25.18  ? 58  TYR A CA  1 
ATOM   422  C C   . TYR A 1 58  ? 7.549   9.153   6.172   1.00 25.51  ? 58  TYR A C   1 
ATOM   423  O O   . TYR A 1 58  ? 8.171   9.163   5.118   1.00 28.95  ? 58  TYR A O   1 
ATOM   424  C CB  . TYR A 1 58  ? 7.561   6.626   6.404   1.00 26.41  ? 58  TYR A CB  1 
ATOM   425  C CG  . TYR A 1 58  ? 7.928   5.461   7.300   1.00 24.35  ? 58  TYR A CG  1 
ATOM   426  C CD1 . TYR A 1 58  ? 9.187   4.873   7.200   1.00 30.85  ? 58  TYR A CD1 1 
ATOM   427  C CD2 . TYR A 1 58  ? 7.028   4.955   8.262   1.00 26.03  ? 58  TYR A CD2 1 
ATOM   428  C CE1 . TYR A 1 58  ? 9.572   3.847   8.017   1.00 25.65  ? 58  TYR A CE1 1 
ATOM   429  C CE2 . TYR A 1 58  ? 7.399   3.884   9.089   1.00 25.33  ? 58  TYR A CE2 1 
ATOM   430  C CZ  . TYR A 1 58  ? 8.667   3.341   8.986   1.00 28.62  ? 58  TYR A CZ  1 
ATOM   431  O OH  . TYR A 1 58  ? 9.091   2.299   9.796   1.00 32.58  ? 58  TYR A OH  1 
ATOM   432  N N   . VAL A 1 59  ? 6.750   10.145  6.535   1.00 26.66  ? 59  VAL A N   1 
ATOM   433  C CA  . VAL A 1 59  ? 6.424   11.193  5.581   1.00 25.06  ? 59  VAL A CA  1 
ATOM   434  C C   . VAL A 1 59  ? 7.667   11.966  5.171   1.00 27.53  ? 59  VAL A C   1 
ATOM   435  O O   . VAL A 1 59  ? 7.813   12.280  4.013   1.00 29.31  ? 59  VAL A O   1 
ATOM   436  C CB  . VAL A 1 59  ? 5.351   12.170  6.087   1.00 28.69  ? 59  VAL A CB  1 
ATOM   437  C CG1 . VAL A 1 59  ? 3.988   11.432  6.204   1.00 28.19  ? 59  VAL A CG1 1 
ATOM   438  C CG2 . VAL A 1 59  ? 5.714   12.736  7.424   1.00 35.35  ? 59  VAL A CG2 1 
ATOM   439  N N   . GLY A 1 60  ? 8.589   12.144  6.106   1.00 31.83  ? 60  GLY A N   1 
ATOM   440  C CA  . GLY A 1 60  ? 9.839   12.818  5.791   1.00 35.27  ? 60  GLY A CA  1 
ATOM   441  C C   . GLY A 1 60  ? 10.621  12.090  4.723   1.00 31.68  ? 60  GLY A C   1 
ATOM   442  O O   . GLY A 1 60  ? 11.050  12.707  3.714   1.00 34.00  ? 60  GLY A O   1 
ATOM   443  N N   . LYS A 1 61  ? 10.826  10.819  4.933   1.00 28.37  ? 61  LYS A N   1 
ATOM   444  C CA  . LYS A 1 61  ? 11.584  10.076  3.993   1.00 30.76  ? 61  LYS A CA  1 
ATOM   445  C C   . LYS A 1 61  ? 10.836  9.982   2.692   1.00 30.92  ? 61  LYS A C   1 
ATOM   446  O O   . LYS A 1 61  ? 11.410  10.070  1.662   1.00 30.95  ? 61  LYS A O   1 
ATOM   447  C CB  . LYS A 1 61  ? 11.801  8.683   4.509   1.00 36.84  ? 61  LYS A CB  1 
ATOM   448  C CG  . LYS A 1 61  ? 12.901  7.935   3.855   1.00 64.84  ? 61  LYS A CG  1 
ATOM   449  C CD  . LYS A 1 61  ? 13.299  6.713   4.645   1.00 85.78  ? 61  LYS A CD  1 
ATOM   450  C CE  . LYS A 1 61  ? 14.442  5.970   3.978   1.00 79.38  ? 61  LYS A CE  1 
ATOM   451  N NZ  . LYS A 1 61  ? 15.761  6.182   4.605   1.00 80.68  ? 61  LYS A NZ  1 
ATOM   452  N N   . ILE A 1 62  ? 9.522   9.884   2.729   1.00 29.84  ? 62  ILE A N   1 
ATOM   453  C CA  . ILE A 1 62  ? 8.792   9.836   1.483   1.00 25.96  ? 62  ILE A CA  1 
ATOM   454  C C   . ILE A 1 62  ? 8.969   11.153  0.729   1.00 29.97  ? 62  ILE A C   1 
ATOM   455  O O   . ILE A 1 62  ? 9.242   11.153  -0.493  1.00 32.40  ? 62  ILE A O   1 
ATOM   456  C CB  . ILE A 1 62  ? 7.276   9.514   1.724   1.00 23.18  ? 62  ILE A CB  1 
ATOM   457  C CG1 . ILE A 1 62  ? 7.123   8.082   2.269   1.00 23.93  ? 62  ILE A CG1 1 
ATOM   458  C CG2 . ILE A 1 62  ? 6.507   9.661   0.430   1.00 29.21  ? 62  ILE A CG2 1 
ATOM   459  C CD1 . ILE A 1 62  ? 5.750   7.848   2.972   1.00 25.38  ? 62  ILE A CD1 1 
ATOM   460  N N   . ALA A 1 63  ? 8.889   12.272  1.445   1.00 35.23  ? 63  ALA A N   1 
ATOM   461  C CA  . ALA A 1 63  ? 8.916   13.534  0.731   1.00 33.56  ? 63  ALA A CA  1 
ATOM   462  C C   . ALA A 1 63  ? 10.319  13.742  0.173   1.00 30.89  ? 63  ALA A C   1 
ATOM   463  O O   . ALA A 1 63  ? 10.472  14.283  -0.946  1.00 33.31  ? 63  ALA A O   1 
ATOM   464  C CB  . ALA A 1 63  ? 8.517   14.671  1.625   1.00 34.86  ? 63  ALA A CB  1 
ATOM   465  N N   . ALA A 1 64  ? 11.323  13.223  0.896   1.00 31.06  ? 64  ALA A N   1 
ATOM   466  C CA  . ALA A 1 64  ? 12.710  13.513  0.523   1.00 30.39  ? 64  ALA A CA  1 
ATOM   467  C C   . ALA A 1 64  ? 13.069  12.751  -0.728  1.00 35.57  ? 64  ALA A C   1 
ATOM   468  O O   . ALA A 1 64  ? 14.022  13.093  -1.394  1.00 34.48  ? 64  ALA A O   1 
ATOM   469  C CB  . ALA A 1 64  ? 13.652  13.160  1.638   1.00 29.60  ? 64  ALA A CB  1 
ATOM   470  N N   . PHE A 1 65  ? 12.320  11.714  -1.067  1.00 27.29  ? 65  PHE A N   1 
ATOM   471  C CA  . PHE A 1 65  ? 12.561  10.927  -2.259  1.00 22.10  ? 65  PHE A CA  1 
ATOM   472  C C   . PHE A 1 65  ? 12.036  11.602  -3.524  1.00 25.83  ? 65  PHE A C   1 
ATOM   473  O O   . PHE A 1 65  ? 12.293  11.155  -4.589  1.00 27.75  ? 65  PHE A O   1 
ATOM   474  C CB  . PHE A 1 65  ? 11.964  9.531   -2.131  1.00 27.52  ? 65  PHE A CB  1 
ATOM   475  C CG  . PHE A 1 65  ? 12.515  8.515   -3.085  1.00 25.97  ? 65  PHE A CG  1 
ATOM   476  C CD1 . PHE A 1 65  ? 13.751  7.970   -2.913  1.00 29.21  ? 65  PHE A CD1 1 
ATOM   477  C CD2 . PHE A 1 65  ? 11.759  8.079   -4.148  1.00 26.48  ? 65  PHE A CD2 1 
ATOM   478  C CE1 . PHE A 1 65  ? 14.232  7.032   -3.774  1.00 27.96  ? 65  PHE A CE1 1 
ATOM   479  C CE2 . PHE A 1 65  ? 12.222  7.140   -5.003  1.00 26.43  ? 65  PHE A CE2 1 
ATOM   480  C CZ  . PHE A 1 65  ? 13.463  6.615   -4.820  1.00 30.74  ? 65  PHE A CZ  1 
ATOM   481  N N   . LYS A 1 66  ? 11.298  12.679  -3.361  1.00 27.58  ? 66  LYS A N   1 
ATOM   482  C CA  . LYS A 1 66  ? 10.714  13.382  -4.485  1.00 24.24  ? 66  LYS A CA  1 
ATOM   483  C C   . LYS A 1 66  ? 9.877   12.524  -5.416  1.00 26.23  ? 66  LYS A C   1 
ATOM   484  O O   . LYS A 1 66  ? 10.195  12.387  -6.557  1.00 26.25  ? 66  LYS A O   1 
ATOM   485  C CB  . LYS A 1 66  ? 11.758  14.174  -5.264  1.00 28.39  ? 66  LYS A CB  1 
ATOM   486  C CG  . LYS A 1 66  ? 12.241  15.385  -4.518  1.00 33.06  ? 66  LYS A CG  1 
ATOM   487  C CD  . LYS A 1 66  ? 13.310  16.125  -5.283  1.00 36.02  ? 66  LYS A CD  1 
ATOM   488  C CE  . LYS A 1 66  ? 12.806  17.412  -5.889  1.00 55.24  ? 66  LYS A CE  1 
ATOM   489  N NZ  . LYS A 1 66  ? 12.320  17.210  -7.275  1.00 61.58  ? 66  LYS A NZ  1 
ATOM   490  N N   . PRO A 1 67  ? 8.829   11.898  -4.883  1.00 27.08  ? 67  PRO A N   1 
ATOM   491  C CA  . PRO A 1 67  ? 8.075   10.976  -5.706  1.00 25.57  ? 67  PRO A CA  1 
ATOM   492  C C   . PRO A 1 67  ? 7.175   11.676  -6.732  1.00 22.13  ? 67  PRO A C   1 
ATOM   493  O O   . PRO A 1 67  ? 6.719   12.797  -6.495  1.00 27.13  ? 67  PRO A O   1 
ATOM   494  C CB  . PRO A 1 67  ? 7.184   10.220  -4.654  1.00 20.96  ? 67  PRO A CB  1 
ATOM   495  C CG  . PRO A 1 67  ? 6.996   11.274  -3.594  1.00 26.15  ? 67  PRO A CG  1 
ATOM   496  C CD  . PRO A 1 67  ? 8.327   12.008  -3.513  1.00 30.44  ? 67  PRO A CD  1 
ATOM   497  N N   . ASP A 1 68  ? 6.899   10.929  -7.796  1.00 24.41  ? 68  ASP A N   1 
ATOM   498  C CA  . ASP A 1 68  ? 5.875   11.235  -8.779  1.00 26.05  ? 68  ASP A CA  1 
ATOM   499  C C   . ASP A 1 68  ? 4.599   10.511  -8.371  1.00 26.82  ? 68  ASP A C   1 
ATOM   500  O O   . ASP A 1 68  ? 3.500   11.009  -8.632  1.00 29.28  ? 68  ASP A O   1 
ATOM   501  C CB  . ASP A 1 68  ? 6.309   10.790  -10.164 1.00 23.55  ? 68  ASP A CB  1 
ATOM   502  C CG  . ASP A 1 68  ? 7.549   11.559  -10.656 1.00 28.97  ? 68  ASP A CG  1 
ATOM   503  O OD1 . ASP A 1 68  ? 7.544   12.796  -10.507 1.00 33.05  ? 68  ASP A OD1 1 
ATOM   504  O OD2 . ASP A 1 68  ? 8.495   10.898  -11.095 1.00 31.87  ? 68  ASP A OD2 1 
ATOM   505  N N   . LEU A 1 69  ? 4.769   9.338   -7.738  1.00 22.61  ? 69  LEU A N   1 
ATOM   506  C CA  . LEU A 1 69  ? 3.639   8.485   -7.300  1.00 22.12  ? 69  LEU A CA  1 
ATOM   507  C C   . LEU A 1 69  ? 4.005   7.857   -5.972  1.00 24.79  ? 69  LEU A C   1 
ATOM   508  O O   . LEU A 1 69  ? 5.116   7.339   -5.817  1.00 24.24  ? 69  LEU A O   1 
ATOM   509  C CB  . LEU A 1 69  ? 3.361   7.377   -8.305  1.00 21.89  ? 69  LEU A CB  1 
ATOM   510  C CG  . LEU A 1 69  ? 2.268   6.347   -7.928  1.00 27.07  ? 69  LEU A CG  1 
ATOM   511  C CD1 . LEU A 1 69  ? 0.911   7.029   -7.849  1.00 32.18  ? 69  LEU A CD1 1 
ATOM   512  C CD2 . LEU A 1 69  ? 2.238   5.191   -8.897  1.00 28.76  ? 69  LEU A CD2 1 
ATOM   513  N N   . VAL A 1 70  ? 3.047   7.855   -5.040  1.00 22.74  ? 70  VAL A N   1 
ATOM   514  C CA  . VAL A 1 70  ? 3.178   7.118   -3.787  1.00 21.10  ? 70  VAL A CA  1 
ATOM   515  C C   . VAL A 1 70  ? 2.043   6.109   -3.760  1.00 25.87  ? 70  VAL A C   1 
ATOM   516  O O   . VAL A 1 70  ? 0.890   6.484   -3.994  1.00 25.04  ? 70  VAL A O   1 
ATOM   517  C CB  . VAL A 1 70  ? 3.112   8.051   -2.564  1.00 19.81  ? 70  VAL A CB  1 
ATOM   518  C CG1 . VAL A 1 70  ? 3.225   7.193   -1.274  1.00 22.27  ? 70  VAL A CG1 1 
ATOM   519  C CG2 . VAL A 1 70  ? 4.272   9.106   -2.642  1.00 19.85  ? 70  VAL A CG2 1 
ATOM   520  N N   . VAL A 1 71  ? 2.382   4.843   -3.546  1.00 21.40  ? 71  VAL A N   1 
ATOM   521  C CA  . VAL A 1 71  ? 1.387   3.737   -3.509  1.00 20.24  ? 71  VAL A CA  1 
ATOM   522  C C   . VAL A 1 71  ? 1.372   3.139   -2.123  1.00 24.51  ? 71  VAL A C   1 
ATOM   523  O O   . VAL A 1 71  ? 2.384   2.561   -1.723  1.00 25.09  ? 71  VAL A O   1 
ATOM   524  C CB  . VAL A 1 71  ? 1.767   2.655   -4.502  1.00 25.03  ? 71  VAL A CB  1 
ATOM   525  C CG1 . VAL A 1 71  ? 0.769   1.525   -4.521  1.00 26.48  ? 71  VAL A CG1 1 
ATOM   526  C CG2 . VAL A 1 71  ? 1.911   3.266   -5.919  1.00 26.13  ? 71  VAL A CG2 1 
ATOM   527  N N   . PHE A 1 72  ? 0.259   3.277   -1.406  1.00 21.11  ? 72  PHE A N   1 
ATOM   528  C CA  . PHE A 1 72  ? 0.069   2.609   -0.118  1.00 20.35  ? 72  PHE A CA  1 
ATOM   529  C C   . PHE A 1 72  ? -0.554  1.275   -0.386  1.00 26.23  ? 72  PHE A C   1 
ATOM   530  O O   . PHE A 1 72  ? -1.399  1.167   -1.264  1.00 23.78  ? 72  PHE A O   1 
ATOM   531  C CB  . PHE A 1 72  ? -0.824  3.451   0.799   1.00 19.61  ? 72  PHE A CB  1 
ATOM   532  C CG  . PHE A 1 72  ? -0.128  4.693   1.282   1.00 25.70  ? 72  PHE A CG  1 
ATOM   533  C CD1 . PHE A 1 72  ? -0.414  5.929   0.739   1.00 24.58  ? 72  PHE A CD1 1 
ATOM   534  C CD2 . PHE A 1 72  ? 0.863   4.598   2.250   1.00 23.50  ? 72  PHE A CD2 1 
ATOM   535  C CE1 . PHE A 1 72  ? 0.278   7.089   1.182   1.00 29.35  ? 72  PHE A CE1 1 
ATOM   536  C CE2 . PHE A 1 72  ? 1.563   5.757   2.667   1.00 23.68  ? 72  PHE A CE2 1 
ATOM   537  C CZ  . PHE A 1 72  ? 1.249   6.980   2.163   1.00 26.12  ? 72  PHE A CZ  1 
ATOM   538  N N   . VAL A 1 73  ? -0.110  0.237   0.311   1.00 19.44  ? 73  VAL A N   1 
ATOM   539  C CA  . VAL A 1 73  ? -0.664  -1.105  0.091   1.00 19.20  ? 73  VAL A CA  1 
ATOM   540  C C   . VAL A 1 73  ? -1.114  -1.617  1.468   1.00 22.30  ? 73  VAL A C   1 
ATOM   541  O O   . VAL A 1 73  ? -0.331  -1.599  2.415   1.00 22.30  ? 73  VAL A O   1 
ATOM   542  C CB  . VAL A 1 73  ? 0.360   -2.067  -0.516  1.00 22.09  ? 73  VAL A CB  1 
ATOM   543  C CG1 . VAL A 1 73  ? -0.234  -3.455  -0.722  1.00 24.70  ? 73  VAL A CG1 1 
ATOM   544  C CG2 . VAL A 1 73  ? 0.975   -1.509  -1.846  1.00 21.30  ? 73  VAL A CG2 1 
ATOM   545  N N   . ASP A 1 74  ? -2.379  -2.003  1.617   1.00 19.97  ? 74  ASP A N   1 
ATOM   546  C CA  . ASP A 1 74  ? -2.901  -2.357  2.958   1.00 20.02  ? 74  ASP A CA  1 
ATOM   547  C C   . ASP A 1 74  ? -4.035  -3.411  2.795   1.00 22.99  ? 74  ASP A C   1 
ATOM   548  O O   . ASP A 1 74  ? -4.673  -3.512  1.755   1.00 21.79  ? 74  ASP A O   1 
ATOM   549  C CB  . ASP A 1 74  ? -3.447  -1.093  3.667   1.00 19.88  ? 74  ASP A CB  1 
ATOM   550  C CG  . ASP A 1 74  ? -3.656  -1.277  5.176   1.00 24.74  ? 74  ASP A CG  1 
ATOM   551  O OD1 . ASP A 1 74  ? -3.170  -2.283  5.734   1.00 24.08  ? 74  ASP A OD1 1 
ATOM   552  O OD2 . ASP A 1 74  ? -4.250  -0.379  5.786   1.00 25.54  ? 74  ASP A OD2 1 
ATOM   553  N N   . ALA A 1 75  ? -4.236  -4.224  3.821   1.00 20.99  ? 75  ALA A N   1 
ATOM   554  C CA  . ALA A 1 75  ? -5.481  -4.955  3.934   1.00 19.59  ? 75  ALA A CA  1 
ATOM   555  C C   . ALA A 1 75  ? -6.633  -4.010  4.274   1.00 25.51  ? 75  ALA A C   1 
ATOM   556  O O   . ALA A 1 75  ? -6.610  -3.356  5.302   1.00 29.85  ? 75  ALA A O   1 
ATOM   557  C CB  . ALA A 1 75  ? -5.349  -6.024  5.047   1.00 22.55  ? 75  ALA A CB  1 
ATOM   558  N N   . ILE A 1 76  ? -7.678  -3.985  3.452   1.00 23.92  ? 76  ILE A N   1 
ATOM   559  C CA  . ILE A 1 76  ? -8.746  -3.027  3.599   1.00 23.05  ? 76  ILE A CA  1 
ATOM   560  C C   . ILE A 1 76  ? -10.059 -3.778  3.604   1.00 24.35  ? 76  ILE A C   1 
ATOM   561  O O   . ILE A 1 76  ? -10.293 -4.574  2.687   1.00 24.97  ? 76  ILE A O   1 
ATOM   562  C CB  . ILE A 1 76  ? -8.759  -2.008  2.407   1.00 23.29  ? 76  ILE A CB  1 
ATOM   563  C CG1 . ILE A 1 76  ? -7.473  -1.183  2.368   1.00 27.62  ? 76  ILE A CG1 1 
ATOM   564  C CG2 . ILE A 1 76  ? -9.995  -1.136  2.479   1.00 24.74  ? 76  ILE A CG2 1 
ATOM   565  C CD1 . ILE A 1 76  ? -7.267  -0.326  3.574   1.00 30.41  ? 76  ILE A CD1 1 
ATOM   566  N N   . HIS A 1 77  ? -10.856 -3.552  4.646   1.00 23.71  ? 77  HIS A N   1 
ATOM   567  C CA  . HIS A 1 77  ? -12.226 -4.104  4.695   1.00 23.00  ? 77  HIS A CA  1 
ATOM   568  C C   . HIS A 1 77  ? -13.127 -3.202  3.855   1.00 26.75  ? 77  HIS A C   1 
ATOM   569  O O   . HIS A 1 77  ? -13.424 -2.089  4.248   1.00 34.72  ? 77  HIS A O   1 
ATOM   570  C CB  . HIS A 1 77  ? -12.722 -4.194  6.137   1.00 24.43  ? 77  HIS A CB  1 
ATOM   571  C CG  . HIS A 1 77  ? -14.080 -4.834  6.234   1.00 31.80  ? 77  HIS A CG  1 
ATOM   572  N ND1 . HIS A 1 77  ? -14.448 -5.883  5.422   1.00 31.57  ? 77  HIS A ND1 1 
ATOM   573  C CD2 . HIS A 1 77  ? -15.171 -4.543  6.981   1.00 60.57  ? 77  HIS A CD2 1 
ATOM   574  C CE1 . HIS A 1 77  ? -15.693 -6.238  5.687   1.00 44.67  ? 77  HIS A CE1 1 
ATOM   575  N NE2 . HIS A 1 77  ? -16.156 -5.441  6.636   1.00 46.84  ? 77  HIS A NE2 1 
ATOM   576  N N   . PHE A 1 78  ? -13.548 -3.669  2.680   1.00 28.82  ? 78  PHE A N   1 
ATOM   577  C CA  . PHE A 1 78  ? -14.443 -2.857  1.854   1.00 30.23  ? 78  PHE A CA  1 
ATOM   578  C C   . PHE A 1 78  ? -15.670 -3.644  1.430   1.00 38.38  ? 78  PHE A C   1 
ATOM   579  O O   . PHE A 1 78  ? -16.412 -3.235  0.525   1.00 38.09  ? 78  PHE A O   1 
ATOM   580  C CB  . PHE A 1 78  ? -13.702 -2.319  0.625   1.00 29.22  ? 78  PHE A CB  1 
ATOM   581  C CG  . PHE A 1 78  ? -13.161 -3.384  -0.286  1.00 28.32  ? 78  PHE A CG  1 
ATOM   582  C CD1 . PHE A 1 78  ? -13.941 -3.898  -1.318  1.00 33.43  ? 78  PHE A CD1 1 
ATOM   583  C CD2 . PHE A 1 78  ? -11.856 -3.847  -0.154  1.00 28.15  ? 78  PHE A CD2 1 
ATOM   584  C CE1 . PHE A 1 78  ? -13.428 -4.853  -2.185  1.00 31.33  ? 78  PHE A CE1 1 
ATOM   585  C CE2 . PHE A 1 78  ? -11.370 -4.824  -0.992  1.00 27.08  ? 78  PHE A CE2 1 
ATOM   586  C CZ  . PHE A 1 78  ? -12.161 -5.321  -2.021  1.00 27.75  ? 78  PHE A CZ  1 
ATOM   587  N N   . GLY A 1 79  ? -15.856 -4.788  2.072   1.00 36.04  ? 79  GLY A N   1 
ATOM   588  C CA  . GLY A 1 79  ? -17.057 -5.604  1.874   1.00 38.84  ? 79  GLY A CA  1 
ATOM   589  C C   . GLY A 1 79  ? -16.962 -6.509  0.658   1.00 41.94  ? 79  GLY A C   1 
ATOM   590  O O   . GLY A 1 79  ? -17.972 -7.010  0.146   1.00 37.61  ? 79  GLY A O   1 
ATOM   591  N N   . GLY A 1 80  ? -15.740 -6.746  0.203   1.00 30.93  ? 80  GLY A N   1 
ATOM   592  C CA  . GLY A 1 80  ? -15.476 -7.653  -0.896  1.00 31.20  ? 80  GLY A CA  1 
ATOM   593  C C   . GLY A 1 80  ? -15.405 -9.112  -0.471  1.00 24.83  ? 80  GLY A C   1 
ATOM   594  O O   . GLY A 1 80  ? -15.541 -9.452  0.719   1.00 28.83  ? 80  GLY A O   1 
ATOM   595  N N   . GLU A 1 81  ? -15.163 -9.992  -1.436  1.00 28.30  ? 81  GLU A N   1 
ATOM   596  C CA  . GLU A 1 81  ? -14.736 -11.334 -1.095  1.00 28.99  ? 81  GLU A CA  1 
ATOM   597  C C   . GLU A 1 81  ? -13.311 -11.298 -0.599  1.00 36.31  ? 81  GLU A C   1 
ATOM   598  O O   . GLU A 1 81  ? -12.520 -10.466 -1.051  1.00 27.64  ? 81  GLU A O   1 
ATOM   599  C CB  . GLU A 1 81  ? -14.848 -12.269 -2.291  1.00 36.56  ? 81  GLU A CB  1 
ATOM   600  C CG  . GLU A 1 81  ? -15.914 -11.830 -3.272  1.00 95.88  ? 81  GLU A CG  1 
ATOM   601  C CD  . GLU A 1 81  ? -16.551 -12.989 -4.023  1.00 121.09 ? 81  GLU A CD  1 
ATOM   602  O OE1 . GLU A 1 81  ? -15.840 -13.981 -4.329  1.00 73.94  ? 81  GLU A OE1 1 
ATOM   603  O OE2 . GLU A 1 81  ? -17.771 -12.905 -4.295  1.00 91.25  ? 81  GLU A OE2 1 
ATOM   604  N N   . ILE A 1 82  ? -12.966 -12.177 0.327   1.00 29.07  ? 82  ILE A N   1 
ATOM   605  C CA  . ILE A 1 82  ? -11.563 -12.211 0.777   1.00 26.30  ? 82  ILE A CA  1 
ATOM   606  C C   . ILE A 1 82  ? -10.601 -12.304 -0.383  1.00 34.88  ? 82  ILE A C   1 
ATOM   607  O O   . ILE A 1 82  ? -10.792 -13.086 -1.303  1.00 30.84  ? 82  ILE A O   1 
ATOM   608  C CB  . ILE A 1 82  ? -11.238 -13.381 1.739   1.00 29.56  ? 82  ILE A CB  1 
ATOM   609  C CG1 . ILE A 1 82  ? -9.722  -13.433 1.947   1.00 36.20  ? 82  ILE A CG1 1 
ATOM   610  C CG2 . ILE A 1 82  ? -11.699 -14.686 1.136   1.00 41.49  ? 82  ILE A CG2 1 
ATOM   611  C CD1 . ILE A 1 82  ? -9.233  -14.192 3.089   1.00 49.19  ? 82  ILE A CD1 1 
ATOM   612  N N   . GLY A 1 83  ? -9.569  -11.458 -0.391  1.00 26.62  ? 83  GLY A N   1 
ATOM   613  C CA  . GLY A 1 83  ? -8.571  -11.598 -1.429  1.00 25.04  ? 83  GLY A CA  1 
ATOM   614  C C   . GLY A 1 83  ? -8.832  -10.695 -2.608  1.00 30.57  ? 83  GLY A C   1 
ATOM   615  O O   . GLY A 1 83  ? -7.978  -10.547 -3.499  1.00 30.20  ? 83  GLY A O   1 
ATOM   616  N N   . GLU A 1 84  ? -10.010 -10.098 -2.640  1.00 28.01  ? 84  GLU A N   1 
ATOM   617  C CA  . GLU A 1 84  ? -10.360 -9.211  -3.737  1.00 25.52  ? 84  GLU A CA  1 
ATOM   618  C C   . GLU A 1 84  ? -9.551  -7.926  -3.578  1.00 31.06  ? 84  GLU A C   1 
ATOM   619  O O   . GLU A 1 84  ? -9.344  -7.453  -2.459  1.00 25.02  ? 84  GLU A O   1 
ATOM   620  C CB  . GLU A 1 84  ? -11.842 -8.908  -3.705  1.00 32.36  ? 84  GLU A CB  1 
ATOM   621  C CG  . GLU A 1 84  ? -12.356 -8.007  -4.791  1.00 33.69  ? 84  GLU A CG  1 
ATOM   622  C CD  . GLU A 1 84  ? -13.890 -7.884  -4.749  1.00 44.82  ? 84  GLU A CD  1 
ATOM   623  O OE1 . GLU A 1 84  ? -14.576 -8.615  -3.965  1.00 35.03  ? 84  GLU A OE1 1 
ATOM   624  O OE2 . GLU A 1 84  ? -14.418 -7.015  -5.479  1.00 43.40  ? 84  GLU A OE2 1 
ATOM   625  N N   . PHE A 1 85  ? -9.140  -7.343  -4.697  1.00 25.86  ? 85  PHE A N   1 
ATOM   626  C CA  . PHE A 1 85  ? -8.396  -6.084  -4.661  1.00 25.84  ? 85  PHE A CA  1 
ATOM   627  C C   . PHE A 1 85  ? -9.275  -4.854  -4.864  1.00 33.08  ? 85  PHE A C   1 
ATOM   628  O O   . PHE A 1 85  ? -10.330 -4.909  -5.535  1.00 29.44  ? 85  PHE A O   1 
ATOM   629  C CB  . PHE A 1 85  ? -7.323  -6.109  -5.744  1.00 27.39  ? 85  PHE A CB  1 
ATOM   630  C CG  . PHE A 1 85  ? -6.257  -7.101  -5.529  1.00 26.90  ? 85  PHE A CG  1 
ATOM   631  C CD1 . PHE A 1 85  ? -5.544  -7.136  -4.334  1.00 36.97  ? 85  PHE A CD1 1 
ATOM   632  C CD2 . PHE A 1 85  ? -5.867  -7.950  -6.559  1.00 41.96  ? 85  PHE A CD2 1 
ATOM   633  C CE1 . PHE A 1 85  ? -4.513  -8.047  -4.143  1.00 31.33  ? 85  PHE A CE1 1 
ATOM   634  C CE2 . PHE A 1 85  ? -4.831  -8.856  -6.390  1.00 34.46  ? 85  PHE A CE2 1 
ATOM   635  C CZ  . PHE A 1 85  ? -4.125  -8.903  -5.167  1.00 33.96  ? 85  PHE A CZ  1 
ATOM   636  N N   . ILE A 1 86  ? -8.843  -3.722  -4.322  1.00 26.72  ? 86  ILE A N   1 
ATOM   637  C CA  . ILE A 1 86  ? -9.479  -2.444  -4.600  1.00 25.07  ? 86  ILE A CA  1 
ATOM   638  C C   . ILE A 1 86  ? -8.395  -1.417  -4.872  1.00 29.27  ? 86  ILE A C   1 
ATOM   639  O O   . ILE A 1 86  ? -7.322  -1.511  -4.292  1.00 26.13  ? 86  ILE A O   1 
ATOM   640  C CB  . ILE A 1 86  ? -10.349 -2.002  -3.443  1.00 30.43  ? 86  ILE A CB  1 
ATOM   641  C CG1 . ILE A 1 86  ? -11.078 -0.707  -3.773  1.00 39.93  ? 86  ILE A CG1 1 
ATOM   642  C CG2 . ILE A 1 86  ? -9.563  -1.904  -2.109  1.00 27.26  ? 86  ILE A CG2 1 
ATOM   643  C CD1 . ILE A 1 86  ? -12.342 -0.551  -2.934  1.00 44.58  ? 86  ILE A CD1 1 
ATOM   644  N N   . ILE A 1 87  ? -8.645  -0.502  -5.805  1.00 25.96  ? 87  ILE A N   1 
ATOM   645  C CA  . ILE A 1 87  ? -7.708  0.598   -6.053  1.00 24.55  ? 87  ILE A CA  1 
ATOM   646  C C   . ILE A 1 87  ? -8.465  1.855   -5.741  1.00 30.35  ? 87  ILE A C   1 
ATOM   647  O O   . ILE A 1 87  ? -9.519  2.107   -6.308  1.00 36.12  ? 87  ILE A O   1 
ATOM   648  C CB  . ILE A 1 87  ? -7.169  0.613   -7.484  1.00 26.73  ? 87  ILE A CB  1 
ATOM   649  C CG1 . ILE A 1 87  ? -6.425  -0.696  -7.759  1.00 32.03  ? 87  ILE A CG1 1 
ATOM   650  C CG2 . ILE A 1 87  ? -6.262  1.841   -7.655  1.00 30.70  ? 87  ILE A CG2 1 
ATOM   651  C CD1 . ILE A 1 87  ? -5.733  -0.764  -9.117  1.00 46.21  ? 87  ILE A CD1 1 
ATOM   652  N N   . ALA A 1 88  ? -7.981  2.630   -4.782  1.00 26.00  ? 88  ALA A N   1 
ATOM   653  C CA  . ALA A 1 88  ? -8.740  3.778   -4.310  1.00 29.02  ? 88  ALA A CA  1 
ATOM   654  C C   . ALA A 1 88  ? -7.888  5.012   -4.201  1.00 30.03  ? 88  ALA A C   1 
ATOM   655  O O   . ALA A 1 88  ? -6.661  4.918   -4.184  1.00 26.14  ? 88  ALA A O   1 
ATOM   656  C CB  . ALA A 1 88  ? -9.379  3.480   -2.955  1.00 31.56  ? 88  ALA A CB  1 
ATOM   657  N N   . ASP A 1 89  ? -8.561  6.156   -4.109  1.00 30.67  ? 89  ASP A N   1 
ATOM   658  C CA  . ASP A 1 89  ? -7.952  7.476   -3.908  1.00 32.40  ? 89  ASP A CA  1 
ATOM   659  C C   . ASP A 1 89  ? -8.020  7.825   -2.433  1.00 31.62  ? 89  ASP A C   1 
ATOM   660  O O   . ASP A 1 89  ? -9.089  8.162   -1.882  1.00 29.35  ? 89  ASP A O   1 
ATOM   661  C CB  . ASP A 1 89  ? -8.671  8.525   -4.760  1.00 34.69  ? 89  ASP A CB  1 
ATOM   662  C CG  . ASP A 1 89  ? -8.158  9.945   -4.532  1.00 45.44  ? 89  ASP A CG  1 
ATOM   663  O OD1 . ASP A 1 89  ? -7.172  10.142  -3.788  1.00 31.43  ? 89  ASP A OD1 1 
ATOM   664  O OD2 . ASP A 1 89  ? -8.754  10.886  -5.114  1.00 43.84  ? 89  ASP A OD2 1 
ATOM   665  N N   . PRO A 1 90  ? -6.879  7.723   -1.737  1.00 25.28  ? 90  PRO A N   1 
ATOM   666  C CA  . PRO A 1 90  ? -6.944  7.881   -0.291  1.00 24.32  ? 90  PRO A CA  1 
ATOM   667  C C   . PRO A 1 90  ? -7.133  9.328   0.141   1.00 23.09  ? 90  PRO A C   1 
ATOM   668  O O   . PRO A 1 90  ? -7.373  9.551   1.315   1.00 30.01  ? 90  PRO A O   1 
ATOM   669  C CB  . PRO A 1 90  ? -5.584  7.307   0.183   1.00 28.23  ? 90  PRO A CB  1 
ATOM   670  C CG  . PRO A 1 90  ? -4.680  7.645   -0.935  1.00 26.83  ? 90  PRO A CG  1 
ATOM   671  C CD  . PRO A 1 90  ? -5.501  7.457   -2.210  1.00 27.27  ? 90  PRO A CD  1 
ATOM   672  N N   . LEU A 1 91  ? -7.043  10.274  -0.796  1.00 26.54  ? 91  LEU A N   1 
ATOM   673  C CA  . LEU A 1 91  ? -7.295  11.672  -0.501  1.00 29.05  ? 91  LEU A CA  1 
ATOM   674  C C   . LEU A 1 91  ? -8.785  11.945  -0.302  1.00 32.36  ? 91  LEU A C   1 
ATOM   675  O O   . LEU A 1 91  ? -9.139  12.915  0.359   1.00 28.79  ? 91  LEU A O   1 
ATOM   676  C CB  . LEU A 1 91  ? -6.803  12.565  -1.620  1.00 27.08  ? 91  LEU A CB  1 
ATOM   677  C CG  . LEU A 1 91  ? -5.287  12.521  -1.897  1.00 35.53  ? 91  LEU A CG  1 
ATOM   678  C CD1 . LEU A 1 91  ? -4.976  13.188  -3.215  1.00 36.20  ? 91  LEU A CD1 1 
ATOM   679  C CD2 . LEU A 1 91  ? -4.647  13.258  -0.776  1.00 37.43  ? 91  LEU A CD2 1 
ATOM   680  N N   . LYS A 1 92  ? -9.632  11.078  -0.857  1.00 26.68  ? 92  LYS A N   1 
ATOM   681  C CA  . LYS A 1 92  ? -11.071 11.377  -0.891  1.00 34.48  ? 92  LYS A CA  1 
ATOM   682  C C   . LYS A 1 92  ? -11.712 11.257  0.490   1.00 32.20  ? 92  LYS A C   1 
ATOM   683  O O   . LYS A 1 92  ? -11.505 10.262  1.199   1.00 29.40  ? 92  LYS A O   1 
ATOM   684  C CB  . LYS A 1 92  ? -11.772 10.455  -1.881  1.00 40.52  ? 92  LYS A CB  1 
ATOM   685  C CG  . LYS A 1 92  ? -12.630 11.187  -2.899  1.00 82.12  ? 92  LYS A CG  1 
ATOM   686  C CD  . LYS A 1 92  ? -13.636 10.252  -3.554  1.00 46.19  ? 92  LYS A CD  1 
ATOM   687  C CE  . LYS A 1 92  ? -14.295 10.913  -4.744  1.00 62.33  ? 92  LYS A CE  1 
ATOM   688  N NZ  . LYS A 1 92  ? -15.047 9.928   -5.575  1.00 94.60  ? 92  LYS A NZ  1 
ATOM   689  N N   . THR A 1 93  ? -12.479 12.282  0.884   1.00 29.01  ? 93  THR A N   1 
ATOM   690  C CA  . THR A 1 93  ? -13.229 12.295  2.136   1.00 32.08  ? 93  THR A CA  1 
ATOM   691  C C   . THR A 1 93  ? -14.469 11.401  2.014   1.00 29.08  ? 93  THR A C   1 
ATOM   692  O O   . THR A 1 93  ? -15.228 11.522  1.051   1.00 26.64  ? 93  THR A O   1 
ATOM   693  C CB  . THR A 1 93  ? -13.640 13.740  2.481   1.00 27.75  ? 93  THR A CB  1 
ATOM   694  O OG1 . THR A 1 93  ? -12.507 14.601  2.218   1.00 39.42  ? 93  THR A OG1 1 
ATOM   695  C CG2 . THR A 1 93  ? -13.945 13.832  3.891   1.00 38.35  ? 93  THR A CG2 1 
ATOM   696  N N   . LEU A 1 94  ? -14.618 10.433  2.922   1.00 34.23  ? 94  LEU A N   1 
ATOM   697  C CA  . LEU A 1 94  ? -15.675 9.429   2.778   1.00 29.82  ? 94  LEU A CA  1 
ATOM   698  C C   . LEU A 1 94  ? -16.929 9.765   3.569   1.00 27.40  ? 94  LEU A C   1 
ATOM   699  O O   . LEU A 1 94  ? -17.999 9.217   3.284   1.00 33.82  ? 94  LEU A O   1 
ATOM   700  C CB  . LEU A 1 94  ? -15.158 8.040   3.191   1.00 32.64  ? 94  LEU A CB  1 
ATOM   701  C CG  . LEU A 1 94  ? -13.893 7.711   2.372   1.00 39.69  ? 94  LEU A CG  1 
ATOM   702  C CD1 . LEU A 1 94  ? -13.313 6.371   2.803   1.00 69.65  ? 94  LEU A CD1 1 
ATOM   703  C CD2 . LEU A 1 94  ? -14.191 7.725   0.874   1.00 36.59  ? 94  LEU A CD2 1 
ATOM   704  N N   . GLY A 1 95  ? -16.784 10.641  4.559   1.00 31.61  ? 95  GLY A N   1 
ATOM   705  C CA  . GLY A 1 95  ? -17.934 11.060  5.354   1.00 30.90  ? 95  GLY A CA  1 
ATOM   706  C C   . GLY A 1 95  ? -18.119 10.174  6.578   1.00 40.96  ? 95  GLY A C   1 
ATOM   707  O O   . GLY A 1 95  ? -17.265 9.372   6.921   1.00 37.81  ? 95  GLY A O   1 
ATOM   708  N N   . GLU A 1 96  ? -19.251 10.299  7.238   1.00 29.26  ? 96  GLU A N   1 
ATOM   709  C CA  . GLU A 1 96  ? -19.384 9.675   8.552   1.00 33.42  ? 96  GLU A CA  1 
ATOM   710  C C   . GLU A 1 96  ? -19.562 8.173   8.475   1.00 43.03  ? 96  GLU A C   1 
ATOM   711  O O   . GLU A 1 96  ? -19.480 7.497   9.496   1.00 41.90  ? 96  GLU A O   1 
ATOM   712  C CB  . GLU A 1 96  ? -20.549 10.306  9.287   1.00 33.00  ? 96  GLU A CB  1 
ATOM   713  C CG  . GLU A 1 96  ? -21.862 10.030  8.625   1.00 30.23  ? 96  GLU A CG  1 
ATOM   714  C CD  . GLU A 1 96  ? -22.979 10.747  9.328   1.00 43.26  ? 96  GLU A CD  1 
ATOM   715  O OE1 . GLU A 1 96  ? -22.982 11.998  9.298   1.00 31.06  ? 96  GLU A OE1 1 
ATOM   716  O OE2 . GLU A 1 96  ? -23.809 10.062  9.976   1.00 40.64  ? 96  GLU A OE2 1 
ATOM   717  N N   . ALA A 1 97  ? -19.802 7.635   7.286   1.00 35.48  ? 97  ALA A N   1 
ATOM   718  C CA  . ALA A 1 97  ? -20.123 6.208   7.144   1.00 41.41  ? 97  ALA A CA  1 
ATOM   719  C C   . ALA A 1 97  ? -18.905 5.349   7.440   1.00 68.23  ? 97  ALA A C   1 
ATOM   720  O O   . ALA A 1 97  ? -19.015 4.140   7.651   1.00 57.32  ? 97  ALA A O   1 
ATOM   721  C CB  . ALA A 1 97  ? -20.639 5.913   5.756   1.00 56.28  ? 97  ALA A CB  1 
ATOM   722  N N   . VAL A 1 98  ? -17.734 5.965   7.439   1.00 41.18  ? 98  VAL A N   1 
ATOM   723  C CA  . VAL A 1 98  ? -16.526 5.248   7.786   1.00 62.59  ? 98  VAL A CA  1 
ATOM   724  C C   . VAL A 1 98  ? -15.915 5.819   9.057   1.00 50.77  ? 98  VAL A C   1 
ATOM   725  O O   . VAL A 1 98  ? -15.865 7.028   9.268   1.00 81.94  ? 98  VAL A O   1 
ATOM   726  C CB  . VAL A 1 98  ? -15.488 5.285   6.642   1.00 50.08  ? 98  VAL A CB  1 
ATOM   727  C CG1 . VAL A 1 98  ? -16.100 4.697   5.376   1.00 57.98  ? 98  VAL A CG1 1 
ATOM   728  C CG2 . VAL A 1 98  ? -14.964 6.696   6.418   1.00 83.58  ? 98  VAL A CG2 1 
ATOM   729  N N   . SER A 1 99  ? -15.483 4.921   9.929   1.00 66.89  ? 99  SER A N   1 
ATOM   730  C CA  . SER A 1 99  ? -14.742 5.571   10.988  1.00 87.77  ? 99  SER A CA  1 
ATOM   731  C C   . SER A 1 99  ? -13.335 5.028   10.934  1.00 70.86  ? 99  SER A C   1 
ATOM   732  O O   . SER A 1 99  ? -13.095 3.844   10.686  1.00 81.73  ? 99  SER A O   1 
ATOM   733  C CB  . SER A 1 99  ? -15.403 5.342   12.357  1.00 98.16  ? 99  SER A CB  1 
ATOM   734  O OG  . SER A 1 99  ? -15.019 6.360   13.267  1.00 111.50 ? 99  SER A OG  1 
ATOM   735  N N   . THR A 1 100 ? -12.526 5.944   11.419  1.00 66.90  ? 100 THR A N   1 
ATOM   736  C CA  . THR A 1 100 ? -11.119 5.906   11.091  1.00 62.42  ? 100 THR A CA  1 
ATOM   737  C C   . THR A 1 100 ? -10.304 5.391   12.274  1.00 102.40 ? 100 THR A C   1 
ATOM   738  O O   . THR A 1 100 ? -10.487 5.831   13.418  1.00 97.40  ? 100 THR A O   1 
ATOM   739  C CB  . THR A 1 100 ? -10.660 7.298   10.642  1.00 43.52  ? 100 THR A CB  1 
ATOM   740  O OG1 . THR A 1 100 ? -11.018 8.270   11.637  1.00 76.40  ? 100 THR A OG1 1 
ATOM   741  C CG2 . THR A 1 100 ? -11.361 7.664   9.349   1.00 49.86  ? 100 THR A CG2 1 
ATOM   742  N N   . HIS A 1 101 ? -9.437  4.420   12.007  1.00 90.24  ? 101 HIS A N   1 
ATOM   743  C CA  . HIS A 1 101 ? -8.608  3.854   13.061  1.00 89.75  ? 101 HIS A CA  1 
ATOM   744  C C   . HIS A 1 101 ? -7.301  4.631   13.143  1.00 97.11  ? 101 HIS A C   1 
ATOM   745  O O   . HIS A 1 101 ? -6.492  4.605   12.208  1.00 87.02  ? 101 HIS A O   1 
ATOM   746  C CB  . HIS A 1 101 ? -8.344  2.363   12.819  1.00 79.23  ? 101 HIS A CB  1 
ATOM   747  N N   . GLY A 1 102 ? -7.043  5.246   14.294  1.00 97.44  ? 102 GLY A N   1 
ATOM   748  C CA  . GLY A 1 102 ? -5.895  6.114   14.503  1.00 87.82  ? 102 GLY A CA  1 
ATOM   749  C C   . GLY A 1 102 ? -5.857  7.384   13.682  1.00 77.13  ? 102 GLY A C   1 
ATOM   750  O O   . GLY A 1 102 ? -6.844  8.098   13.623  1.00 73.75  ? 102 GLY A O   1 
ATOM   751  N N   . LEU A 1 103 ? -4.718  7.678   13.067  1.00 71.24  ? 103 LEU A N   1 
ATOM   752  C CA  . LEU A 1 103 ? -4.533  8.805   12.173  1.00 51.58  ? 103 LEU A CA  1 
ATOM   753  C C   . LEU A 1 103 ? -4.937  8.316   10.810  1.00 51.47  ? 103 LEU A C   1 
ATOM   754  O O   . LEU A 1 103 ? -4.374  7.372   10.311  1.00 47.14  ? 103 LEU A O   1 
ATOM   755  C CB  . LEU A 1 103 ? -3.084  9.247   12.151  1.00 60.92  ? 103 LEU A CB  1 
ATOM   756  C CG  . LEU A 1 103 ? -2.794  10.638  11.616  1.00 49.51  ? 103 LEU A CG  1 
ATOM   757  C CD1 . LEU A 1 103 ? -3.456  11.655  12.496  1.00 59.89  ? 103 LEU A CD1 1 
ATOM   758  C CD2 . LEU A 1 103 ? -1.316  10.898  11.618  1.00 55.25  ? 103 LEU A CD2 1 
ATOM   759  N N   . PRO A 1 104 ? -6.056  8.917   10.218  1.00 43.65  ? 104 PRO A N   1 
ATOM   760  C CA  . PRO A 1 104 ? -6.405  8.324   8.930   1.00 40.92  ? 104 PRO A CA  1 
ATOM   761  C C   . PRO A 1 104 ? -5.380  8.546   7.840   1.00 34.08  ? 104 PRO A C   1 
ATOM   762  O O   . PRO A 1 104 ? -4.651  9.495   7.830   1.00 33.88  ? 104 PRO A O   1 
ATOM   763  C CB  . PRO A 1 104 ? -7.744  8.933   8.579   1.00 43.87  ? 104 PRO A CB  1 
ATOM   764  C CG  . PRO A 1 104 ? -7.800  10.191  9.263   1.00 68.36  ? 104 PRO A CG  1 
ATOM   765  C CD  . PRO A 1 104 ? -7.162  9.939   10.560  1.00 43.10  ? 104 PRO A CD  1 
ATOM   766  N N   . LEU A 1 105 ? -5.359  7.603   6.932   1.00 31.15  ? 105 LEU A N   1 
ATOM   767  C CA  . LEU A 1 105 ? -4.462  7.627   5.817   1.00 29.71  ? 105 LEU A CA  1 
ATOM   768  C C   . LEU A 1 105 ? -4.741  8.853   4.961   1.00 33.17  ? 105 LEU A C   1 
ATOM   769  O O   . LEU A 1 105 ? -3.864  9.382   4.343   1.00 27.48  ? 105 LEU A O   1 
ATOM   770  C CB  . LEU A 1 105 ? -4.576  6.336   5.035   1.00 28.61  ? 105 LEU A CB  1 
ATOM   771  C CG  . LEU A 1 105 ? -3.598  6.175   3.888   1.00 32.62  ? 105 LEU A CG  1 
ATOM   772  C CD1 . LEU A 1 105 ? -2.171  6.171   4.366   1.00 33.11  ? 105 LEU A CD1 1 
ATOM   773  C CD2 . LEU A 1 105 ? -3.866  4.957   3.037   1.00 31.18  ? 105 LEU A CD2 1 
ATOM   774  N N   . ARG A 1 106 ? -5.986  9.278   4.907   1.00 30.52  ? 106 ARG A N   1 
ATOM   775  C CA  . ARG A 1 106 ? -6.293  10.513  4.174   1.00 28.19  ? 106 ARG A CA  1 
ATOM   776  C C   . ARG A 1 106 ? -5.436  11.711  4.592   1.00 29.80  ? 106 ARG A C   1 
ATOM   777  O O   . ARG A 1 106 ? -5.009  12.520  3.754   1.00 31.12  ? 106 ARG A O   1 
ATOM   778  C CB  . ARG A 1 106 ? -7.783  10.883  4.351   1.00 31.11  ? 106 ARG A CB  1 
ATOM   779  C CG  . ARG A 1 106 ? -8.190  12.151  3.589   1.00 33.69  ? 106 ARG A CG  1 
ATOM   780  C CD  . ARG A 1 106 ? -9.748  12.368  3.644   1.00 30.13  ? 106 ARG A CD  1 
ATOM   781  N NE  . ARG A 1 106 ? -10.164 12.710  4.988   1.00 39.22  ? 106 ARG A NE  1 
ATOM   782  C CZ  . ARG A 1 106 ? -10.361 13.946  5.449   1.00 50.97  ? 106 ARG A CZ  1 
ATOM   783  N NH1 . ARG A 1 106 ? -10.204 15.018  4.665   1.00 37.70  ? 106 ARG A NH1 1 
ATOM   784  N NH2 . ARG A 1 106 ? -10.725 14.110  6.709   1.00 47.13  ? 106 ARG A NH2 1 
ATOM   785  N N   . ILE A 1 107 ? -5.222  11.860  5.880   1.00 30.20  ? 107 ILE A N   1 
ATOM   786  C CA  . ILE A 1 107 ? -4.405  12.940  6.395   1.00 30.71  ? 107 ILE A CA  1 
ATOM   787  C C   . ILE A 1 107 ? -2.947  12.798  5.991   1.00 32.84  ? 107 ILE A C   1 
ATOM   788  O O   . ILE A 1 107 ? -2.352  13.713  5.509   1.00 31.85  ? 107 ILE A O   1 
ATOM   789  C CB  . ILE A 1 107 ? -4.440  12.977  7.918   1.00 38.29  ? 107 ILE A CB  1 
ATOM   790  C CG1 . ILE A 1 107 ? -5.869  13.064  8.445   1.00 40.57  ? 107 ILE A CG1 1 
ATOM   791  C CG2 . ILE A 1 107 ? -3.602  14.113  8.440   1.00 37.87  ? 107 ILE A CG2 1 
ATOM   792  C CD1 . ILE A 1 107 ? -6.693  14.154  7.847   1.00 38.75  ? 107 ILE A CD1 1 
ATOM   793  N N   . VAL A 1 108 ? -2.427  11.593  6.144   1.00 31.52  ? 108 VAL A N   1 
ATOM   794  C CA  . VAL A 1 108 ? -1.054  11.294  5.701   1.00 27.51  ? 108 VAL A CA  1 
ATOM   795  C C   . VAL A 1 108 ? -0.868  11.600  4.218   1.00 33.27  ? 108 VAL A C   1 
ATOM   796  O O   . VAL A 1 108 ? 0.065   12.297  3.836   1.00 30.51  ? 108 VAL A O   1 
ATOM   797  C CB  . VAL A 1 108 ? -0.690  9.825   6.003   1.00 30.34  ? 108 VAL A CB  1 
ATOM   798  C CG1 . VAL A 1 108 ? 0.707   9.502   5.446   1.00 28.87  ? 108 VAL A CG1 1 
ATOM   799  C CG2 . VAL A 1 108 ? -0.741  9.582   7.507   1.00 32.13  ? 108 VAL A CG2 1 
ATOM   800  N N   . ALA A 1 109 ? -1.741  11.057  3.378   1.00 29.70  ? 109 ALA A N   1 
ATOM   801  C CA  . ALA A 1 109 ? -1.694  11.226  1.942   1.00 30.61  ? 109 ALA A CA  1 
ATOM   802  C C   . ALA A 1 109 ? -1.831  12.686  1.506   1.00 30.39  ? 109 ALA A C   1 
ATOM   803  O O   . ALA A 1 109 ? -1.158  13.119  0.583   1.00 29.57  ? 109 ALA A O   1 
ATOM   804  C CB  . ALA A 1 109 ? -2.823  10.345  1.278   1.00 31.63  ? 109 ALA A CB  1 
ATOM   805  N N   . SER A 1 110 ? -2.732  13.426  2.173   1.00 29.08  ? 110 SER A N   1 
ATOM   806  C CA  . SER A 1 110 ? -2.917  14.854  1.863   1.00 27.41  ? 110 SER A CA  1 
ATOM   807  C C   . SER A 1 110 ? -1.652  15.664  2.184   1.00 30.88  ? 110 SER A C   1 
ATOM   808  O O   . SER A 1 110 ? -1.256  16.537  1.422   1.00 32.72  ? 110 SER A O   1 
ATOM   809  C CB  . SER A 1 110 ? -4.095  15.441  2.647   1.00 34.17  ? 110 SER A CB  1 
ATOM   810  O OG  . SER A 1 110 ? -5.316  14.763  2.302   1.00 35.34  ? 110 SER A OG  1 
ATOM   811  N N   . TYR A 1 111 ? -1.061  15.376  3.342   1.00 29.19  ? 111 TYR A N   1 
ATOM   812  C CA  . TYR A 1 111 ? 0.225   16.039  3.663   1.00 28.79  ? 111 TYR A CA  1 
ATOM   813  C C   . TYR A 1 111 ? 1.311   15.724  2.631   1.00 32.10  ? 111 TYR A C   1 
ATOM   814  O O   . TYR A 1 111 ? 1.978   16.635  2.106   1.00 31.55  ? 111 TYR A O   1 
ATOM   815  C CB  . TYR A 1 111 ? 0.672   15.614  5.050   1.00 28.03  ? 111 TYR A CB  1 
ATOM   816  C CG  . TYR A 1 111 ? 2.011   16.180  5.440   1.00 40.28  ? 111 TYR A CG  1 
ATOM   817  C CD1 . TYR A 1 111 ? 2.119   17.486  5.889   1.00 55.45  ? 111 TYR A CD1 1 
ATOM   818  C CD2 . TYR A 1 111 ? 3.155   15.410  5.364   1.00 40.69  ? 111 TYR A CD2 1 
ATOM   819  C CE1 . TYR A 1 111 ? 3.338   18.020  6.255   1.00 48.45  ? 111 TYR A CE1 1 
ATOM   820  C CE2 . TYR A 1 111 ? 4.403   15.947  5.728   1.00 43.55  ? 111 TYR A CE2 1 
ATOM   821  C CZ  . TYR A 1 111 ? 4.474   17.249  6.180   1.00 51.32  ? 111 TYR A CZ  1 
ATOM   822  O OH  . TYR A 1 111 ? 5.690   17.795  6.550   1.00 44.96  ? 111 TYR A OH  1 
ATOM   823  N N   . ILE A 1 112 ? 1.503   14.442  2.321   1.00 30.68  ? 112 ILE A N   1 
ATOM   824  C CA  . ILE A 1 112 ? 2.508   14.077  1.312   1.00 30.22  ? 112 ILE A CA  1 
ATOM   825  C C   . ILE A 1 112 ? 2.295   14.780  -0.041  1.00 35.46  ? 112 ILE A C   1 
ATOM   826  O O   . ILE A 1 112 ? 3.240   15.347  -0.631  1.00 34.13  ? 112 ILE A O   1 
ATOM   827  C CB  . ILE A 1 112 ? 2.555   12.538  1.088   1.00 31.59  ? 112 ILE A CB  1 
ATOM   828  C CG1 . ILE A 1 112 ? 2.992   11.841  2.390   1.00 31.43  ? 112 ILE A CG1 1 
ATOM   829  C CG2 . ILE A 1 112 ? 3.451   12.234  -0.156  1.00 33.61  ? 112 ILE A CG2 1 
ATOM   830  C CD1 . ILE A 1 112 ? 2.825   10.315  2.424   1.00 31.35  ? 112 ILE A CD1 1 
ATOM   831  N N   . LYS A 1 113 ? 1.049   14.828  -0.510  1.00 28.76  ? 113 LYS A N   1 
ATOM   832  C CA  . LYS A 1 113 ? 0.752   15.413  -1.808  1.00 25.98  ? 113 LYS A CA  1 
ATOM   833  C C   . LYS A 1 113 ? 0.978   16.917  -1.775  1.00 31.23  ? 113 LYS A C   1 
ATOM   834  O O   . LYS A 1 113 ? 1.490   17.510  -2.744  1.00 33.25  ? 113 LYS A O   1 
ATOM   835  C CB  . LYS A 1 113 ? -0.709  15.081  -2.262  1.00 25.55  ? 113 LYS A CB  1 
ATOM   836  C CG  . LYS A 1 113 ? -0.929  15.611  -3.649  1.00 35.91  ? 113 LYS A CG  1 
ATOM   837  C CD  . LYS A 1 113 ? -2.165  15.060  -4.305  1.00 37.32  ? 113 LYS A CD  1 
ATOM   838  C CE  . LYS A 1 113 ? -2.149  15.463  -5.761  1.00 36.34  ? 113 LYS A CE  1 
ATOM   839  N NZ  . LYS A 1 113 ? -3.297  14.872  -6.518  1.00 42.45  ? 113 LYS A NZ  1 
ATOM   840  N N   . GLU A 1 114 ? 0.653   17.543  -0.653  1.00 30.12  ? 114 GLU A N   1 
ATOM   841  C CA  . GLU A 1 114 ? 0.879   18.982  -0.551  1.00 32.71  ? 114 GLU A CA  1 
ATOM   842  C C   . GLU A 1 114 ? 2.368   19.255  -0.670  1.00 38.99  ? 114 GLU A C   1 
ATOM   843  O O   . GLU A 1 114 ? 2.777   20.149  -1.424  1.00 40.17  ? 114 GLU A O   1 
ATOM   844  C CB  . GLU A 1 114 ? 0.357   19.541  0.765   1.00 35.61  ? 114 GLU A CB  1 
ATOM   845  C CG  . GLU A 1 114 ? 0.103   21.060  0.738   1.00 44.97  ? 114 GLU A CG  1 
ATOM   846  C CD  . GLU A 1 114 ? 1.381   21.891  0.709   1.00 101.22 ? 114 GLU A CD  1 
ATOM   847  O OE1 . GLU A 1 114 ? 2.364   21.468  1.354   1.00 69.93  ? 114 GLU A OE1 1 
ATOM   848  O OE2 . GLU A 1 114 ? 1.403   22.963  0.058   1.00 92.87  ? 114 GLU A OE2 1 
ATOM   849  N N   . GLN A 1 115 ? 3.148   18.475  0.075   1.00 34.34  ? 115 GLN A N   1 
ATOM   850  C CA  . GLN A 1 115 ? 4.620   18.653  0.130   1.00 32.38  ? 115 GLN A CA  1 
ATOM   851  C C   . GLN A 1 115 ? 5.340   18.361  -1.171  1.00 40.75  ? 115 GLN A C   1 
ATOM   852  O O   . GLN A 1 115 ? 6.375   18.984  -1.462  1.00 41.62  ? 115 GLN A O   1 
ATOM   853  C CB  . GLN A 1 115 ? 5.202   17.761  1.226   1.00 35.05  ? 115 GLN A CB  1 
ATOM   854  C CG  . GLN A 1 115 ? 4.800   18.139  2.645   1.00 43.88  ? 115 GLN A CG  1 
ATOM   855  C CD  . GLN A 1 115 ? 5.262   19.533  3.010   1.00 77.73  ? 115 GLN A CD  1 
ATOM   856  O OE1 . GLN A 1 115 ? 6.208   20.052  2.425   1.00 68.44  ? 115 GLN A OE1 1 
ATOM   857  N NE2 . GLN A 1 115 ? 4.597   20.147  3.979   1.00 71.53  ? 115 GLN A NE2 1 
ATOM   858  N N   . THR A 1 116 ? 4.826   17.432  -1.962  1.00 34.51  ? 116 THR A N   1 
ATOM   859  C CA  . THR A 1 116 ? 5.552   16.889  -3.114  1.00 32.73  ? 116 THR A CA  1 
ATOM   860  C C   . THR A 1 116 ? 4.904   17.049  -4.479  1.00 38.50  ? 116 THR A C   1 
ATOM   861  O O   . THR A 1 116 ? 5.563   16.903  -5.500  1.00 34.12  ? 116 THR A O   1 
ATOM   862  C CB  . THR A 1 116 ? 5.759   15.380  -2.965  1.00 33.50  ? 116 THR A CB  1 
ATOM   863  O OG1 . THR A 1 116 ? 4.466   14.753  -2.973  1.00 33.55  ? 116 THR A OG1 1 
ATOM   864  C CG2 . THR A 1 116 ? 6.435   15.042  -1.656  1.00 39.85  ? 116 THR A CG2 1 
ATOM   865  N N   . GLY A 1 117 ? 3.582   17.226  -4.510  1.00 34.44  ? 117 GLY A N   1 
ATOM   866  C CA  . GLY A 1 117 ? 2.871   17.175  -5.779  1.00 39.45  ? 117 GLY A CA  1 
ATOM   867  C C   . GLY A 1 117 ? 2.643   15.773  -6.311  1.00 35.67  ? 117 GLY A C   1 
ATOM   868  O O   . GLY A 1 117 ? 2.140   15.598  -7.419  1.00 33.76  ? 117 GLY A O   1 
ATOM   869  N N   . SER A 1 118 ? 3.007   14.752  -5.530  1.00 29.90  ? 118 SER A N   1 
ATOM   870  C CA  . SER A 1 118 ? 2.900   13.374  -6.007  1.00 25.15  ? 118 SER A CA  1 
ATOM   871  C C   . SER A 1 118 ? 1.445   12.930  -6.148  1.00 22.93  ? 118 SER A C   1 
ATOM   872  O O   . SER A 1 118 ? 0.649   13.305  -5.325  1.00 31.14  ? 118 SER A O   1 
ATOM   873  C CB  . SER A 1 118 ? 3.608   12.432  -5.027  1.00 27.81  ? 118 SER A CB  1 
ATOM   874  O OG  . SER A 1 118 ? 3.668   11.113  -5.531  1.00 26.18  ? 118 SER A OG  1 
ATOM   875  N N   . ASP A 1 119 ? 1.138   12.135  -7.162  1.00 24.66  ? 119 ASP A N   1 
ATOM   876  C CA  . ASP A 1 119 ? -0.128  11.364  -7.089  1.00 23.35  ? 119 ASP A CA  1 
ATOM   877  C C   . ASP A 1 119 ? -0.045  10.384  -5.947  1.00 28.24  ? 119 ASP A C   1 
ATOM   878  O O   . ASP A 1 119 ? 1.028   9.859   -5.646  1.00 26.26  ? 119 ASP A O   1 
ATOM   879  C CB  . ASP A 1 119 ? -0.359  10.624  -8.388  1.00 27.83  ? 119 ASP A CB  1 
ATOM   880  C CG  . ASP A 1 119 ? -0.847  11.542  -9.494  1.00 79.59  ? 119 ASP A CG  1 
ATOM   881  O OD1 . ASP A 1 119 ? -1.342  12.643  -9.176  1.00 57.66  ? 119 ASP A OD1 1 
ATOM   882  O OD2 . ASP A 1 119 ? -0.738  11.171  -10.677 1.00 58.74  ? 119 ASP A OD2 1 
ATOM   883  N N   . ILE A 1 120 ? -1.194  10.075  -5.324  1.00 24.58  ? 120 ILE A N   1 
ATOM   884  C CA  . ILE A 1 120 ? -1.200  9.092   -4.261  1.00 22.87  ? 120 ILE A CA  1 
ATOM   885  C C   . ILE A 1 120 ? -2.259  8.065   -4.589  1.00 27.16  ? 120 ILE A C   1 
ATOM   886  O O   . ILE A 1 120 ? -3.384  8.450   -4.910  1.00 27.22  ? 120 ILE A O   1 
ATOM   887  C CB  . ILE A 1 120 ? -1.552  9.700   -2.899  1.00 26.09  ? 120 ILE A CB  1 
ATOM   888  C CG1 . ILE A 1 120 ? -0.883  11.087  -2.704  1.00 28.02  ? 120 ILE A CG1 1 
ATOM   889  C CG2 . ILE A 1 120 ? -1.272  8.695   -1.769  1.00 23.97  ? 120 ILE A CG2 1 
ATOM   890  C CD1 . ILE A 1 120 ? 0.615   11.025  -2.447  1.00 30.06  ? 120 ILE A CD1 1 
ATOM   891  N N   . VAL A 1 121 ? -1.947  6.782   -4.436  1.00 21.33  ? 121 VAL A N   1 
ATOM   892  C CA  . VAL A 1 121 ? -2.999  5.755   -4.624  1.00 21.13  ? 121 VAL A CA  1 
ATOM   893  C C   . VAL A 1 121 ? -2.954  4.755   -3.459  1.00 22.49  ? 121 VAL A C   1 
ATOM   894  O O   . VAL A 1 121 ? -1.900  4.609   -2.806  1.00 22.64  ? 121 VAL A O   1 
ATOM   895  C CB  . VAL A 1 121 ? -2.816  5.070   -5.973  1.00 31.35  ? 121 VAL A CB  1 
ATOM   896  C CG1 . VAL A 1 121 ? -1.547  4.279   -6.008  1.00 35.46  ? 121 VAL A CG1 1 
ATOM   897  C CG2 . VAL A 1 121 ? -3.955  4.185   -6.284  1.00 30.03  ? 121 VAL A CG2 1 
ATOM   898  N N   . LEU A 1 122 ? -4.106  4.115   -3.141  1.00 20.96  ? 122 LEU A N   1 
ATOM   899  C CA  . LEU A 1 122 ? -4.151  3.024   -2.181  1.00 26.37  ? 122 LEU A CA  1 
ATOM   900  C C   . LEU A 1 122 ? -4.536  1.753   -2.903  1.00 25.13  ? 122 LEU A C   1 
ATOM   901  O O   . LEU A 1 122 ? -5.532  1.744   -3.643  1.00 23.51  ? 122 LEU A O   1 
ATOM   902  C CB  . LEU A 1 122 ? -5.159  3.339   -1.065  1.00 21.72  ? 122 LEU A CB  1 
ATOM   903  C CG  . LEU A 1 122 ? -5.588  2.206   -0.123  1.00 27.43  ? 122 LEU A CG  1 
ATOM   904  C CD1 . LEU A 1 122 ? -4.418  1.672   0.681   1.00 25.23  ? 122 LEU A CD1 1 
ATOM   905  C CD2 . LEU A 1 122 ? -6.715  2.724   0.794   1.00 28.57  ? 122 LEU A CD2 1 
ATOM   906  N N   . ILE A 1 123 ? -3.748  0.688   -2.766  1.00 23.03  ? 123 ILE A N   1 
ATOM   907  C CA  . ILE A 1 123 ? -4.171  -0.624  -3.232  1.00 21.69  ? 123 ILE A CA  1 
ATOM   908  C C   . ILE A 1 123 ? -4.543  -1.461  -1.999  1.00 24.84  ? 123 ILE A C   1 
ATOM   909  O O   . ILE A 1 123 ? -3.678  -1.727  -1.160  1.00 24.05  ? 123 ILE A O   1 
ATOM   910  C CB  . ILE A 1 123 ? -3.085  -1.357  -4.061  1.00 24.72  ? 123 ILE A CB  1 
ATOM   911  C CG1 . ILE A 1 123 ? -2.655  -0.491  -5.244  1.00 21.85  ? 123 ILE A CG1 1 
ATOM   912  C CG2 . ILE A 1 123 ? -3.638  -2.755  -4.538  1.00 27.44  ? 123 ILE A CG2 1 
ATOM   913  C CD1 . ILE A 1 123 ? -1.368  -1.029  -5.910  1.00 28.19  ? 123 ILE A CD1 1 
ATOM   914  N N   . GLY A 1 124 ? -5.801  -1.890  -1.905  1.00 22.34  ? 124 GLY A N   1 
ATOM   915  C CA  . GLY A 1 124 ? -6.240  -2.680  -0.768  1.00 23.05  ? 124 GLY A CA  1 
ATOM   916  C C   . GLY A 1 124 ? -6.534  -4.116  -1.153  1.00 23.76  ? 124 GLY A C   1 
ATOM   917  O O   . GLY A 1 124 ? -6.820  -4.410  -2.308  1.00 25.48  ? 124 GLY A O   1 
ATOM   918  N N   . CYS A 1 125 ? -6.472  -5.012  -0.175  1.00 22.93  ? 125 CYS A N   1 
ATOM   919  C CA  . CYS A 1 125 ? -6.892  -6.391  -0.395  1.00 21.67  ? 125 CYS A CA  1 
ATOM   920  C C   . CYS A 1 125 ? -7.828  -6.754  0.744   1.00 22.53  ? 125 CYS A C   1 
ATOM   921  O O   . CYS A 1 125 ? -7.529  -6.442  1.878   1.00 22.92  ? 125 CYS A O   1 
ATOM   922  C CB  . CYS A 1 125 ? -5.671  -7.318  -0.415  1.00 24.75  ? 125 CYS A CB  1 
ATOM   923  S SG  . CYS A 1 125 ? -6.081  -9.017  -0.795  1.00 29.61  ? 125 CYS A SG  1 
ATOM   924  N N   . GLN A 1 126 ? -8.985  -7.345  0.448   1.00 23.25  ? 126 GLN A N   1 
ATOM   925  C CA  . GLN A 1 126 ? -9.977  -7.672  1.501   1.00 25.20  ? 126 GLN A CA  1 
ATOM   926  C C   . GLN A 1 126 ? -9.495  -8.814  2.412   1.00 22.61  ? 126 GLN A C   1 
ATOM   927  O O   . GLN A 1 126 ? -9.227  -9.899  1.936   1.00 25.53  ? 126 GLN A O   1 
ATOM   928  C CB  . GLN A 1 126 ? -11.305 -8.049  0.824   1.00 22.01  ? 126 GLN A CB  1 
ATOM   929  C CG  . GLN A 1 126 ? -12.337 -8.625  1.785   1.00 22.12  ? 126 GLN A CG  1 
ATOM   930  C CD  . GLN A 1 126 ? -12.937 -7.542  2.607   1.00 25.53  ? 126 GLN A CD  1 
ATOM   931  O OE1 . GLN A 1 126 ? -13.432 -6.531  2.067   1.00 26.90  ? 126 GLN A OE1 1 
ATOM   932  N NE2 . GLN A 1 126 ? -12.900 -7.709  3.923   1.00 26.23  ? 126 GLN A NE2 1 
ATOM   933  N N   . PRO A 1 127 ? -9.368  -8.557  3.722   1.00 24.21  ? 127 PRO A N   1 
ATOM   934  C CA  . PRO A 1 127 ? -8.949  -9.632  4.634   1.00 21.37  ? 127 PRO A CA  1 
ATOM   935  C C   . PRO A 1 127 ? -10.118 -10.468 5.098   1.00 25.20  ? 127 PRO A C   1 
ATOM   936  O O   . PRO A 1 127 ? -11.248 -10.009 5.091   1.00 27.14  ? 127 PRO A O   1 
ATOM   937  C CB  . PRO A 1 127 ? -8.365  -8.882  5.825   1.00 24.82  ? 127 PRO A CB  1 
ATOM   938  C CG  . PRO A 1 127 ? -9.191  -7.624  5.898   1.00 25.44  ? 127 PRO A CG  1 
ATOM   939  C CD  . PRO A 1 127 ? -9.470  -7.259  4.419   1.00 24.86  ? 127 PRO A CD  1 
ATOM   940  N N   . GLY A 1 128 ? -9.796  -11.651 5.577   1.00 22.07  ? 128 GLY A N   1 
ATOM   941  C CA  . GLY A 1 128 ? -10.817 -12.583 6.067   1.00 29.35  ? 128 GLY A CA  1 
ATOM   942  C C   . GLY A 1 128 ? -10.699 -12.879 7.531   1.00 39.88  ? 128 GLY A C   1 
ATOM   943  O O   . GLY A 1 128 ? -11.668 -13.284 8.154   1.00 34.78  ? 128 GLY A O   1 
ATOM   944  N N   . SER A 1 129 ? -9.517  -12.700 8.097   1.00 33.95  ? 129 SER A N   1 
ATOM   945  C CA  . SER A 1 129 ? -9.329  -12.946 9.526   1.00 31.08  ? 129 SER A CA  1 
ATOM   946  C C   . SER A 1 129 ? -8.204  -12.054 10.044  1.00 30.17  ? 129 SER A C   1 
ATOM   947  O O   . SER A 1 129 ? -7.137  -12.077 9.470   1.00 36.35  ? 129 SER A O   1 
ATOM   948  C CB  . SER A 1 129 ? -8.966  -14.397 9.763   1.00 32.90  ? 129 SER A CB  1 
ATOM   949  O OG  . SER A 1 129 ? -8.946  -14.654 11.171  1.00 36.21  ? 129 SER A OG  1 
ATOM   950  N N   . THR A 1 130 ? -8.442  -11.247 11.066  1.00 31.79  ? 130 THR A N   1 
ATOM   951  C CA  . THR A 1 130 ? -7.406  -10.358 11.582  1.00 30.60  ? 130 THR A CA  1 
ATOM   952  C C   . THR A 1 130 ? -7.118  -10.530 13.071  1.00 36.21  ? 130 THR A C   1 
ATOM   953  O O   . THR A 1 130 ? -6.909  -9.565  13.780  1.00 34.10  ? 130 THR A O   1 
ATOM   954  C CB  . THR A 1 130 ? -7.669  -8.877  11.268  1.00 38.90  ? 130 THR A CB  1 
ATOM   955  O OG1 . THR A 1 130 ? -8.905  -8.470  11.855  1.00 44.11  ? 130 THR A OG1 1 
ATOM   956  C CG2 . THR A 1 130 ? -7.730  -8.661  9.778   1.00 30.94  ? 130 THR A CG2 1 
ATOM   957  N N   . GLY A 1 131 ? -7.158  -11.769 13.535  1.00 36.65  ? 131 GLY A N   1 
ATOM   958  C CA  . GLY A 1 131 ? -6.895  -12.076 14.925  1.00 38.55  ? 131 GLY A CA  1 
ATOM   959  C C   . GLY A 1 131 ? -5.470  -11.810 15.368  1.00 42.10  ? 131 GLY A C   1 
ATOM   960  O O   . GLY A 1 131 ? -4.528  -11.962 14.608  1.00 35.63  ? 131 GLY A O   1 
ATOM   961  N N   . LEU A 1 132 ? -5.322  -11.410 16.620  1.00 33.42  ? 132 LEU A N   1 
ATOM   962  C CA  . LEU A 1 132 ? -4.007  -11.165 17.181  1.00 31.92  ? 132 LEU A CA  1 
ATOM   963  C C   . LEU A 1 132 ? -3.263  -12.505 17.325  1.00 38.29  ? 132 LEU A C   1 
ATOM   964  O O   . LEU A 1 132 ? -3.842  -13.518 17.717  1.00 40.40  ? 132 LEU A O   1 
ATOM   965  C CB  . LEU A 1 132 ? -4.147  -10.436 18.515  1.00 43.38  ? 132 LEU A CB  1 
ATOM   966  C CG  . LEU A 1 132 ? -2.927  -9.746  19.106  1.00 44.79  ? 132 LEU A CG  1 
ATOM   967  C CD1 . LEU A 1 132 ? -2.205  -8.880  18.075  1.00 47.51  ? 132 LEU A CD1 1 
ATOM   968  C CD2 . LEU A 1 132 ? -3.370  -8.895  20.275  1.00 61.16  ? 132 LEU A CD2 1 
ATOM   969  N N   . PHE A 1 133 ? -1.997  -12.484 16.976  1.00 34.20  ? 133 PHE A N   1 
ATOM   970  C CA  . PHE A 1 133 ? -1.054  -13.589 16.930  1.00 33.67  ? 133 PHE A CA  1 
ATOM   971  C C   . PHE A 1 133 ? -1.551  -14.716 16.035  1.00 51.86  ? 133 PHE A C   1 
ATOM   972  O O   . PHE A 1 133 ? -1.334  -15.886 16.323  1.00 43.05  ? 133 PHE A O   1 
ATOM   973  C CB  . PHE A 1 133 ? -0.745  -14.110 18.345  1.00 34.63  ? 133 PHE A CB  1 
ATOM   974  C CG  . PHE A 1 133 ? 0.641   -14.633 18.482  1.00 36.29  ? 133 PHE A CG  1 
ATOM   975  C CD1 . PHE A 1 133 ? 1.698   -13.759 18.660  1.00 43.29  ? 133 PHE A CD1 1 
ATOM   976  C CD2 . PHE A 1 133 ? 0.901   -15.978 18.395  1.00 61.48  ? 133 PHE A CD2 1 
ATOM   977  C CE1 . PHE A 1 133 ? 2.989   -14.219 18.759  1.00 49.72  ? 133 PHE A CE1 1 
ATOM   978  C CE2 . PHE A 1 133 ? 2.184   -16.446 18.499  1.00 70.90  ? 133 PHE A CE2 1 
ATOM   979  C CZ  . PHE A 1 133 ? 3.223   -15.575 18.690  1.00 63.33  ? 133 PHE A CZ  1 
ATOM   980  N N   . GLU A 1 134 ? -2.111  -14.307 14.901  1.00 44.78  ? 134 GLU A N   1 
ATOM   981  C CA  . GLU A 1 134 ? -2.500  -15.226 13.819  1.00 36.28  ? 134 GLU A CA  1 
ATOM   982  C C   . GLU A 1 134 ? -1.542  -15.056 12.656  1.00 37.38  ? 134 GLU A C   1 
ATOM   983  O O   . GLU A 1 134 ? -1.072  -13.953 12.372  1.00 37.09  ? 134 GLU A O   1 
ATOM   984  C CB  . GLU A 1 134 ? -3.944  -14.969 13.321  1.00 35.37  ? 134 GLU A CB  1 
ATOM   985  C CG  . GLU A 1 134 ? -5.089  -15.578 14.131  1.00 52.45  ? 134 GLU A CG  1 
ATOM   986  C CD  . GLU A 1 134 ? -6.456  -15.266 13.518  1.00 51.92  ? 134 GLU A CD  1 
ATOM   987  O OE1 . GLU A 1 134 ? -6.486  -14.604 12.442  1.00 49.60  ? 134 GLU A OE1 1 
ATOM   988  O OE2 . GLU A 1 134 ? -7.494  -15.666 14.104  1.00 65.28  ? 134 GLU A OE2 1 
ATOM   989  N N   . GLU A 1 135 ? -1.263  -16.156 11.971  1.00 36.25  ? 135 GLU A N   1 
ATOM   990  C CA  . GLU A 1 135 ? -0.537  -16.128 10.713  1.00 39.49  ? 135 GLU A CA  1 
ATOM   991  C C   . GLU A 1 135 ? -1.493  -15.617 9.638   1.00 28.67  ? 135 GLU A C   1 
ATOM   992  O O   . GLU A 1 135 ? -2.713  -15.756 9.793   1.00 33.64  ? 135 GLU A O   1 
ATOM   993  C CB  . GLU A 1 135 ? -0.044  -17.538 10.405  1.00 51.94  ? 135 GLU A CB  1 
ATOM   994  C CG  . GLU A 1 135 ? 0.789   -17.741 9.190   1.00 72.30  ? 135 GLU A CG  1 
ATOM   995  C CD  . GLU A 1 135 ? 1.219   -19.189 9.082   1.00 88.52  ? 135 GLU A CD  1 
ATOM   996  O OE1 . GLU A 1 135 ? 0.810   -19.989 9.955   1.00 92.25  ? 135 GLU A OE1 1 
ATOM   997  O OE2 . GLU A 1 135 ? 1.958   -19.529 8.136   1.00 127.86 ? 135 GLU A OE2 1 
ATOM   998  N N   . PRO A 1 136 ? -0.972  -15.015 8.549   1.00 30.59  ? 136 PRO A N   1 
ATOM   999  C CA  . PRO A 1 136 ? -1.926  -14.723 7.471   1.00 33.81  ? 136 PRO A CA  1 
ATOM   1000 C C   . PRO A 1 136 ? -2.475  -15.996 6.833   1.00 40.70  ? 136 PRO A C   1 
ATOM   1001 O O   . PRO A 1 136 ? -1.803  -17.016 6.853   1.00 35.13  ? 136 PRO A O   1 
ATOM   1002 C CB  . PRO A 1 136 ? -1.097  -13.914 6.458   1.00 30.14  ? 136 PRO A CB  1 
ATOM   1003 C CG  . PRO A 1 136 ? 0.354   -14.189 6.836   1.00 35.93  ? 136 PRO A CG  1 
ATOM   1004 C CD  . PRO A 1 136 ? 0.343   -14.390 8.310   1.00 32.96  ? 136 PRO A CD  1 
ATOM   1005 N N   . SER A 1 137 ? -3.633  -15.919 6.224   1.00 29.96  ? 137 SER A N   1 
ATOM   1006 C CA  . SER A 1 137 ? -4.180  -17.028 5.495   1.00 25.93  ? 137 SER A CA  1 
ATOM   1007 C C   . SER A 1 137 ? -3.343  -17.332 4.279   1.00 37.31  ? 137 SER A C   1 
ATOM   1008 O O   . SER A 1 137 ? -2.629  -16.515 3.822   1.00 29.71  ? 137 SER A O   1 
ATOM   1009 C CB  . SER A 1 137 ? -5.614  -16.721 5.095   1.00 28.64  ? 137 SER A CB  1 
ATOM   1010 O OG  . SER A 1 137 ? -5.710  -15.718 4.136   1.00 28.20  ? 137 SER A OG  1 
ATOM   1011 N N   . GLU A 1 138 ? -3.412  -18.567 3.818   1.00 37.59  ? 138 GLU A N   1 
ATOM   1012 C CA  . GLU A 1 138 ? -2.747  -18.990 2.598   1.00 34.99  ? 138 GLU A CA  1 
ATOM   1013 C C   . GLU A 1 138 ? -3.158  -18.095 1.456   1.00 31.00  ? 138 GLU A C   1 
ATOM   1014 O O   . GLU A 1 138 ? -2.323  -17.682 0.649   1.00 31.56  ? 138 GLU A O   1 
ATOM   1015 C CB  . GLU A 1 138 ? -3.117  -20.433 2.265   1.00 43.12  ? 138 GLU A CB  1 
ATOM   1016 C CG  . GLU A 1 138 ? -2.784  -21.382 3.383   1.00 44.65  ? 138 GLU A CG  1 
ATOM   1017 C CD  . GLU A 1 138 ? -1.287  -21.421 3.641   1.00 88.06  ? 138 GLU A CD  1 
ATOM   1018 O OE1 . GLU A 1 138 ? -0.529  -21.465 2.651   1.00 90.60  ? 138 GLU A OE1 1 
ATOM   1019 O OE2 . GLU A 1 138 ? -0.871  -21.392 4.820   1.00 98.13  ? 138 GLU A OE2 1 
ATOM   1020 N N   . LEU A 1 139 ? -4.444  -17.787 1.402   1.00 29.63  ? 139 LEU A N   1 
ATOM   1021 C CA  . LEU A 1 139 ? -4.999  -16.979 0.316   1.00 29.40  ? 139 LEU A CA  1 
ATOM   1022 C C   . LEU A 1 139 ? -4.367  -15.576 0.296   1.00 28.00  ? 139 LEU A C   1 
ATOM   1023 O O   . LEU A 1 139 ? -3.920  -15.126 -0.730  1.00 28.41  ? 139 LEU A O   1 
ATOM   1024 C CB  . LEU A 1 139 ? -6.532  -16.876 0.443   1.00 27.90  ? 139 LEU A CB  1 
ATOM   1025 C CG  . LEU A 1 139 ? -7.220  -15.940 -0.560  1.00 30.91  ? 139 LEU A CG  1 
ATOM   1026 C CD1 . LEU A 1 139 ? -6.833  -16.267 -1.966  1.00 41.70  ? 139 LEU A CD1 1 
ATOM   1027 C CD2 . LEU A 1 139 ? -8.754  -16.130 -0.363  1.00 35.32  ? 139 LEU A CD2 1 
ATOM   1028 N N   . ILE A 1 140 ? -4.311  -14.924 1.434   1.00 25.11  ? 140 ILE A N   1 
ATOM   1029 C CA  . ILE A 1 140 ? -3.706  -13.615 1.521   1.00 23.13  ? 140 ILE A CA  1 
ATOM   1030 C C   . ILE A 1 140 ? -2.229  -13.655 1.196   1.00 31.21  ? 140 ILE A C   1 
ATOM   1031 O O   . ILE A 1 140 ? -1.738  -12.750 0.618   1.00 26.38  ? 140 ILE A O   1 
ATOM   1032 C CB  . ILE A 1 140 ? -3.982  -12.951 2.878   1.00 25.55  ? 140 ILE A CB  1 
ATOM   1033 C CG1 . ILE A 1 140 ? -5.425  -12.497 2.982   1.00 39.69  ? 140 ILE A CG1 1 
ATOM   1034 C CG2 . ILE A 1 140 ? -3.056  -11.792 3.179   1.00 28.92  ? 140 ILE A CG2 1 
ATOM   1035 C CD1 . ILE A 1 140 ? -6.022  -11.935 1.752   1.00 36.64  ? 140 ILE A CD1 1 
ATOM   1036 N N   . LYS A 1 141 ? -1.532  -14.687 1.622   1.00 27.87  ? 141 LYS A N   1 
ATOM   1037 C CA  . LYS A 1 141 ? -0.119  -14.802 1.222   1.00 29.90  ? 141 LYS A CA  1 
ATOM   1038 C C   . LYS A 1 141 ? 0.001   -14.895 -0.274  1.00 29.44  ? 141 LYS A C   1 
ATOM   1039 O O   . LYS A 1 141 ? 0.907   -14.268 -0.880  1.00 30.15  ? 141 LYS A O   1 
ATOM   1040 C CB  . LYS A 1 141 ? 0.556   -16.019 1.863   1.00 35.09  ? 141 LYS A CB  1 
ATOM   1041 C CG  . LYS A 1 141 ? 0.723   -15.896 3.353   1.00 37.07  ? 141 LYS A CG  1 
ATOM   1042 C CD  . LYS A 1 141 ? 1.347   -17.164 3.944   1.00 44.10  ? 141 LYS A CD  1 
ATOM   1043 C CE  . LYS A 1 141 ? 0.345   -18.004 4.681   1.00 68.75  ? 141 LYS A CE  1 
ATOM   1044 N NZ  . LYS A 1 141 ? 1.039   -19.117 5.387   1.00 92.98  ? 141 LYS A NZ  1 
ATOM   1045 N N   . GLU A 1 142 ? -0.890  -15.661 -0.889  1.00 33.41  ? 142 GLU A N   1 
ATOM   1046 C CA  . GLU A 1 142 ? -0.826  -15.832 -2.338  1.00 33.84  ? 142 GLU A CA  1 
ATOM   1047 C C   . GLU A 1 142 ? -1.156  -14.502 -3.040  1.00 33.11  ? 142 GLU A C   1 
ATOM   1048 O O   . GLU A 1 142 ? -0.554  -14.165 -4.071  1.00 32.99  ? 142 GLU A O   1 
ATOM   1049 C CB  . GLU A 1 142 ? -1.754  -16.975 -2.782  1.00 33.26  ? 142 GLU A CB  1 
ATOM   1050 C CG  . GLU A 1 142 ? -1.776  -17.203 -4.288  1.00 44.70  ? 142 GLU A CG  1 
ATOM   1051 C CD  . GLU A 1 142 ? -2.837  -16.382 -4.994  1.00 63.88  ? 142 GLU A CD  1 
ATOM   1052 O OE1 . GLU A 1 142 ? -3.920  -16.177 -4.392  1.00 89.35  ? 142 GLU A OE1 1 
ATOM   1053 O OE2 . GLU A 1 142 ? -2.587  -15.940 -6.147  1.00 56.26  ? 142 GLU A OE2 1 
ATOM   1054 N N   . ARG A 1 143 ? -2.105  -13.751 -2.485  1.00 29.62  ? 143 ARG A N   1 
ATOM   1055 C CA  . ARG A 1 143 ? -2.533  -12.484 -3.066  1.00 28.21  ? 143 ARG A CA  1 
ATOM   1056 C C   . ARG A 1 143 ? -1.391  -11.465 -2.925  1.00 26.72  ? 143 ARG A C   1 
ATOM   1057 O O   . ARG A 1 143 ? -1.156  -10.658 -3.822  1.00 28.39  ? 143 ARG A O   1 
ATOM   1058 C CB  . ARG A 1 143 ? -3.830  -11.966 -2.398  1.00 27.67  ? 143 ARG A CB  1 
ATOM   1059 C CG  . ARG A 1 143 ? -5.115  -12.785 -2.745  1.00 29.45  ? 143 ARG A CG  1 
ATOM   1060 C CD  . ARG A 1 143 ? -5.594  -12.534 -4.185  1.00 30.06  ? 143 ARG A CD  1 
ATOM   1061 N NE  . ARG A 1 143 ? -4.816  -13.318 -5.128  1.00 55.22  ? 143 ARG A NE  1 
ATOM   1062 C CZ  . ARG A 1 143 ? -4.945  -13.239 -6.448  1.00 54.49  ? 143 ARG A CZ  1 
ATOM   1063 N NH1 . ARG A 1 143 ? -5.833  -12.405 -6.971  1.00 47.77  ? 143 ARG A NH1 1 
ATOM   1064 N NH2 . ARG A 1 143 ? -4.176  -13.982 -7.242  1.00 55.61  ? 143 ARG A NH2 1 
ATOM   1065 N N   . ALA A 1 144 ? -0.685  -11.484 -1.788  1.00 27.67  ? 144 ALA A N   1 
ATOM   1066 C CA  . ALA A 1 144 ? 0.458   -10.554 -1.609  1.00 23.19  ? 144 ALA A CA  1 
ATOM   1067 C C   . ALA A 1 144 ? 1.542   -10.871 -2.622  1.00 29.12  ? 144 ALA A C   1 
ATOM   1068 O O   . ALA A 1 144 ? 2.104   -9.962  -3.241  1.00 27.13  ? 144 ALA A O   1 
ATOM   1069 C CB  . ALA A 1 144 ? 1.016   -10.648 -0.197  1.00 25.47  ? 144 ALA A CB  1 
ATOM   1070 N N   . GLU A 1 145 ? 1.822   -12.161 -2.797  1.00 29.90  ? 145 GLU A N   1 
ATOM   1071 C CA  . GLU A 1 145 ? 2.883   -12.562 -3.747  1.00 32.83  ? 145 GLU A CA  1 
ATOM   1072 C C   . GLU A 1 145 ? 2.459   -12.146 -5.164  1.00 35.49  ? 145 GLU A C   1 
ATOM   1073 O O   . GLU A 1 145 ? 3.250   -11.614 -5.951  1.00 36.14  ? 145 GLU A O   1 
ATOM   1074 C CB  . GLU A 1 145 ? 3.141   -14.079 -3.652  1.00 37.30  ? 145 GLU A CB  1 
ATOM   1075 C CG  . GLU A 1 145 ? 4.175   -14.618 -4.613  1.00 55.04  ? 145 GLU A CG  1 
ATOM   1076 C CD  . GLU A 1 145 ? 5.591   -14.169 -4.268  1.00 65.65  ? 145 GLU A CD  1 
ATOM   1077 O OE1 . GLU A 1 145 ? 5.883   -13.910 -3.074  1.00 56.43  ? 145 GLU A OE1 1 
ATOM   1078 O OE2 . GLU A 1 145 ? 6.419   -14.086 -5.200  1.00 89.02  ? 145 GLU A OE2 1 
ATOM   1079 N N   . ARG A 1 146 ? 1.194   -12.367 -5.486  1.00 33.88  ? 146 ARG A N   1 
ATOM   1080 C CA  . ARG A 1 146 ? 0.664   -11.964 -6.786  1.00 30.24  ? 146 ARG A CA  1 
ATOM   1081 C C   . ARG A 1 146 ? 0.753   -10.454 -7.034  1.00 37.53  ? 146 ARG A C   1 
ATOM   1082 O O   . ARG A 1 146 ? 1.258   -10.008 -8.088  1.00 34.39  ? 146 ARG A O   1 
ATOM   1083 C CB  . ARG A 1 146 ? -0.783  -12.458 -6.902  1.00 31.44  ? 146 ARG A CB  1 
ATOM   1084 C CG  . ARG A 1 146 ? -1.465  -12.069 -8.183  1.00 46.65  ? 146 ARG A CG  1 
ATOM   1085 C CD  . ARG A 1 146 ? -0.697  -12.604 -9.368  1.00 57.60  ? 146 ARG A CD  1 
ATOM   1086 N NE  . ARG A 1 146 ? -1.442  -12.427 -10.603 1.00 82.95  ? 146 ARG A NE  1 
ATOM   1087 C CZ  . ARG A 1 146 ? -0.961  -12.717 -11.801 1.00 104.31 ? 146 ARG A CZ  1 
ATOM   1088 N NH1 . ARG A 1 146 ? 0.276   -13.193 -11.926 1.00 82.98  ? 146 ARG A NH1 1 
ATOM   1089 N NH2 . ARG A 1 146 ? -1.718  -12.526 -12.876 1.00 74.29  ? 146 ARG A NH2 1 
ATOM   1090 N N   . LEU A 1 147 ? 0.346   -9.643  -6.056  1.00 30.93  ? 147 LEU A N   1 
ATOM   1091 C CA  . LEU A 1 147 ? 0.452   -8.184  -6.228  1.00 30.01  ? 147 LEU A CA  1 
ATOM   1092 C C   . LEU A 1 147 ? 1.906   -7.740  -6.328  1.00 30.53  ? 147 LEU A C   1 
ATOM   1093 O O   . LEU A 1 147 ? 2.239   -6.823  -7.097  1.00 30.15  ? 147 LEU A O   1 
ATOM   1094 C CB  . LEU A 1 147 ? -0.245  -7.434  -5.073  1.00 26.34  ? 147 LEU A CB  1 
ATOM   1095 C CG  . LEU A 1 147 ? -0.172  -5.905  -5.213  1.00 25.96  ? 147 LEU A CG  1 
ATOM   1096 C CD1 . LEU A 1 147 ? -0.885  -5.374  -6.461  1.00 31.96  ? 147 LEU A CD1 1 
ATOM   1097 C CD2 . LEU A 1 147 ? -0.779  -5.314  -3.941  1.00 24.94  ? 147 LEU A CD2 1 
ATOM   1098 N N   . ALA A 1 148 ? 2.782   -8.341  -5.522  1.00 27.02  ? 148 ALA A N   1 
ATOM   1099 C CA  . ALA A 1 148 ? 4.207   -7.942  -5.620  1.00 24.49  ? 148 ALA A CA  1 
ATOM   1100 C C   . ALA A 1 148 ? 4.741   -8.286  -6.990  1.00 31.61  ? 148 ALA A C   1 
ATOM   1101 O O   . ALA A 1 148 ? 5.506   -7.501  -7.551  1.00 33.17  ? 148 ALA A O   1 
ATOM   1102 C CB  . ALA A 1 148 ? 5.045   -8.609  -4.539  1.00 26.85  ? 148 ALA A CB  1 
ATOM   1103 N N   . GLU A 1 149 ? 4.364   -9.441  -7.527  1.00 33.93  ? 149 GLU A N   1 
ATOM   1104 C CA  . GLU A 1 149 ? 4.787   -9.801  -8.890  1.00 37.70  ? 149 GLU A CA  1 
ATOM   1105 C C   . GLU A 1 149 ? 4.238   -8.855  -9.957  1.00 37.28  ? 149 GLU A C   1 
ATOM   1106 O O   . GLU A 1 149 ? 4.970   -8.464  -10.895 1.00 37.23  ? 149 GLU A O   1 
ATOM   1107 C CB  . GLU A 1 149 ? 4.378   -11.234 -9.224  1.00 36.07  ? 149 GLU A CB  1 
ATOM   1108 C CG  . GLU A 1 149 ? 5.122   -12.297 -8.440  1.00 51.15  ? 149 GLU A CG  1 
ATOM   1109 C CD  . GLU A 1 149 ? 4.747   -13.708 -8.875  1.00 76.13  ? 149 GLU A CD  1 
ATOM   1110 O OE1 . GLU A 1 149 ? 3.979   -13.848 -9.853  1.00 84.54  ? 149 GLU A OE1 1 
ATOM   1111 O OE2 . GLU A 1 149 ? 5.229   -14.677 -8.241  1.00 85.90  ? 149 GLU A OE2 1 
ATOM   1112 N N   . LEU A 1 150 ? 2.977   -8.471  -9.836  1.00 32.93  ? 150 LEU A N   1 
ATOM   1113 C CA  . LEU A 1 150 ? 2.378   -7.583  -10.829 1.00 36.82  ? 150 LEU A CA  1 
ATOM   1114 C C   . LEU A 1 150 ? 3.093   -6.241  -10.790 1.00 49.24  ? 150 LEU A C   1 
ATOM   1115 O O   . LEU A 1 150 ? 3.444   -5.651  -11.838 1.00 36.50  ? 150 LEU A O   1 
ATOM   1116 C CB  . LEU A 1 150 ? 0.878   -7.423  -10.583 1.00 34.14  ? 150 LEU A CB  1 
ATOM   1117 C CG  . LEU A 1 150 ? 0.093   -8.723  -10.791 1.00 49.83  ? 150 LEU A CG  1 
ATOM   1118 C CD1 . LEU A 1 150 ? -1.267  -8.658  -10.138 1.00 40.84  ? 150 LEU A CD1 1 
ATOM   1119 C CD2 . LEU A 1 150 ? -0.041  -8.995  -12.288 1.00 49.88  ? 150 LEU A CD2 1 
ATOM   1120 N N   . ILE A 1 151 ? 3.340   -5.757  -9.576  1.00 30.51  ? 151 ILE A N   1 
ATOM   1121 C CA  . ILE A 1 151 ? 4.017   -4.459  -9.453  1.00 29.23  ? 151 ILE A CA  1 
ATOM   1122 C C   . ILE A 1 151 ? 5.444   -4.571  -9.939  1.00 31.92  ? 151 ILE A C   1 
ATOM   1123 O O   . ILE A 1 151 ? 5.925   -3.664  -10.661 1.00 33.59  ? 151 ILE A O   1 
ATOM   1124 C CB  . ILE A 1 151 ? 3.980   -3.919  -8.004  1.00 30.36  ? 151 ILE A CB  1 
ATOM   1125 C CG1 . ILE A 1 151 ? 2.537   -3.531  -7.667  1.00 29.53  ? 151 ILE A CG1 1 
ATOM   1126 C CG2 . ILE A 1 151 ? 4.955   -2.718  -7.854  1.00 32.04  ? 151 ILE A CG2 1 
ATOM   1127 C CD1 . ILE A 1 151 ? 2.324   -3.179  -6.209  1.00 32.29  ? 151 ILE A CD1 1 
ATOM   1128 N N   . ALA A 1 152 ? 6.135   -5.648  -9.574  1.00 29.44  ? 152 ALA A N   1 
ATOM   1129 C CA  . ALA A 1 152 ? 7.559   -5.743  -9.978  1.00 37.28  ? 152 ALA A CA  1 
ATOM   1130 C C   . ALA A 1 152 ? 7.695   -5.826  -11.491 1.00 49.94  ? 152 ALA A C   1 
ATOM   1131 O O   . ALA A 1 152 ? 8.650   -5.300  -12.069 1.00 46.01  ? 152 ALA A O   1 
ATOM   1132 C CB  . ALA A 1 152 ? 8.243   -6.920  -9.342  1.00 35.79  ? 152 ALA A CB  1 
ATOM   1133 N N   . GLU A 1 153 ? 6.747   -6.500  -12.125 1.00 40.39  ? 153 GLU A N   1 
ATOM   1134 C CA  . GLU A 1 153 ? 6.869   -6.669  -13.567 1.00 45.93  ? 153 GLU A CA  1 
ATOM   1135 C C   . GLU A 1 153 ? 6.589   -5.340  -14.213 1.00 47.74  ? 153 GLU A C   1 
ATOM   1136 O O   . GLU A 1 153 ? 7.281   -4.944  -15.156 1.00 54.36  ? 153 GLU A O   1 
ATOM   1137 C CB  . GLU A 1 153 ? 5.915   -7.747  -14.090 1.00 39.09  ? 153 GLU A CB  1 
ATOM   1138 C CG  . GLU A 1 153 ? 5.870   -7.859  -15.600 1.00 93.57  ? 153 GLU A CG  1 
ATOM   1139 C CD  . GLU A 1 153 ? 6.972   -8.745  -16.141 1.00 115.79 ? 153 GLU A CD  1 
ATOM   1140 O OE1 . GLU A 1 153 ? 7.350   -9.718  -15.452 1.00 108.83 ? 153 GLU A OE1 1 
ATOM   1141 O OE2 . GLU A 1 153 ? 7.470   -8.464  -17.254 1.00 111.13 ? 153 GLU A OE2 1 
ATOM   1142 N N   . ILE A 1 154 ? 5.669   -4.551  -13.680 1.00 41.22  ? 154 ILE A N   1 
ATOM   1143 C CA  . ILE A 1 154 ? 5.562   -3.190  -14.185 1.00 45.63  ? 154 ILE A CA  1 
ATOM   1144 C C   . ILE A 1 154 ? 6.867   -2.386  -13.977 1.00 76.33  ? 154 ILE A C   1 
ATOM   1145 O O   . ILE A 1 154 ? 7.416   -1.813  -14.916 1.00 52.70  ? 154 ILE A O   1 
ATOM   1146 C CB  . ILE A 1 154 ? 4.408   -2.451  -13.538 1.00 37.14  ? 154 ILE A CB  1 
ATOM   1147 C CG1 . ILE A 1 154 ? 3.073   -3.025  -14.014 1.00 51.20  ? 154 ILE A CG1 1 
ATOM   1148 C CG2 . ILE A 1 154 ? 4.505   -0.947  -13.824 1.00 46.30  ? 154 ILE A CG2 1 
ATOM   1149 C CD1 . ILE A 1 154 ? 1.856   -2.548  -13.223 1.00 43.61  ? 154 ILE A CD1 1 
ATOM   1150 N N   . LEU A 1 155 ? 7.423   -2.411  -12.782 1.00 48.49  ? 155 LEU A N   1 
ATOM   1151 C CA  . LEU A 1 155 ? 8.573   -1.580  -12.444 1.00 40.30  ? 155 LEU A CA  1 
ATOM   1152 C C   . LEU A 1 155 ? 9.884   -1.942  -13.142 1.00 88.73  ? 155 LEU A C   1 
ATOM   1153 O O   . LEU A 1 155 ? 10.691  -1.084  -13.469 1.00 59.89  ? 155 LEU A O   1 
ATOM   1154 C CB  . LEU A 1 155 ? 8.798   -1.592  -10.953 1.00 46.65  ? 155 LEU A CB  1 
ATOM   1155 C CG  . LEU A 1 155 ? 7.760   -0.933  -10.064 1.00 32.81  ? 155 LEU A CG  1 
ATOM   1156 C CD1 . LEU A 1 155 ? 8.227   -0.969  -8.647  1.00 38.25  ? 155 LEU A CD1 1 
ATOM   1157 C CD2 . LEU A 1 155 ? 7.448   0.470   -10.488 1.00 38.47  ? 155 LEU A CD2 1 
ATOM   1158 N N   . LYS A 1 156 ? 10.113  -3.223  -13.309 1.00 39.87  ? 156 LYS A N   1 
ATOM   1159 C CA  . LYS A 1 156 ? 11.284  -3.675  -14.004 1.00 102.68 ? 156 LYS A CA  1 
ATOM   1160 C C   . LYS A 1 156 ? 11.207  -3.203  -15.445 1.00 89.35  ? 156 LYS A C   1 
ATOM   1161 O O   . LYS A 1 156 ? 12.220  -3.089  -16.111 1.00 76.39  ? 156 LYS A O   1 
ATOM   1162 C CB  . LYS A 1 156 ? 11.365  -5.194  -13.991 1.00 48.97  ? 156 LYS A CB  1 
ATOM   1163 N N   . ASN A 1 157 ? 9.984   -2.955  -15.893 1.00 75.53  ? 157 ASN A N   1 
ATOM   1164 C CA  . ASN A 1 157 ? 9.661   -2.668  -17.271 1.00 82.25  ? 157 ASN A CA  1 
ATOM   1165 C C   . ASN A 1 157 ? 9.792   -1.191  -17.546 1.00 71.52  ? 157 ASN A C   1 
ATOM   1166 O O   . ASN A 1 157 ? 10.529  -0.518  -16.882 1.00 69.96  ? 157 ASN A O   1 
ATOM   1167 C CB  . ASN A 1 157 ? 8.238   -3.095  -17.563 1.00 67.51  ? 157 ASN A CB  1 
ATOM   1168 C CG  . ASN A 1 157 ? 8.153   -4.438  -18.250 1.00 88.15  ? 157 ASN A CG  1 
ATOM   1169 O OD1 . ASN A 1 157 ? 9.109   -4.901  -18.843 1.00 107.37 ? 157 ASN A OD1 1 
ATOM   1170 N ND2 . ASN A 1 157 ? 6.996   -5.058  -18.176 1.00 75.64  ? 157 ASN A ND2 1 
HETATM 1171 N N1  . EPE B 2 .   ? -7.081  1.101   8.504   1.00 37.23  ? 200 EPE A N1  1 
HETATM 1172 C C2  . EPE B 2 .   ? -5.737  0.924   9.056   1.00 33.32  ? 200 EPE A C2  1 
HETATM 1173 C C3  . EPE B 2 .   ? -5.318  -0.528  9.234   1.00 36.41  ? 200 EPE A C3  1 
HETATM 1174 N N4  . EPE B 2 .   ? -5.507  -1.263  7.974   1.00 31.62  ? 200 EPE A N4  1 
HETATM 1175 C C5  . EPE B 2 .   ? -6.909  -1.095  7.517   1.00 29.62  ? 200 EPE A C5  1 
HETATM 1176 C C6  . EPE B 2 .   ? -7.196  0.378   7.235   1.00 33.27  ? 200 EPE A C6  1 
HETATM 1177 C C7  . EPE B 2 .   ? -5.248  -2.701  8.228   1.00 34.65  ? 200 EPE A C7  1 
HETATM 1178 C C8  . EPE B 2 .   ? -3.899  -2.978  8.899   1.00 35.70  ? 200 EPE A C8  1 
HETATM 1179 O O8  . EPE B 2 .   ? -2.855  -2.244  8.263   1.00 35.67  ? 200 EPE A O8  1 
HETATM 1180 C C9  . EPE B 2 .   ? -7.176  2.548   8.268   1.00 41.93  ? 200 EPE A C9  1 
HETATM 1181 C C10 . EPE B 2 .   ? -8.536  3.108   7.888   1.00 66.61  ? 200 EPE A C10 1 
HETATM 1182 S S   . EPE B 2 .   ? -8.474  4.796   7.936   1.00 58.35  ? 200 EPE A S   1 
HETATM 1183 O O1S . EPE B 2 .   ? -9.838  5.300   7.625   1.00 68.15  ? 200 EPE A O1S 1 
HETATM 1184 O O2S . EPE B 2 .   ? -8.112  5.252   9.304   1.00 41.12  ? 200 EPE A O2S 1 
HETATM 1185 O O3S . EPE B 2 .   ? -7.472  5.327   6.961   1.00 49.85  ? 200 EPE A O3S 1 
HETATM 1186 O O   . HOH C 3 .   ? -9.226  8.481   13.958  1.00 55.40  ? 301 HOH A O   1 
HETATM 1187 O O   . HOH C 3 .   ? -1.126  5.299   13.154  1.00 66.64  ? 302 HOH A O   1 
HETATM 1188 O O   . HOH C 3 .   ? -7.812  -10.948 -6.182  1.00 51.20  ? 303 HOH A O   1 
HETATM 1189 O O   . HOH C 3 .   ? -1.761  5.696   10.645  1.00 50.93  ? 304 HOH A O   1 
HETATM 1190 O O   . HOH C 3 .   ? 14.515  9.793   -11.111 1.00 30.67  ? 305 HOH A O   1 
HETATM 1191 O O   . HOH C 3 .   ? 15.841  2.620   -3.871  1.00 42.82  ? 306 HOH A O   1 
HETATM 1192 O O   . HOH C 3 .   ? 13.571  0.701   2.394   1.00 34.37  ? 307 HOH A O   1 
HETATM 1193 O O   . HOH C 3 .   ? 6.176   -4.122  9.690   1.00 46.26  ? 308 HOH A O   1 
HETATM 1194 O O   . HOH C 3 .   ? 7.845   15.491  -5.639  1.00 44.53  ? 309 HOH A O   1 
HETATM 1195 O O   . HOH C 3 .   ? 9.797   16.715  -1.879  1.00 51.89  ? 310 HOH A O   1 
HETATM 1196 O O   . HOH C 3 .   ? -10.992 6.424   -1.106  1.00 49.75  ? 311 HOH A O   1 
HETATM 1197 O O   . HOH C 3 .   ? 12.475  -8.431  1.989   1.00 42.99  ? 312 HOH A O   1 
HETATM 1198 O O   . HOH C 3 .   ? -12.740 -4.780  -6.746  1.00 55.90  ? 313 HOH A O   1 
HETATM 1199 O O   . HOH C 3 .   ? -7.860  -4.873  7.617   1.00 31.52  ? 314 HOH A O   1 
HETATM 1200 O O   . HOH C 3 .   ? -1.902  -5.118  5.558   1.00 24.01  ? 315 HOH A O   1 
HETATM 1201 O O   . HOH C 3 .   ? -10.281 7.834   0.889   1.00 45.93  ? 316 HOH A O   1 
HETATM 1202 O O   . HOH C 3 .   ? 2.617   12.400  -10.823 1.00 48.45  ? 317 HOH A O   1 
HETATM 1203 O O   . HOH C 3 .   ? 16.938  8.141   -6.557  1.00 27.54  ? 318 HOH A O   1 
HETATM 1204 O O   . HOH C 3 .   ? -3.711  -0.532  12.339  1.00 50.95  ? 319 HOH A O   1 
HETATM 1205 O O   . HOH C 3 .   ? 2.606   1.120   -16.564 1.00 42.24  ? 320 HOH A O   1 
HETATM 1206 O O   . HOH C 3 .   ? -4.560  2.339   5.402   1.00 32.63  ? 321 HOH A O   1 
HETATM 1207 O O   . HOH C 3 .   ? 9.806   13.688  -8.964  1.00 36.78  ? 322 HOH A O   1 
HETATM 1208 O O   . HOH C 3 .   ? -7.597  -4.333  11.581  1.00 54.10  ? 323 HOH A O   1 
HETATM 1209 O O   . HOH C 3 .   ? -6.266  -14.861 17.516  1.00 51.42  ? 324 HOH A O   1 
HETATM 1210 O O   . HOH C 3 .   ? 4.980   -6.369  10.459  1.00 49.54  ? 325 HOH A O   1 
HETATM 1211 O O   . HOH C 3 .   ? 11.192  -5.294  -10.946 1.00 54.52  ? 326 HOH A O   1 
HETATM 1212 O O   . HOH C 3 .   ? 10.621  12.631  -11.568 1.00 46.54  ? 327 HOH A O   1 
HETATM 1213 O O   . HOH C 3 .   ? -11.223 6.100   -4.950  1.00 44.30  ? 328 HOH A O   1 
HETATM 1214 O O   . HOH C 3 .   ? -10.540 10.277  -7.180  1.00 52.46  ? 329 HOH A O   1 
HETATM 1215 O O   . HOH C 3 .   ? -10.144 -1.671  6.592   1.00 34.23  ? 330 HOH A O   1 
HETATM 1216 O O   . HOH C 3 .   ? -8.952  0.178   10.373  1.00 45.76  ? 331 HOH A O   1 
HETATM 1217 O O   . HOH C 3 .   ? -16.487 -8.736  3.260   1.00 38.71  ? 332 HOH A O   1 
HETATM 1218 O O   . HOH C 3 .   ? -1.443  -3.279  16.647  1.00 43.35  ? 333 HOH A O   1 
HETATM 1219 O O   . HOH C 3 .   ? 7.876   16.158  5.858   1.00 59.48  ? 334 HOH A O   1 
HETATM 1220 O O   . HOH C 3 .   ? -2.060  -18.484 17.241  1.00 59.64  ? 335 HOH A O   1 
HETATM 1221 O O   . HOH C 3 .   ? -17.399 -8.710  -4.441  1.00 55.14  ? 336 HOH A O   1 
HETATM 1222 O O   . HOH C 3 .   ? -2.216  -19.837 7.216   1.00 56.31  ? 337 HOH A O   1 
HETATM 1223 O O   . HOH C 3 .   ? 14.734  -0.031  -5.287  1.00 58.59  ? 338 HOH A O   1 
HETATM 1224 O O   . HOH C 3 .   ? 11.517  15.555  3.877   1.00 43.55  ? 339 HOH A O   1 
HETATM 1225 O O   . HOH C 3 .   ? 7.027   3.525   -14.061 1.00 64.15  ? 340 HOH A O   1 
HETATM 1226 O O   . HOH C 3 .   ? -2.203  -0.036  10.058  1.00 35.60  ? 341 HOH A O   1 
HETATM 1227 O O   . HOH C 3 .   ? -7.819  -11.320 18.132  1.00 62.77  ? 342 HOH A O   1 
HETATM 1228 O O   . HOH C 3 .   ? -3.272  11.912  -6.270  1.00 34.70  ? 343 HOH A O   1 
HETATM 1229 O O   . HOH C 3 .   ? -8.455  7.693   5.536   1.00 35.93  ? 344 HOH A O   1 
HETATM 1230 O O   . HOH C 3 .   ? -2.608  6.153   8.299   1.00 50.59  ? 345 HOH A O   1 
HETATM 1231 O O   . HOH C 3 .   ? 6.931   -11.320 1.907   1.00 41.81  ? 346 HOH A O   1 
HETATM 1232 O O   . HOH C 3 .   ? -12.815 9.907   5.201   1.00 47.73  ? 347 HOH A O   1 
HETATM 1233 O O   . HOH C 3 .   ? 3.291   -12.685 8.348   1.00 52.14  ? 348 HOH A O   1 
HETATM 1234 O O   . HOH C 3 .   ? 7.266   11.376  -13.805 1.00 52.30  ? 349 HOH A O   1 
HETATM 1235 O O   . HOH C 3 .   ? -10.893 -11.996 12.564  1.00 49.85  ? 350 HOH A O   1 
HETATM 1236 O O   . HOH C 3 .   ? -19.504 -15.316 -4.434  1.00 55.69  ? 351 HOH A O   1 
HETATM 1237 O O   . HOH C 3 .   ? -1.009  3.416   -19.249 1.00 50.17  ? 352 HOH A O   1 
HETATM 1238 O O   . HOH C 3 .   ? -10.772 -1.166  -7.789  1.00 41.21  ? 353 HOH A O   1 
HETATM 1239 O O   . HOH C 3 .   ? 13.836  0.372   -1.676  1.00 30.76  ? 354 HOH A O   1 
HETATM 1240 O O   . HOH C 3 .   ? 10.548  3.997   -12.903 1.00 60.22  ? 355 HOH A O   1 
HETATM 1241 O O   . HOH C 3 .   ? 7.446   21.548  -0.320  1.00 50.64  ? 356 HOH A O   1 
HETATM 1242 O O   . HOH C 3 .   ? -6.996  3.394   4.691   1.00 39.68  ? 357 HOH A O   1 
HETATM 1243 O O   . HOH C 3 .   ? -2.448  -5.305  17.241  1.00 42.39  ? 358 HOH A O   1 
HETATM 1244 O O   . HOH C 3 .   ? -18.936 -9.222  -1.680  1.00 56.53  ? 359 HOH A O   1 
HETATM 1245 O O   . HOH C 3 .   ? -0.440  8.466   -18.686 1.00 68.88  ? 360 HOH A O   1 
HETATM 1246 O O   . HOH C 3 .   ? -2.388  -18.851 12.963  1.00 52.58  ? 361 HOH A O   1 
HETATM 1247 O O   . HOH C 3 .   ? 10.486  10.018  7.902   1.00 37.44  ? 362 HOH A O   1 
HETATM 1248 O O   . HOH C 3 .   ? -9.562  -8.714  -7.453  1.00 38.57  ? 363 HOH A O   1 
HETATM 1249 O O   . HOH C 3 .   ? 8.819   11.967  9.245   1.00 48.73  ? 364 HOH A O   1 
HETATM 1250 O O   . HOH C 3 .   ? -18.207 6.638   1.479   1.00 60.74  ? 365 HOH A O   1 
HETATM 1251 O O   . HOH C 3 .   ? -2.235  2.590   9.784   1.00 47.09  ? 366 HOH A O   1 
HETATM 1252 O O   . HOH C 3 .   ? -0.621  24.299  2.087   1.00 66.78  ? 367 HOH A O   1 
HETATM 1253 O O   . HOH C 3 .   ? -5.315  -14.122 -10.243 1.00 72.36  ? 368 HOH A O   1 
HETATM 1254 O O   . HOH C 3 .   ? -11.093 -9.924  8.805   1.00 56.98  ? 369 HOH A O   1 
HETATM 1255 O O   . HOH C 3 .   ? 2.353   20.956  -4.602  1.00 67.10  ? 370 HOH A O   1 
HETATM 1256 O O   . HOH C 3 .   ? -0.384  -6.187  -14.577 1.00 53.15  ? 371 HOH A O   1 
HETATM 1257 O O   . HOH C 3 .   ? -6.152  16.178  -5.155  1.00 62.78  ? 372 HOH A O   1 
HETATM 1258 O O   . HOH C 3 .   ? -5.470  -11.189 -10.203 1.00 48.07  ? 373 HOH A O   1 
HETATM 1259 O O   . HOH C 3 .   ? -12.272 7.988   -6.468  1.00 54.82  ? 374 HOH A O   1 
HETATM 1260 O O   . HOH C 3 .   ? -14.250 11.757  6.813   1.00 46.02  ? 375 HOH A O   1 
HETATM 1261 O O   . HOH C 3 .   ? 0.080   14.423  -12.023 1.00 73.98  ? 376 HOH A O   1 
HETATM 1262 O O   . HOH C 3 .   ? 8.996   17.506  -4.347  1.00 54.22  ? 377 HOH A O   1 
HETATM 1263 O O   . HOH C 3 .   ? -6.427  -20.837 0.603   1.00 34.99  ? 378 HOH A O   1 
HETATM 1264 O O   . HOH C 3 .   ? -5.107  17.976  -5.472  1.00 65.53  ? 379 HOH A O   1 
HETATM 1265 O O   . HOH C 3 .   ? -15.408 -13.181 7.853   1.00 66.50  ? 380 HOH A O   1 
HETATM 1266 O O   . HOH C 3 .   ? -9.793  -12.852 -5.958  1.00 64.12  ? 381 HOH A O   1 
HETATM 1267 O O   . HOH C 3 .   ? 5.576   2.253   -16.120 1.00 61.71  ? 382 HOH A O   1 
HETATM 1268 O O   . HOH C 3 .   ? 15.448  2.871   2.439   1.00 47.90  ? 383 HOH A O   1 
HETATM 1269 O O   . HOH C 3 .   ? 3.927   -13.196 -13.781 1.00 72.41  ? 384 HOH A O   1 
HETATM 1270 O O   . HOH C 3 .   ? -9.856  5.340   0.842   1.00 45.39  ? 385 HOH A O   1 
HETATM 1271 O O   . HOH C 3 .   ? -12.469 5.952   -2.776  1.00 67.65  ? 386 HOH A O   1 
HETATM 1272 O O   . HOH C 3 .   ? 13.581  5.721   8.255   1.00 65.69  ? 387 HOH A O   1 
HETATM 1273 O O   . HOH C 3 .   ? -12.969 3.001   -3.915  1.00 73.27  ? 388 HOH A O   1 
HETATM 1274 O O   . HOH C 3 .   ? -5.607  9.652   -8.417  1.00 74.27  ? 389 HOH A O   1 
HETATM 1275 O O   . HOH C 3 .   ? -9.763  -4.809  9.361   1.00 51.96  ? 390 HOH A O   1 
HETATM 1276 O O   . HOH C 3 .   ? -11.169 1.172   6.244   1.00 50.09  ? 391 HOH A O   1 
HETATM 1277 O O   . HOH C 3 .   ? -3.341  3.674   7.523   1.00 34.83  ? 392 HOH A O   1 
HETATM 1278 O O   . HOH C 3 .   ? -8.171  -4.312  -9.429  1.00 61.56  ? 393 HOH A O   1 
HETATM 1279 O O   . HOH C 3 .   ? -15.850 -10.896 5.353   1.00 69.02  ? 394 HOH A O   1 
HETATM 1280 O O   . HOH C 3 .   ? 2.847   -16.146 14.369  1.00 65.04  ? 395 HOH A O   1 
HETATM 1281 O O   . HOH C 3 .   ? 7.746   -10.902 4.791   1.00 46.72  ? 396 HOH A O   1 
HETATM 1282 O O   . HOH C 3 .   ? -10.719 -2.224  9.129   1.00 53.16  ? 397 HOH A O   1 
HETATM 1283 O O   . HOH C 3 .   ? 15.378  11.831  5.579   1.00 71.11  ? 398 HOH A O   1 
HETATM 1284 O O   . HOH C 3 .   ? -7.830  5.938   -9.381  1.00 70.81  ? 399 HOH A O   1 
HETATM 1285 O O   . HOH C 3 .   ? -5.697  -5.028  -9.856  1.00 62.27  ? 400 HOH A O   1 
HETATM 1286 O O   . HOH C 3 .   ? 1.495   14.556  9.564   1.00 64.01  ? 401 HOH A O   1 
HETATM 1287 O O   . HOH C 3 .   ? -12.233 2.629   1.135   1.00 64.87  ? 402 HOH A O   1 
# 
loop_
_pdbx_poly_seq_scheme.asym_id 
_pdbx_poly_seq_scheme.entity_id 
_pdbx_poly_seq_scheme.seq_id 
_pdbx_poly_seq_scheme.mon_id 
_pdbx_poly_seq_scheme.ndb_seq_num 
_pdbx_poly_seq_scheme.pdb_seq_num 
_pdbx_poly_seq_scheme.auth_seq_num 
_pdbx_poly_seq_scheme.pdb_mon_id 
_pdbx_poly_seq_scheme.auth_mon_id 
_pdbx_poly_seq_scheme.pdb_strand_id 
_pdbx_poly_seq_scheme.pdb_ins_code 
_pdbx_poly_seq_scheme.hetero 
A 1 1   MET 1   1   ?   ?   ?   A . n 
A 1 2   SER 2   2   2   SER SER A . n 
A 1 3   VAL 3   3   3   VAL VAL A . n 
A 1 4   LEU 4   4   4   LEU LEU A . n 
A 1 5   GLU 5   5   5   GLU GLU A . n 
A 1 6   ASP 6   6   6   ASP ASP A . n 
A 1 7   VAL 7   7   7   VAL VAL A . n 
A 1 8   PHE 8   8   8   PHE PHE A . n 
A 1 9   SER 9   9   9   SER SER A . n 
A 1 10  GLY 10  10  10  GLY GLY A . n 
A 1 11  LYS 11  11  11  LYS LYS A . n 
A 1 12  THR 12  12  12  THR THR A . n 
A 1 13  ARG 13  13  13  ARG ARG A . n 
A 1 14  ILE 14  14  14  ILE ILE A . n 
A 1 15  VAL 15  15  15  VAL VAL A . n 
A 1 16  ILE 16  16  16  ILE ILE A . n 
A 1 17  CYS 17  17  17  CYS CYS A . n 
A 1 18  GLY 18  18  18  GLY GLY A . n 
A 1 19  ILE 19  19  19  ILE ILE A . n 
A 1 20  GLY 20  20  20  GLY GLY A . n 
A 1 21  ASN 21  21  21  ASN ASN A . n 
A 1 22  ASP 22  22  22  ASP ASP A . n 
A 1 23  VAL 23  23  23  VAL VAL A . n 
A 1 24  ARG 24  24  24  ARG ARG A . n 
A 1 25  GLY 25  25  25  GLY GLY A . n 
A 1 26  ASP 26  26  26  ASP ASP A . n 
A 1 27  ASP 27  27  27  ASP ASP A . n 
A 1 28  ALA 28  28  28  ALA ALA A . n 
A 1 29  PHE 29  29  29  PHE PHE A . n 
A 1 30  GLY 30  30  30  GLY GLY A . n 
A 1 31  VAL 31  31  31  VAL VAL A . n 
A 1 32  LEU 32  32  32  LEU LEU A . n 
A 1 33  VAL 33  33  33  VAL VAL A . n 
A 1 34  ALA 34  34  34  ALA ALA A . n 
A 1 35  GLU 35  35  35  GLU GLU A . n 
A 1 36  ARG 36  36  36  ARG ARG A . n 
A 1 37  LEU 37  37  37  LEU LEU A . n 
A 1 38  LYS 38  38  38  LYS LYS A . n 
A 1 39  GLU 39  39  39  GLU GLU A . n 
A 1 40  LEU 40  40  40  LEU LEU A . n 
A 1 41  VAL 41  41  41  VAL VAL A . n 
A 1 42  LYS 42  42  42  LYS LYS A . n 
A 1 43  THR 43  43  43  THR THR A . n 
A 1 44  PRO 44  44  44  PRO PRO A . n 
A 1 45  ASP 45  45  45  ASP ASP A . n 
A 1 46  VAL 46  46  46  VAL VAL A . n 
A 1 47  LEU 47  47  47  LEU LEU A . n 
A 1 48  ILE 48  48  48  ILE ILE A . n 
A 1 49  LEU 49  49  49  LEU LEU A . n 
A 1 50  ASN 50  50  50  ASN ASN A . n 
A 1 51  CYS 51  51  51  CYS CYS A . n 
A 1 52  GLY 52  52  52  GLY GLY A . n 
A 1 53  GLU 53  53  53  GLU GLU A . n 
A 1 54  MET 54  54  54  MET MET A . n 
A 1 55  PRO 55  55  55  PRO PRO A . n 
A 1 56  GLU 56  56  56  GLU GLU A . n 
A 1 57  SER 57  57  57  SER SER A . n 
A 1 58  TYR 58  58  58  TYR TYR A . n 
A 1 59  VAL 59  59  59  VAL VAL A . n 
A 1 60  GLY 60  60  60  GLY GLY A . n 
A 1 61  LYS 61  61  61  LYS LYS A . n 
A 1 62  ILE 62  62  62  ILE ILE A . n 
A 1 63  ALA 63  63  63  ALA ALA A . n 
A 1 64  ALA 64  64  64  ALA ALA A . n 
A 1 65  PHE 65  65  65  PHE PHE A . n 
A 1 66  LYS 66  66  66  LYS LYS A . n 
A 1 67  PRO 67  67  67  PRO PRO A . n 
A 1 68  ASP 68  68  68  ASP ASP A . n 
A 1 69  LEU 69  69  69  LEU LEU A . n 
A 1 70  VAL 70  70  70  VAL VAL A . n 
A 1 71  VAL 71  71  71  VAL VAL A . n 
A 1 72  PHE 72  72  72  PHE PHE A . n 
A 1 73  VAL 73  73  73  VAL VAL A . n 
A 1 74  ASP 74  74  74  ASP ASP A . n 
A 1 75  ALA 75  75  75  ALA ALA A . n 
A 1 76  ILE 76  76  76  ILE ILE A . n 
A 1 77  HIS 77  77  77  HIS HIS A . n 
A 1 78  PHE 78  78  78  PHE PHE A . n 
A 1 79  GLY 79  79  79  GLY GLY A . n 
A 1 80  GLY 80  80  80  GLY GLY A . n 
A 1 81  GLU 81  81  81  GLU GLU A . n 
A 1 82  ILE 82  82  82  ILE ILE A . n 
A 1 83  GLY 83  83  83  GLY GLY A . n 
A 1 84  GLU 84  84  84  GLU GLU A . n 
A 1 85  PHE 85  85  85  PHE PHE A . n 
A 1 86  ILE 86  86  86  ILE ILE A . n 
A 1 87  ILE 87  87  87  ILE ILE A . n 
A 1 88  ALA 88  88  88  ALA ALA A . n 
A 1 89  ASP 89  89  89  ASP ASP A . n 
A 1 90  PRO 90  90  90  PRO PRO A . n 
A 1 91  LEU 91  91  91  LEU LEU A . n 
A 1 92  LYS 92  92  92  LYS LYS A . n 
A 1 93  THR 93  93  93  THR THR A . n 
A 1 94  LEU 94  94  94  LEU LEU A . n 
A 1 95  GLY 95  95  95  GLY GLY A . n 
A 1 96  GLU 96  96  96  GLU GLU A . n 
A 1 97  ALA 97  97  97  ALA ALA A . n 
A 1 98  VAL 98  98  98  VAL VAL A . n 
A 1 99  SER 99  99  99  SER SER A . n 
A 1 100 THR 100 100 100 THR THR A . n 
A 1 101 HIS 101 101 101 HIS HIS A . n 
A 1 102 GLY 102 102 102 GLY GLY A . n 
A 1 103 LEU 103 103 103 LEU LEU A . n 
A 1 104 PRO 104 104 104 PRO PRO A . n 
A 1 105 LEU 105 105 105 LEU LEU A . n 
A 1 106 ARG 106 106 106 ARG ARG A . n 
A 1 107 ILE 107 107 107 ILE ILE A . n 
A 1 108 VAL 108 108 108 VAL VAL A . n 
A 1 109 ALA 109 109 109 ALA ALA A . n 
A 1 110 SER 110 110 110 SER SER A . n 
A 1 111 TYR 111 111 111 TYR TYR A . n 
A 1 112 ILE 112 112 112 ILE ILE A . n 
A 1 113 LYS 113 113 113 LYS LYS A . n 
A 1 114 GLU 114 114 114 GLU GLU A . n 
A 1 115 GLN 115 115 115 GLN GLN A . n 
A 1 116 THR 116 116 116 THR THR A . n 
A 1 117 GLY 117 117 117 GLY GLY A . n 
A 1 118 SER 118 118 118 SER SER A . n 
A 1 119 ASP 119 119 119 ASP ASP A . n 
A 1 120 ILE 120 120 120 ILE ILE A . n 
A 1 121 VAL 121 121 121 VAL VAL A . n 
A 1 122 LEU 122 122 122 LEU LEU A . n 
A 1 123 ILE 123 123 123 ILE ILE A . n 
A 1 124 GLY 124 124 124 GLY GLY A . n 
A 1 125 CYS 125 125 125 CYS CYS A . n 
A 1 126 GLN 126 126 126 GLN GLN A . n 
A 1 127 PRO 127 127 127 PRO PRO A . n 
A 1 128 GLY 128 128 128 GLY GLY A . n 
A 1 129 SER 129 129 129 SER SER A . n 
A 1 130 THR 130 130 130 THR THR A . n 
A 1 131 GLY 131 131 131 GLY GLY A . n 
A 1 132 LEU 132 132 132 LEU LEU A . n 
A 1 133 PHE 133 133 133 PHE PHE A . n 
A 1 134 GLU 134 134 134 GLU GLU A . n 
A 1 135 GLU 135 135 135 GLU GLU A . n 
A 1 136 PRO 136 136 136 PRO PRO A . n 
A 1 137 SER 137 137 137 SER SER A . n 
A 1 138 GLU 138 138 138 GLU GLU A . n 
A 1 139 LEU 139 139 139 LEU LEU A . n 
A 1 140 ILE 140 140 140 ILE ILE A . n 
A 1 141 LYS 141 141 141 LYS LYS A . n 
A 1 142 GLU 142 142 142 GLU GLU A . n 
A 1 143 ARG 143 143 143 ARG ARG A . n 
A 1 144 ALA 144 144 144 ALA ALA A . n 
A 1 145 GLU 145 145 145 GLU GLU A . n 
A 1 146 ARG 146 146 146 ARG ARG A . n 
A 1 147 LEU 147 147 147 LEU LEU A . n 
A 1 148 ALA 148 148 148 ALA ALA A . n 
A 1 149 GLU 149 149 149 GLU GLU A . n 
A 1 150 LEU 150 150 150 LEU LEU A . n 
A 1 151 ILE 151 151 151 ILE ILE A . n 
A 1 152 ALA 152 152 152 ALA ALA A . n 
A 1 153 GLU 153 153 153 GLU GLU A . n 
A 1 154 ILE 154 154 154 ILE ILE A . n 
A 1 155 LEU 155 155 155 LEU LEU A . n 
A 1 156 LYS 156 156 156 LYS LYS A . n 
A 1 157 ASN 157 157 157 ASN ASN A . n 
A 1 158 LYS 158 158 ?   ?   ?   A . n 
# 
loop_
_pdbx_nonpoly_scheme.asym_id 
_pdbx_nonpoly_scheme.entity_id 
_pdbx_nonpoly_scheme.mon_id 
_pdbx_nonpoly_scheme.ndb_seq_num 
_pdbx_nonpoly_scheme.pdb_seq_num 
_pdbx_nonpoly_scheme.auth_seq_num 
_pdbx_nonpoly_scheme.pdb_mon_id 
_pdbx_nonpoly_scheme.auth_mon_id 
_pdbx_nonpoly_scheme.pdb_strand_id 
_pdbx_nonpoly_scheme.pdb_ins_code 
B 2 EPE 1   200 200 EPE EPE A . 
C 3 HOH 1   301 41  HOH HOH A . 
C 3 HOH 2   302 55  HOH HOH A . 
C 3 HOH 3   303 93  HOH HOH A . 
C 3 HOH 4   304 29  HOH HOH A . 
C 3 HOH 5   305 32  HOH HOH A . 
C 3 HOH 6   306 104 HOH HOH A . 
C 3 HOH 7   307 4   HOH HOH A . 
C 3 HOH 8   308 22  HOH HOH A . 
C 3 HOH 9   309 108 HOH HOH A . 
C 3 HOH 10  310 49  HOH HOH A . 
C 3 HOH 11  311 40  HOH HOH A . 
C 3 HOH 12  312 5   HOH HOH A . 
C 3 HOH 13  313 70  HOH HOH A . 
C 3 HOH 14  314 3   HOH HOH A . 
C 3 HOH 15  315 1   HOH HOH A . 
C 3 HOH 16  316 12  HOH HOH A . 
C 3 HOH 17  317 113 HOH HOH A . 
C 3 HOH 18  318 2   HOH HOH A . 
C 3 HOH 19  319 19  HOH HOH A . 
C 3 HOH 20  320 21  HOH HOH A . 
C 3 HOH 21  321 6   HOH HOH A . 
C 3 HOH 22  322 9   HOH HOH A . 
C 3 HOH 23  323 33  HOH HOH A . 
C 3 HOH 24  324 99  HOH HOH A . 
C 3 HOH 25  325 43  HOH HOH A . 
C 3 HOH 26  326 59  HOH HOH A . 
C 3 HOH 27  327 27  HOH HOH A . 
C 3 HOH 28  328 77  HOH HOH A . 
C 3 HOH 29  329 60  HOH HOH A . 
C 3 HOH 30  330 7   HOH HOH A . 
C 3 HOH 31  331 51  HOH HOH A . 
C 3 HOH 32  332 17  HOH HOH A . 
C 3 HOH 33  333 35  HOH HOH A . 
C 3 HOH 34  334 102 HOH HOH A . 
C 3 HOH 35  335 97  HOH HOH A . 
C 3 HOH 36  336 73  HOH HOH A . 
C 3 HOH 37  337 85  HOH HOH A . 
C 3 HOH 38  338 84  HOH HOH A . 
C 3 HOH 39  339 103 HOH HOH A . 
C 3 HOH 40  340 80  HOH HOH A . 
C 3 HOH 41  341 8   HOH HOH A . 
C 3 HOH 42  342 45  HOH HOH A . 
C 3 HOH 43  343 112 HOH HOH A . 
C 3 HOH 44  344 101 HOH HOH A . 
C 3 HOH 45  345 20  HOH HOH A . 
C 3 HOH 46  346 11  HOH HOH A . 
C 3 HOH 47  347 109 HOH HOH A . 
C 3 HOH 48  348 74  HOH HOH A . 
C 3 HOH 49  349 25  HOH HOH A . 
C 3 HOH 50  350 53  HOH HOH A . 
C 3 HOH 51  351 47  HOH HOH A . 
C 3 HOH 52  352 46  HOH HOH A . 
C 3 HOH 53  353 23  HOH HOH A . 
C 3 HOH 54  354 114 HOH HOH A . 
C 3 HOH 55  355 39  HOH HOH A . 
C 3 HOH 56  356 64  HOH HOH A . 
C 3 HOH 57  357 24  HOH HOH A . 
C 3 HOH 58  358 38  HOH HOH A . 
C 3 HOH 59  359 78  HOH HOH A . 
C 3 HOH 60  360 79  HOH HOH A . 
C 3 HOH 61  361 98  HOH HOH A . 
C 3 HOH 62  362 13  HOH HOH A . 
C 3 HOH 63  363 69  HOH HOH A . 
C 3 HOH 64  364 18  HOH HOH A . 
C 3 HOH 65  365 54  HOH HOH A . 
C 3 HOH 66  366 10  HOH HOH A . 
C 3 HOH 67  367 100 HOH HOH A . 
C 3 HOH 68  368 83  HOH HOH A . 
C 3 HOH 69  369 67  HOH HOH A . 
C 3 HOH 70  370 63  HOH HOH A . 
C 3 HOH 71  371 58  HOH HOH A . 
C 3 HOH 72  372 57  HOH HOH A . 
C 3 HOH 73  373 81  HOH HOH A . 
C 3 HOH 74  374 36  HOH HOH A . 
C 3 HOH 75  375 110 HOH HOH A . 
C 3 HOH 76  376 50  HOH HOH A . 
C 3 HOH 77  377 16  HOH HOH A . 
C 3 HOH 78  378 15  HOH HOH A . 
C 3 HOH 79  379 62  HOH HOH A . 
C 3 HOH 80  380 34  HOH HOH A . 
C 3 HOH 81  381 30  HOH HOH A . 
C 3 HOH 82  382 88  HOH HOH A . 
C 3 HOH 83  383 42  HOH HOH A . 
C 3 HOH 84  384 72  HOH HOH A . 
C 3 HOH 85  385 89  HOH HOH A . 
C 3 HOH 86  386 91  HOH HOH A . 
C 3 HOH 87  387 52  HOH HOH A . 
C 3 HOH 88  388 31  HOH HOH A . 
C 3 HOH 89  389 86  HOH HOH A . 
C 3 HOH 90  390 92  HOH HOH A . 
C 3 HOH 91  391 26  HOH HOH A . 
C 3 HOH 92  392 95  HOH HOH A . 
C 3 HOH 93  393 94  HOH HOH A . 
C 3 HOH 94  394 107 HOH HOH A . 
C 3 HOH 95  395 28  HOH HOH A . 
C 3 HOH 96  396 44  HOH HOH A . 
C 3 HOH 97  397 56  HOH HOH A . 
C 3 HOH 98  398 106 HOH HOH A . 
C 3 HOH 99  399 87  HOH HOH A . 
C 3 HOH 100 400 71  HOH HOH A . 
C 3 HOH 101 401 66  HOH HOH A . 
C 3 HOH 102 402 90  HOH HOH A . 
# 
_pdbx_struct_assembly.id                   1 
_pdbx_struct_assembly.details              author_defined_assembly 
_pdbx_struct_assembly.method_details       ? 
_pdbx_struct_assembly.oligomeric_details   monomeric 
_pdbx_struct_assembly.oligomeric_count     1 
# 
_pdbx_struct_assembly_gen.assembly_id       1 
_pdbx_struct_assembly_gen.oper_expression   1 
_pdbx_struct_assembly_gen.asym_id_list      A,B,C 
# 
loop_
_pdbx_struct_assembly_prop.biol_id 
_pdbx_struct_assembly_prop.type 
_pdbx_struct_assembly_prop.value 
_pdbx_struct_assembly_prop.details 
1 'ABSA (A^2)' 470  ? 
1 MORE         6    ? 
1 'SSA (A^2)'  8130 ? 
# 
_pdbx_struct_oper_list.id                   1 
_pdbx_struct_oper_list.type                 'identity operation' 
_pdbx_struct_oper_list.name                 1_555 
_pdbx_struct_oper_list.symmetry_operation   x,y,z 
_pdbx_struct_oper_list.matrix[1][1]         1.0000000000 
_pdbx_struct_oper_list.matrix[1][2]         0.0000000000 
_pdbx_struct_oper_list.matrix[1][3]         0.0000000000 
_pdbx_struct_oper_list.vector[1]            0.0000000000 
_pdbx_struct_oper_list.matrix[2][1]         0.0000000000 
_pdbx_struct_oper_list.matrix[2][2]         1.0000000000 
_pdbx_struct_oper_list.matrix[2][3]         0.0000000000 
_pdbx_struct_oper_list.vector[2]            0.0000000000 
_pdbx_struct_oper_list.matrix[3][1]         0.0000000000 
_pdbx_struct_oper_list.matrix[3][2]         0.0000000000 
_pdbx_struct_oper_list.matrix[3][3]         1.0000000000 
_pdbx_struct_oper_list.vector[3]            0.0000000000 
# 
loop_
_pdbx_audit_revision_history.ordinal 
_pdbx_audit_revision_history.data_content_type 
_pdbx_audit_revision_history.major_revision 
_pdbx_audit_revision_history.minor_revision 
_pdbx_audit_revision_history.revision_date 
1 'Structure model' 1 0 2018-03-28 
2 'Structure model' 1 1 2018-04-04 
3 'Structure model' 1 2 2023-11-22 
# 
_pdbx_audit_revision_details.ordinal             1 
_pdbx_audit_revision_details.revision_ordinal    1 
_pdbx_audit_revision_details.data_content_type   'Structure model' 
_pdbx_audit_revision_details.provider            repository 
_pdbx_audit_revision_details.type                'Initial release' 
_pdbx_audit_revision_details.description         ? 
_pdbx_audit_revision_details.details             ? 
# 
loop_
_pdbx_audit_revision_group.ordinal 
_pdbx_audit_revision_group.revision_ordinal 
_pdbx_audit_revision_group.data_content_type 
_pdbx_audit_revision_group.group 
1 2 'Structure model' 'Data collection'        
2 2 'Structure model' 'Database references'    
3 3 'Structure model' 'Data collection'        
4 3 'Structure model' 'Database references'    
5 3 'Structure model' 'Refinement description' 
# 
loop_
_pdbx_audit_revision_category.ordinal 
_pdbx_audit_revision_category.revision_ordinal 
_pdbx_audit_revision_category.data_content_type 
_pdbx_audit_revision_category.category 
1 2 'Structure model' citation                      
2 3 'Structure model' chem_comp_atom                
3 3 'Structure model' chem_comp_bond                
4 3 'Structure model' database_2                    
5 3 'Structure model' pdbx_initial_refinement_model 
# 
loop_
_pdbx_audit_revision_item.ordinal 
_pdbx_audit_revision_item.revision_ordinal 
_pdbx_audit_revision_item.data_content_type 
_pdbx_audit_revision_item.item 
1 2 'Structure model' '_citation.journal_volume'            
2 2 'Structure model' '_citation.page_first'                
3 2 'Structure model' '_citation.page_last'                 
4 3 'Structure model' '_database_2.pdbx_DOI'                
5 3 'Structure model' '_database_2.pdbx_database_accession' 
# 
loop_
_software.citation_id 
_software.classification 
_software.compiler_name 
_software.compiler_version 
_software.contact_author 
_software.contact_author_email 
_software.date 
_software.description 
_software.dependencies 
_software.hardware 
_software.language 
_software.location 
_software.mods 
_software.name 
_software.os 
_software.os_version 
_software.type 
_software.version 
_software.pdbx_ordinal 
? refinement        ? ? ? ? ? ? ? ? ? ? ? PHENIX   ? ? ? 1.9_1692 1 
? 'model building'  ? ? ? ? ? ? ? ? ? ? ? PHENIX   ? ? ? .        2 
? 'data scaling'    ? ? ? ? ? ? ? ? ? ? ? HKL-2000 ? ? ? .        3 
? phasing           ? ? ? ? ? ? ? ? ? ? ? PHASER   ? ? ? .        4 
? 'data collection' ? ? ? ? ? ? ? ? ? ? ? HKL-2000 ? ? ? .        5 
# 
_pdbx_validate_close_contact.id               1 
_pdbx_validate_close_contact.PDB_model_num    1 
_pdbx_validate_close_contact.auth_atom_id_1   O 
_pdbx_validate_close_contact.auth_asym_id_1   A 
_pdbx_validate_close_contact.auth_comp_id_1   HOH 
_pdbx_validate_close_contact.auth_seq_id_1    372 
_pdbx_validate_close_contact.PDB_ins_code_1   ? 
_pdbx_validate_close_contact.label_alt_id_1   ? 
_pdbx_validate_close_contact.auth_atom_id_2   O 
_pdbx_validate_close_contact.auth_asym_id_2   A 
_pdbx_validate_close_contact.auth_comp_id_2   HOH 
_pdbx_validate_close_contact.auth_seq_id_2    379 
_pdbx_validate_close_contact.PDB_ins_code_2   ? 
_pdbx_validate_close_contact.label_alt_id_2   ? 
_pdbx_validate_close_contact.dist             2.10 
# 
loop_
_pdbx_unobs_or_zero_occ_atoms.id 
_pdbx_unobs_or_zero_occ_atoms.PDB_model_num 
_pdbx_unobs_or_zero_occ_atoms.polymer_flag 
_pdbx_unobs_or_zero_occ_atoms.occupancy_flag 
_pdbx_unobs_or_zero_occ_atoms.auth_asym_id 
_pdbx_unobs_or_zero_occ_atoms.auth_comp_id 
_pdbx_unobs_or_zero_occ_atoms.auth_seq_id 
_pdbx_unobs_or_zero_occ_atoms.PDB_ins_code 
_pdbx_unobs_or_zero_occ_atoms.auth_atom_id 
_pdbx_unobs_or_zero_occ_atoms.label_alt_id 
_pdbx_unobs_or_zero_occ_atoms.label_asym_id 
_pdbx_unobs_or_zero_occ_atoms.label_comp_id 
_pdbx_unobs_or_zero_occ_atoms.label_seq_id 
_pdbx_unobs_or_zero_occ_atoms.label_atom_id 
1 1 Y 1 A HIS 101 ? CG  ? A HIS 101 CG  
2 1 Y 1 A HIS 101 ? ND1 ? A HIS 101 ND1 
3 1 Y 1 A HIS 101 ? CD2 ? A HIS 101 CD2 
4 1 Y 1 A HIS 101 ? CE1 ? A HIS 101 CE1 
5 1 Y 1 A HIS 101 ? NE2 ? A HIS 101 NE2 
6 1 Y 1 A LYS 156 ? CG  ? A LYS 156 CG  
7 1 Y 1 A LYS 156 ? CD  ? A LYS 156 CD  
8 1 Y 1 A LYS 156 ? CE  ? A LYS 156 CE  
9 1 Y 1 A LYS 156 ? NZ  ? A LYS 156 NZ  
# 
loop_
_pdbx_unobs_or_zero_occ_residues.id 
_pdbx_unobs_or_zero_occ_residues.PDB_model_num 
_pdbx_unobs_or_zero_occ_residues.polymer_flag 
_pdbx_unobs_or_zero_occ_residues.occupancy_flag 
_pdbx_unobs_or_zero_occ_residues.auth_asym_id 
_pdbx_unobs_or_zero_occ_residues.auth_comp_id 
_pdbx_unobs_or_zero_occ_residues.auth_seq_id 
_pdbx_unobs_or_zero_occ_residues.PDB_ins_code 
_pdbx_unobs_or_zero_occ_residues.label_asym_id 
_pdbx_unobs_or_zero_occ_residues.label_comp_id 
_pdbx_unobs_or_zero_occ_residues.label_seq_id 
1 1 Y 1 A MET 1   ? A MET 1   
2 1 Y 1 A LYS 158 ? A LYS 158 
# 
loop_
_chem_comp_atom.comp_id 
_chem_comp_atom.atom_id 
_chem_comp_atom.type_symbol 
_chem_comp_atom.pdbx_aromatic_flag 
_chem_comp_atom.pdbx_stereo_config 
_chem_comp_atom.pdbx_ordinal 
ALA N    N N N 1   
ALA CA   C N S 2   
ALA C    C N N 3   
ALA O    O N N 4   
ALA CB   C N N 5   
ALA OXT  O N N 6   
ALA H    H N N 7   
ALA H2   H N N 8   
ALA HA   H N N 9   
ALA HB1  H N N 10  
ALA HB2  H N N 11  
ALA HB3  H N N 12  
ALA HXT  H N N 13  
ARG N    N N N 14  
ARG CA   C N S 15  
ARG C    C N N 16  
ARG O    O N N 17  
ARG CB   C N N 18  
ARG CG   C N N 19  
ARG CD   C N N 20  
ARG NE   N N N 21  
ARG CZ   C N N 22  
ARG NH1  N N N 23  
ARG NH2  N N N 24  
ARG OXT  O N N 25  
ARG H    H N N 26  
ARG H2   H N N 27  
ARG HA   H N N 28  
ARG HB2  H N N 29  
ARG HB3  H N N 30  
ARG HG2  H N N 31  
ARG HG3  H N N 32  
ARG HD2  H N N 33  
ARG HD3  H N N 34  
ARG HE   H N N 35  
ARG HH11 H N N 36  
ARG HH12 H N N 37  
ARG HH21 H N N 38  
ARG HH22 H N N 39  
ARG HXT  H N N 40  
ASN N    N N N 41  
ASN CA   C N S 42  
ASN C    C N N 43  
ASN O    O N N 44  
ASN CB   C N N 45  
ASN CG   C N N 46  
ASN OD1  O N N 47  
ASN ND2  N N N 48  
ASN OXT  O N N 49  
ASN H    H N N 50  
ASN H2   H N N 51  
ASN HA   H N N 52  
ASN HB2  H N N 53  
ASN HB3  H N N 54  
ASN HD21 H N N 55  
ASN HD22 H N N 56  
ASN HXT  H N N 57  
ASP N    N N N 58  
ASP CA   C N S 59  
ASP C    C N N 60  
ASP O    O N N 61  
ASP CB   C N N 62  
ASP CG   C N N 63  
ASP OD1  O N N 64  
ASP OD2  O N N 65  
ASP OXT  O N N 66  
ASP H    H N N 67  
ASP H2   H N N 68  
ASP HA   H N N 69  
ASP HB2  H N N 70  
ASP HB3  H N N 71  
ASP HD2  H N N 72  
ASP HXT  H N N 73  
CYS N    N N N 74  
CYS CA   C N R 75  
CYS C    C N N 76  
CYS O    O N N 77  
CYS CB   C N N 78  
CYS SG   S N N 79  
CYS OXT  O N N 80  
CYS H    H N N 81  
CYS H2   H N N 82  
CYS HA   H N N 83  
CYS HB2  H N N 84  
CYS HB3  H N N 85  
CYS HG   H N N 86  
CYS HXT  H N N 87  
EPE N1   N N N 88  
EPE C2   C N N 89  
EPE C3   C N N 90  
EPE N4   N N N 91  
EPE C5   C N N 92  
EPE C6   C N N 93  
EPE C7   C N N 94  
EPE C8   C N N 95  
EPE O8   O N N 96  
EPE C9   C N N 97  
EPE C10  C N N 98  
EPE S    S N N 99  
EPE O1S  O N N 100 
EPE O2S  O N N 101 
EPE O3S  O N N 102 
EPE H21  H N N 103 
EPE H22  H N N 104 
EPE H31  H N N 105 
EPE H32  H N N 106 
EPE H51  H N N 107 
EPE H52  H N N 108 
EPE H61  H N N 109 
EPE H62  H N N 110 
EPE H71  H N N 111 
EPE H72  H N N 112 
EPE H81  H N N 113 
EPE H82  H N N 114 
EPE HO8  H N N 115 
EPE H91  H N N 116 
EPE H92  H N N 117 
EPE H101 H N N 118 
EPE H102 H N N 119 
EPE HOS3 H N N 120 
GLN N    N N N 121 
GLN CA   C N S 122 
GLN C    C N N 123 
GLN O    O N N 124 
GLN CB   C N N 125 
GLN CG   C N N 126 
GLN CD   C N N 127 
GLN OE1  O N N 128 
GLN NE2  N N N 129 
GLN OXT  O N N 130 
GLN H    H N N 131 
GLN H2   H N N 132 
GLN HA   H N N 133 
GLN HB2  H N N 134 
GLN HB3  H N N 135 
GLN HG2  H N N 136 
GLN HG3  H N N 137 
GLN HE21 H N N 138 
GLN HE22 H N N 139 
GLN HXT  H N N 140 
GLU N    N N N 141 
GLU CA   C N S 142 
GLU C    C N N 143 
GLU O    O N N 144 
GLU CB   C N N 145 
GLU CG   C N N 146 
GLU CD   C N N 147 
GLU OE1  O N N 148 
GLU OE2  O N N 149 
GLU OXT  O N N 150 
GLU H    H N N 151 
GLU H2   H N N 152 
GLU HA   H N N 153 
GLU HB2  H N N 154 
GLU HB3  H N N 155 
GLU HG2  H N N 156 
GLU HG3  H N N 157 
GLU HE2  H N N 158 
GLU HXT  H N N 159 
GLY N    N N N 160 
GLY CA   C N N 161 
GLY C    C N N 162 
GLY O    O N N 163 
GLY OXT  O N N 164 
GLY H    H N N 165 
GLY H2   H N N 166 
GLY HA2  H N N 167 
GLY HA3  H N N 168 
GLY HXT  H N N 169 
HIS N    N N N 170 
HIS CA   C N S 171 
HIS C    C N N 172 
HIS O    O N N 173 
HIS CB   C N N 174 
HIS CG   C Y N 175 
HIS ND1  N Y N 176 
HIS CD2  C Y N 177 
HIS CE1  C Y N 178 
HIS NE2  N Y N 179 
HIS OXT  O N N 180 
HIS H    H N N 181 
HIS H2   H N N 182 
HIS HA   H N N 183 
HIS HB2  H N N 184 
HIS HB3  H N N 185 
HIS HD1  H N N 186 
HIS HD2  H N N 187 
HIS HE1  H N N 188 
HIS HE2  H N N 189 
HIS HXT  H N N 190 
HOH O    O N N 191 
HOH H1   H N N 192 
HOH H2   H N N 193 
ILE N    N N N 194 
ILE CA   C N S 195 
ILE C    C N N 196 
ILE O    O N N 197 
ILE CB   C N S 198 
ILE CG1  C N N 199 
ILE CG2  C N N 200 
ILE CD1  C N N 201 
ILE OXT  O N N 202 
ILE H    H N N 203 
ILE H2   H N N 204 
ILE HA   H N N 205 
ILE HB   H N N 206 
ILE HG12 H N N 207 
ILE HG13 H N N 208 
ILE HG21 H N N 209 
ILE HG22 H N N 210 
ILE HG23 H N N 211 
ILE HD11 H N N 212 
ILE HD12 H N N 213 
ILE HD13 H N N 214 
ILE HXT  H N N 215 
LEU N    N N N 216 
LEU CA   C N S 217 
LEU C    C N N 218 
LEU O    O N N 219 
LEU CB   C N N 220 
LEU CG   C N N 221 
LEU CD1  C N N 222 
LEU CD2  C N N 223 
LEU OXT  O N N 224 
LEU H    H N N 225 
LEU H2   H N N 226 
LEU HA   H N N 227 
LEU HB2  H N N 228 
LEU HB3  H N N 229 
LEU HG   H N N 230 
LEU HD11 H N N 231 
LEU HD12 H N N 232 
LEU HD13 H N N 233 
LEU HD21 H N N 234 
LEU HD22 H N N 235 
LEU HD23 H N N 236 
LEU HXT  H N N 237 
LYS N    N N N 238 
LYS CA   C N S 239 
LYS C    C N N 240 
LYS O    O N N 241 
LYS CB   C N N 242 
LYS CG   C N N 243 
LYS CD   C N N 244 
LYS CE   C N N 245 
LYS NZ   N N N 246 
LYS OXT  O N N 247 
LYS H    H N N 248 
LYS H2   H N N 249 
LYS HA   H N N 250 
LYS HB2  H N N 251 
LYS HB3  H N N 252 
LYS HG2  H N N 253 
LYS HG3  H N N 254 
LYS HD2  H N N 255 
LYS HD3  H N N 256 
LYS HE2  H N N 257 
LYS HE3  H N N 258 
LYS HZ1  H N N 259 
LYS HZ2  H N N 260 
LYS HZ3  H N N 261 
LYS HXT  H N N 262 
MET N    N N N 263 
MET CA   C N S 264 
MET C    C N N 265 
MET O    O N N 266 
MET CB   C N N 267 
MET CG   C N N 268 
MET SD   S N N 269 
MET CE   C N N 270 
MET OXT  O N N 271 
MET H    H N N 272 
MET H2   H N N 273 
MET HA   H N N 274 
MET HB2  H N N 275 
MET HB3  H N N 276 
MET HG2  H N N 277 
MET HG3  H N N 278 
MET HE1  H N N 279 
MET HE2  H N N 280 
MET HE3  H N N 281 
MET HXT  H N N 282 
PHE N    N N N 283 
PHE CA   C N S 284 
PHE C    C N N 285 
PHE O    O N N 286 
PHE CB   C N N 287 
PHE CG   C Y N 288 
PHE CD1  C Y N 289 
PHE CD2  C Y N 290 
PHE CE1  C Y N 291 
PHE CE2  C Y N 292 
PHE CZ   C Y N 293 
PHE OXT  O N N 294 
PHE H    H N N 295 
PHE H2   H N N 296 
PHE HA   H N N 297 
PHE HB2  H N N 298 
PHE HB3  H N N 299 
PHE HD1  H N N 300 
PHE HD2  H N N 301 
PHE HE1  H N N 302 
PHE HE2  H N N 303 
PHE HZ   H N N 304 
PHE HXT  H N N 305 
PRO N    N N N 306 
PRO CA   C N S 307 
PRO C    C N N 308 
PRO O    O N N 309 
PRO CB   C N N 310 
PRO CG   C N N 311 
PRO CD   C N N 312 
PRO OXT  O N N 313 
PRO H    H N N 314 
PRO HA   H N N 315 
PRO HB2  H N N 316 
PRO HB3  H N N 317 
PRO HG2  H N N 318 
PRO HG3  H N N 319 
PRO HD2  H N N 320 
PRO HD3  H N N 321 
PRO HXT  H N N 322 
SER N    N N N 323 
SER CA   C N S 324 
SER C    C N N 325 
SER O    O N N 326 
SER CB   C N N 327 
SER OG   O N N 328 
SER OXT  O N N 329 
SER H    H N N 330 
SER H2   H N N 331 
SER HA   H N N 332 
SER HB2  H N N 333 
SER HB3  H N N 334 
SER HG   H N N 335 
SER HXT  H N N 336 
THR N    N N N 337 
THR CA   C N S 338 
THR C    C N N 339 
THR O    O N N 340 
THR CB   C N R 341 
THR OG1  O N N 342 
THR CG2  C N N 343 
THR OXT  O N N 344 
THR H    H N N 345 
THR H2   H N N 346 
THR HA   H N N 347 
THR HB   H N N 348 
THR HG1  H N N 349 
THR HG21 H N N 350 
THR HG22 H N N 351 
THR HG23 H N N 352 
THR HXT  H N N 353 
TYR N    N N N 354 
TYR CA   C N S 355 
TYR C    C N N 356 
TYR O    O N N 357 
TYR CB   C N N 358 
TYR CG   C Y N 359 
TYR CD1  C Y N 360 
TYR CD2  C Y N 361 
TYR CE1  C Y N 362 
TYR CE2  C Y N 363 
TYR CZ   C Y N 364 
TYR OH   O N N 365 
TYR OXT  O N N 366 
TYR H    H N N 367 
TYR H2   H N N 368 
TYR HA   H N N 369 
TYR HB2  H N N 370 
TYR HB3  H N N 371 
TYR HD1  H N N 372 
TYR HD2  H N N 373 
TYR HE1  H N N 374 
TYR HE2  H N N 375 
TYR HH   H N N 376 
TYR HXT  H N N 377 
VAL N    N N N 378 
VAL CA   C N S 379 
VAL C    C N N 380 
VAL O    O N N 381 
VAL CB   C N N 382 
VAL CG1  C N N 383 
VAL CG2  C N N 384 
VAL OXT  O N N 385 
VAL H    H N N 386 
VAL H2   H N N 387 
VAL HA   H N N 388 
VAL HB   H N N 389 
VAL HG11 H N N 390 
VAL HG12 H N N 391 
VAL HG13 H N N 392 
VAL HG21 H N N 393 
VAL HG22 H N N 394 
VAL HG23 H N N 395 
VAL HXT  H N N 396 
# 
loop_
_chem_comp_bond.comp_id 
_chem_comp_bond.atom_id_1 
_chem_comp_bond.atom_id_2 
_chem_comp_bond.value_order 
_chem_comp_bond.pdbx_aromatic_flag 
_chem_comp_bond.pdbx_stereo_config 
_chem_comp_bond.pdbx_ordinal 
ALA N   CA   sing N N 1   
ALA N   H    sing N N 2   
ALA N   H2   sing N N 3   
ALA CA  C    sing N N 4   
ALA CA  CB   sing N N 5   
ALA CA  HA   sing N N 6   
ALA C   O    doub N N 7   
ALA C   OXT  sing N N 8   
ALA CB  HB1  sing N N 9   
ALA CB  HB2  sing N N 10  
ALA CB  HB3  sing N N 11  
ALA OXT HXT  sing N N 12  
ARG N   CA   sing N N 13  
ARG N   H    sing N N 14  
ARG N   H2   sing N N 15  
ARG CA  C    sing N N 16  
ARG CA  CB   sing N N 17  
ARG CA  HA   sing N N 18  
ARG C   O    doub N N 19  
ARG C   OXT  sing N N 20  
ARG CB  CG   sing N N 21  
ARG CB  HB2  sing N N 22  
ARG CB  HB3  sing N N 23  
ARG CG  CD   sing N N 24  
ARG CG  HG2  sing N N 25  
ARG CG  HG3  sing N N 26  
ARG CD  NE   sing N N 27  
ARG CD  HD2  sing N N 28  
ARG CD  HD3  sing N N 29  
ARG NE  CZ   sing N N 30  
ARG NE  HE   sing N N 31  
ARG CZ  NH1  sing N N 32  
ARG CZ  NH2  doub N N 33  
ARG NH1 HH11 sing N N 34  
ARG NH1 HH12 sing N N 35  
ARG NH2 HH21 sing N N 36  
ARG NH2 HH22 sing N N 37  
ARG OXT HXT  sing N N 38  
ASN N   CA   sing N N 39  
ASN N   H    sing N N 40  
ASN N   H2   sing N N 41  
ASN CA  C    sing N N 42  
ASN CA  CB   sing N N 43  
ASN CA  HA   sing N N 44  
ASN C   O    doub N N 45  
ASN C   OXT  sing N N 46  
ASN CB  CG   sing N N 47  
ASN CB  HB2  sing N N 48  
ASN CB  HB3  sing N N 49  
ASN CG  OD1  doub N N 50  
ASN CG  ND2  sing N N 51  
ASN ND2 HD21 sing N N 52  
ASN ND2 HD22 sing N N 53  
ASN OXT HXT  sing N N 54  
ASP N   CA   sing N N 55  
ASP N   H    sing N N 56  
ASP N   H2   sing N N 57  
ASP CA  C    sing N N 58  
ASP CA  CB   sing N N 59  
ASP CA  HA   sing N N 60  
ASP C   O    doub N N 61  
ASP C   OXT  sing N N 62  
ASP CB  CG   sing N N 63  
ASP CB  HB2  sing N N 64  
ASP CB  HB3  sing N N 65  
ASP CG  OD1  doub N N 66  
ASP CG  OD2  sing N N 67  
ASP OD2 HD2  sing N N 68  
ASP OXT HXT  sing N N 69  
CYS N   CA   sing N N 70  
CYS N   H    sing N N 71  
CYS N   H2   sing N N 72  
CYS CA  C    sing N N 73  
CYS CA  CB   sing N N 74  
CYS CA  HA   sing N N 75  
CYS C   O    doub N N 76  
CYS C   OXT  sing N N 77  
CYS CB  SG   sing N N 78  
CYS CB  HB2  sing N N 79  
CYS CB  HB3  sing N N 80  
CYS SG  HG   sing N N 81  
CYS OXT HXT  sing N N 82  
EPE N1  C2   sing N N 83  
EPE N1  C6   sing N N 84  
EPE N1  C9   sing N N 85  
EPE C2  C3   sing N N 86  
EPE C2  H21  sing N N 87  
EPE C2  H22  sing N N 88  
EPE C3  N4   sing N N 89  
EPE C3  H31  sing N N 90  
EPE C3  H32  sing N N 91  
EPE N4  C5   sing N N 92  
EPE N4  C7   sing N N 93  
EPE C5  C6   sing N N 94  
EPE C5  H51  sing N N 95  
EPE C5  H52  sing N N 96  
EPE C6  H61  sing N N 97  
EPE C6  H62  sing N N 98  
EPE C7  C8   sing N N 99  
EPE C7  H71  sing N N 100 
EPE C7  H72  sing N N 101 
EPE C8  O8   sing N N 102 
EPE C8  H81  sing N N 103 
EPE C8  H82  sing N N 104 
EPE O8  HO8  sing N N 105 
EPE C9  C10  sing N N 106 
EPE C9  H91  sing N N 107 
EPE C9  H92  sing N N 108 
EPE C10 S    sing N N 109 
EPE C10 H101 sing N N 110 
EPE C10 H102 sing N N 111 
EPE S   O1S  doub N N 112 
EPE S   O2S  doub N N 113 
EPE S   O3S  sing N N 114 
EPE O3S HOS3 sing N N 115 
GLN N   CA   sing N N 116 
GLN N   H    sing N N 117 
GLN N   H2   sing N N 118 
GLN CA  C    sing N N 119 
GLN CA  CB   sing N N 120 
GLN CA  HA   sing N N 121 
GLN C   O    doub N N 122 
GLN C   OXT  sing N N 123 
GLN CB  CG   sing N N 124 
GLN CB  HB2  sing N N 125 
GLN CB  HB3  sing N N 126 
GLN CG  CD   sing N N 127 
GLN CG  HG2  sing N N 128 
GLN CG  HG3  sing N N 129 
GLN CD  OE1  doub N N 130 
GLN CD  NE2  sing N N 131 
GLN NE2 HE21 sing N N 132 
GLN NE2 HE22 sing N N 133 
GLN OXT HXT  sing N N 134 
GLU N   CA   sing N N 135 
GLU N   H    sing N N 136 
GLU N   H2   sing N N 137 
GLU CA  C    sing N N 138 
GLU CA  CB   sing N N 139 
GLU CA  HA   sing N N 140 
GLU C   O    doub N N 141 
GLU C   OXT  sing N N 142 
GLU CB  CG   sing N N 143 
GLU CB  HB2  sing N N 144 
GLU CB  HB3  sing N N 145 
GLU CG  CD   sing N N 146 
GLU CG  HG2  sing N N 147 
GLU CG  HG3  sing N N 148 
GLU CD  OE1  doub N N 149 
GLU CD  OE2  sing N N 150 
GLU OE2 HE2  sing N N 151 
GLU OXT HXT  sing N N 152 
GLY N   CA   sing N N 153 
GLY N   H    sing N N 154 
GLY N   H2   sing N N 155 
GLY CA  C    sing N N 156 
GLY CA  HA2  sing N N 157 
GLY CA  HA3  sing N N 158 
GLY C   O    doub N N 159 
GLY C   OXT  sing N N 160 
GLY OXT HXT  sing N N 161 
HIS N   CA   sing N N 162 
HIS N   H    sing N N 163 
HIS N   H2   sing N N 164 
HIS CA  C    sing N N 165 
HIS CA  CB   sing N N 166 
HIS CA  HA   sing N N 167 
HIS C   O    doub N N 168 
HIS C   OXT  sing N N 169 
HIS CB  CG   sing N N 170 
HIS CB  HB2  sing N N 171 
HIS CB  HB3  sing N N 172 
HIS CG  ND1  sing Y N 173 
HIS CG  CD2  doub Y N 174 
HIS ND1 CE1  doub Y N 175 
HIS ND1 HD1  sing N N 176 
HIS CD2 NE2  sing Y N 177 
HIS CD2 HD2  sing N N 178 
HIS CE1 NE2  sing Y N 179 
HIS CE1 HE1  sing N N 180 
HIS NE2 HE2  sing N N 181 
HIS OXT HXT  sing N N 182 
HOH O   H1   sing N N 183 
HOH O   H2   sing N N 184 
ILE N   CA   sing N N 185 
ILE N   H    sing N N 186 
ILE N   H2   sing N N 187 
ILE CA  C    sing N N 188 
ILE CA  CB   sing N N 189 
ILE CA  HA   sing N N 190 
ILE C   O    doub N N 191 
ILE C   OXT  sing N N 192 
ILE CB  CG1  sing N N 193 
ILE CB  CG2  sing N N 194 
ILE CB  HB   sing N N 195 
ILE CG1 CD1  sing N N 196 
ILE CG1 HG12 sing N N 197 
ILE CG1 HG13 sing N N 198 
ILE CG2 HG21 sing N N 199 
ILE CG2 HG22 sing N N 200 
ILE CG2 HG23 sing N N 201 
ILE CD1 HD11 sing N N 202 
ILE CD1 HD12 sing N N 203 
ILE CD1 HD13 sing N N 204 
ILE OXT HXT  sing N N 205 
LEU N   CA   sing N N 206 
LEU N   H    sing N N 207 
LEU N   H2   sing N N 208 
LEU CA  C    sing N N 209 
LEU CA  CB   sing N N 210 
LEU CA  HA   sing N N 211 
LEU C   O    doub N N 212 
LEU C   OXT  sing N N 213 
LEU CB  CG   sing N N 214 
LEU CB  HB2  sing N N 215 
LEU CB  HB3  sing N N 216 
LEU CG  CD1  sing N N 217 
LEU CG  CD2  sing N N 218 
LEU CG  HG   sing N N 219 
LEU CD1 HD11 sing N N 220 
LEU CD1 HD12 sing N N 221 
LEU CD1 HD13 sing N N 222 
LEU CD2 HD21 sing N N 223 
LEU CD2 HD22 sing N N 224 
LEU CD2 HD23 sing N N 225 
LEU OXT HXT  sing N N 226 
LYS N   CA   sing N N 227 
LYS N   H    sing N N 228 
LYS N   H2   sing N N 229 
LYS CA  C    sing N N 230 
LYS CA  CB   sing N N 231 
LYS CA  HA   sing N N 232 
LYS C   O    doub N N 233 
LYS C   OXT  sing N N 234 
LYS CB  CG   sing N N 235 
LYS CB  HB2  sing N N 236 
LYS CB  HB3  sing N N 237 
LYS CG  CD   sing N N 238 
LYS CG  HG2  sing N N 239 
LYS CG  HG3  sing N N 240 
LYS CD  CE   sing N N 241 
LYS CD  HD2  sing N N 242 
LYS CD  HD3  sing N N 243 
LYS CE  NZ   sing N N 244 
LYS CE  HE2  sing N N 245 
LYS CE  HE3  sing N N 246 
LYS NZ  HZ1  sing N N 247 
LYS NZ  HZ2  sing N N 248 
LYS NZ  HZ3  sing N N 249 
LYS OXT HXT  sing N N 250 
MET N   CA   sing N N 251 
MET N   H    sing N N 252 
MET N   H2   sing N N 253 
MET CA  C    sing N N 254 
MET CA  CB   sing N N 255 
MET CA  HA   sing N N 256 
MET C   O    doub N N 257 
MET C   OXT  sing N N 258 
MET CB  CG   sing N N 259 
MET CB  HB2  sing N N 260 
MET CB  HB3  sing N N 261 
MET CG  SD   sing N N 262 
MET CG  HG2  sing N N 263 
MET CG  HG3  sing N N 264 
MET SD  CE   sing N N 265 
MET CE  HE1  sing N N 266 
MET CE  HE2  sing N N 267 
MET CE  HE3  sing N N 268 
MET OXT HXT  sing N N 269 
PHE N   CA   sing N N 270 
PHE N   H    sing N N 271 
PHE N   H2   sing N N 272 
PHE CA  C    sing N N 273 
PHE CA  CB   sing N N 274 
PHE CA  HA   sing N N 275 
PHE C   O    doub N N 276 
PHE C   OXT  sing N N 277 
PHE CB  CG   sing N N 278 
PHE CB  HB2  sing N N 279 
PHE CB  HB3  sing N N 280 
PHE CG  CD1  doub Y N 281 
PHE CG  CD2  sing Y N 282 
PHE CD1 CE1  sing Y N 283 
PHE CD1 HD1  sing N N 284 
PHE CD2 CE2  doub Y N 285 
PHE CD2 HD2  sing N N 286 
PHE CE1 CZ   doub Y N 287 
PHE CE1 HE1  sing N N 288 
PHE CE2 CZ   sing Y N 289 
PHE CE2 HE2  sing N N 290 
PHE CZ  HZ   sing N N 291 
PHE OXT HXT  sing N N 292 
PRO N   CA   sing N N 293 
PRO N   CD   sing N N 294 
PRO N   H    sing N N 295 
PRO CA  C    sing N N 296 
PRO CA  CB   sing N N 297 
PRO CA  HA   sing N N 298 
PRO C   O    doub N N 299 
PRO C   OXT  sing N N 300 
PRO CB  CG   sing N N 301 
PRO CB  HB2  sing N N 302 
PRO CB  HB3  sing N N 303 
PRO CG  CD   sing N N 304 
PRO CG  HG2  sing N N 305 
PRO CG  HG3  sing N N 306 
PRO CD  HD2  sing N N 307 
PRO CD  HD3  sing N N 308 
PRO OXT HXT  sing N N 309 
SER N   CA   sing N N 310 
SER N   H    sing N N 311 
SER N   H2   sing N N 312 
SER CA  C    sing N N 313 
SER CA  CB   sing N N 314 
SER CA  HA   sing N N 315 
SER C   O    doub N N 316 
SER C   OXT  sing N N 317 
SER CB  OG   sing N N 318 
SER CB  HB2  sing N N 319 
SER CB  HB3  sing N N 320 
SER OG  HG   sing N N 321 
SER OXT HXT  sing N N 322 
THR N   CA   sing N N 323 
THR N   H    sing N N 324 
THR N   H2   sing N N 325 
THR CA  C    sing N N 326 
THR CA  CB   sing N N 327 
THR CA  HA   sing N N 328 
THR C   O    doub N N 329 
THR C   OXT  sing N N 330 
THR CB  OG1  sing N N 331 
THR CB  CG2  sing N N 332 
THR CB  HB   sing N N 333 
THR OG1 HG1  sing N N 334 
THR CG2 HG21 sing N N 335 
THR CG2 HG22 sing N N 336 
THR CG2 HG23 sing N N 337 
THR OXT HXT  sing N N 338 
TYR N   CA   sing N N 339 
TYR N   H    sing N N 340 
TYR N   H2   sing N N 341 
TYR CA  C    sing N N 342 
TYR CA  CB   sing N N 343 
TYR CA  HA   sing N N 344 
TYR C   O    doub N N 345 
TYR C   OXT  sing N N 346 
TYR CB  CG   sing N N 347 
TYR CB  HB2  sing N N 348 
TYR CB  HB3  sing N N 349 
TYR CG  CD1  doub Y N 350 
TYR CG  CD2  sing Y N 351 
TYR CD1 CE1  sing Y N 352 
TYR CD1 HD1  sing N N 353 
TYR CD2 CE2  doub Y N 354 
TYR CD2 HD2  sing N N 355 
TYR CE1 CZ   doub Y N 356 
TYR CE1 HE1  sing N N 357 
TYR CE2 CZ   sing Y N 358 
TYR CE2 HE2  sing N N 359 
TYR CZ  OH   sing N N 360 
TYR OH  HH   sing N N 361 
TYR OXT HXT  sing N N 362 
VAL N   CA   sing N N 363 
VAL N   H    sing N N 364 
VAL N   H2   sing N N 365 
VAL CA  C    sing N N 366 
VAL CA  CB   sing N N 367 
VAL CA  HA   sing N N 368 
VAL C   O    doub N N 369 
VAL C   OXT  sing N N 370 
VAL CB  CG1  sing N N 371 
VAL CB  CG2  sing N N 372 
VAL CB  HB   sing N N 373 
VAL CG1 HG11 sing N N 374 
VAL CG1 HG12 sing N N 375 
VAL CG1 HG13 sing N N 376 
VAL CG2 HG21 sing N N 377 
VAL CG2 HG22 sing N N 378 
VAL CG2 HG23 sing N N 379 
VAL OXT HXT  sing N N 380 
# 
loop_
_pdbx_audit_support.funding_organization 
_pdbx_audit_support.country 
_pdbx_audit_support.grant_number 
_pdbx_audit_support.ordinal 
'Ministry of Education, Culture, Sports, Science and Technology (Japan)' Japan 26291012 1 
'Ministry of Education, Culture, Sports, Science and Technology (Japan)' Japan 17H03642 2 
# 
loop_
_pdbx_entity_nonpoly.entity_id 
_pdbx_entity_nonpoly.name 
_pdbx_entity_nonpoly.comp_id 
2 '4-(2-HYDROXYETHYL)-1-PIPERAZINE ETHANESULFONIC ACID' EPE 
3 water                                                 HOH 
# 
_pdbx_initial_refinement_model.id               1 
_pdbx_initial_refinement_model.entity_id_list   ? 
_pdbx_initial_refinement_model.type             'experimental model' 
_pdbx_initial_refinement_model.source_name      PDB 
_pdbx_initial_refinement_model.accession_code   2E85 
_pdbx_initial_refinement_model.details          ? 
# 
_pdbx_struct_assembly_auth_evidence.id                     1 
_pdbx_struct_assembly_auth_evidence.assembly_id            1 
_pdbx_struct_assembly_auth_evidence.experimental_support   'native gel electrophoresis' 
_pdbx_struct_assembly_auth_evidence.details                ? 
# 
